data_5UGW
# 
_entry.id   5UGW 
# 
_audit_conform.dict_name       mmcif_pdbx.dic 
_audit_conform.dict_version    5.387 
_audit_conform.dict_location   http://mmcif.pdb.org/dictionaries/ascii/mmcif_pdbx.dic 
# 
loop_
_database_2.database_id 
_database_2.database_code 
_database_2.pdbx_database_accession 
_database_2.pdbx_DOI 
PDB   5UGW         pdb_00005ugw 10.2210/pdb5ugw/pdb 
WWPDB D_1000225844 ?            ?                   
# 
loop_
_pdbx_audit_revision_history.ordinal 
_pdbx_audit_revision_history.data_content_type 
_pdbx_audit_revision_history.major_revision 
_pdbx_audit_revision_history.minor_revision 
_pdbx_audit_revision_history.revision_date 
1 'Structure model' 1 0 2017-02-08 
2 'Structure model' 1 1 2017-02-22 
3 'Structure model' 1 2 2017-03-29 
4 'Structure model' 1 3 2017-09-27 
5 'Structure model' 1 4 2019-12-04 
6 'Structure model' 1 5 2024-03-06 
# 
_pdbx_audit_revision_details.ordinal             1 
_pdbx_audit_revision_details.revision_ordinal    1 
_pdbx_audit_revision_details.data_content_type   'Structure model' 
_pdbx_audit_revision_details.provider            repository 
_pdbx_audit_revision_details.type                'Initial release' 
_pdbx_audit_revision_details.description         ? 
_pdbx_audit_revision_details.details             ? 
# 
loop_
_pdbx_audit_revision_group.ordinal 
_pdbx_audit_revision_group.revision_ordinal 
_pdbx_audit_revision_group.data_content_type 
_pdbx_audit_revision_group.group 
1 2 'Structure model' 'Database references'        
2 3 'Structure model' 'Database references'        
3 4 'Structure model' 'Author supporting evidence' 
4 5 'Structure model' 'Author supporting evidence' 
5 6 'Structure model' 'Data collection'            
6 6 'Structure model' 'Database references'        
# 
loop_
_pdbx_audit_revision_category.ordinal 
_pdbx_audit_revision_category.revision_ordinal 
_pdbx_audit_revision_category.data_content_type 
_pdbx_audit_revision_category.category 
1 4 'Structure model' pdbx_audit_support 
2 5 'Structure model' pdbx_audit_support 
3 6 'Structure model' chem_comp_atom     
4 6 'Structure model' chem_comp_bond     
5 6 'Structure model' database_2         
# 
loop_
_pdbx_audit_revision_item.ordinal 
_pdbx_audit_revision_item.revision_ordinal 
_pdbx_audit_revision_item.data_content_type 
_pdbx_audit_revision_item.item 
1 4 'Structure model' '_pdbx_audit_support.funding_organization' 
2 5 'Structure model' '_pdbx_audit_support.funding_organization' 
3 6 'Structure model' '_database_2.pdbx_DOI'                     
4 6 'Structure model' '_database_2.pdbx_database_accession'      
# 
_pdbx_database_status.status_code                     REL 
_pdbx_database_status.status_code_sf                  REL 
_pdbx_database_status.status_code_mr                  ? 
_pdbx_database_status.entry_id                        5UGW 
_pdbx_database_status.recvd_initial_deposition_date   2017-01-10 
_pdbx_database_status.SG_entry                        N 
_pdbx_database_status.deposit_site                    RCSB 
_pdbx_database_status.process_site                    RCSB 
_pdbx_database_status.status_code_cs                  ? 
_pdbx_database_status.methods_development_category    ? 
_pdbx_database_status.pdb_format_compatible           Y 
_pdbx_database_status.status_code_nmr_data            ? 
# 
_pdbx_database_related.db_name        PDB 
_pdbx_database_related.details        . 
_pdbx_database_related.db_id          3DU6 
_pdbx_database_related.content_type   unspecified 
# 
loop_
_audit_author.name 
_audit_author.pdbx_ordinal 
_audit_author.identifier_ORCID 
'Skordalakes, E.' 1 0000-0002-7600-2833 
'Hoffman, H.'     2 ?                   
# 
_citation.abstract                  ? 
_citation.abstract_id_CAS           ? 
_citation.book_id_ISBN              ? 
_citation.book_publisher            ? 
_citation.book_publisher_city       ? 
_citation.book_title                ? 
_citation.coordinate_linkage        ? 
_citation.country                   US 
_citation.database_id_Medline       ? 
_citation.details                   ? 
_citation.id                        primary 
_citation.journal_abbrev            'J. Biol. Chem.' 
_citation.journal_id_ASTM           JBCHA3 
_citation.journal_id_CSD            0071 
_citation.journal_id_ISSN           1083-351X 
_citation.journal_full              ? 
_citation.journal_issue             ? 
_citation.journal_volume            292 
_citation.language                  ? 
_citation.page_first                4593 
_citation.page_last                 4601 
_citation.title                     
'Structural Analysis Reveals the Deleterious Effects of Telomerase Mutations in Bone Marrow Failure Syndromes.' 
_citation.year                      2017 
_citation.database_id_CSD           ? 
_citation.pdbx_database_id_DOI      10.1074/jbc.M116.771204 
_citation.pdbx_database_id_PubMed   28154186 
_citation.unpublished_flag          ? 
# 
loop_
_citation_author.citation_id 
_citation_author.name 
_citation_author.ordinal 
_citation_author.identifier_ORCID 
primary 'Hoffman, H.'     1 ? 
primary 'Rice, C.'        2 ? 
primary 'Skordalakes, E.' 3 ? 
# 
loop_
_entity.id 
_entity.type 
_entity.src_method 
_entity.pdbx_description 
_entity.formula_weight 
_entity.pdbx_number_of_molecules 
_entity.pdbx_ec 
_entity.pdbx_mutation 
_entity.pdbx_fragment 
_entity.details 
1 polymer     man 'Telomerase reverse transcriptase' 19492.941 1  2.7.7.49 ? 'UNP residues 961-1132' ? 
2 non-polymer syn GLUTATHIONE                        307.323   2  ?        ? ?                       ? 
3 water       nat water                              18.015    23 ?        ? ?                       ? 
# 
_entity_name_com.entity_id   1 
_entity_name_com.name        'HEST2,Telomerase catalytic subunit,Telomerase-associated protein 2,TP2' 
# 
_entity_poly.entity_id                      1 
_entity_poly.type                           'polypeptide(L)' 
_entity_poly.nstd_linkage                   no 
_entity_poly.nstd_monomer                   no 
_entity_poly.pdbx_seq_one_letter_code       
;SNANRGFKAGRNMRRKLFGVLRLKCHSLFLDLQVNSLQTVCTNIYKILLLQAYRFHACVLQLPFHQQVWKNPTFFLRVIS
DTASLCYSILKAKNAGMSLGAKGAAGPLPSEAVQWLCHQAFLLKLTRHRVTYVPLLGSLRTAQTQLSRKLPGTTLTALEA
AANPALPSDFKTILD
;
_entity_poly.pdbx_seq_one_letter_code_can   
;SNANRGFKAGRNMRRKLFGVLRLKCHSLFLDLQVNSLQTVCTNIYKILLLQAYRFHACVLQLPFHQQVWKNPTFFLRVIS
DTASLCYSILKAKNAGMSLGAKGAAGPLPSEAVQWLCHQAFLLKLTRHRVTYVPLLGSLRTAQTQLSRKLPGTTLTALEA
AANPALPSDFKTILD
;
_entity_poly.pdbx_strand_id                 A 
_entity_poly.pdbx_target_identifier         ? 
# 
loop_
_pdbx_entity_nonpoly.entity_id 
_pdbx_entity_nonpoly.name 
_pdbx_entity_nonpoly.comp_id 
2 GLUTATHIONE GSH 
3 water       HOH 
# 
loop_
_entity_poly_seq.entity_id 
_entity_poly_seq.num 
_entity_poly_seq.mon_id 
_entity_poly_seq.hetero 
1 1   SER n 
1 2   ASN n 
1 3   ALA n 
1 4   ASN n 
1 5   ARG n 
1 6   GLY n 
1 7   PHE n 
1 8   LYS n 
1 9   ALA n 
1 10  GLY n 
1 11  ARG n 
1 12  ASN n 
1 13  MET n 
1 14  ARG n 
1 15  ARG n 
1 16  LYS n 
1 17  LEU n 
1 18  PHE n 
1 19  GLY n 
1 20  VAL n 
1 21  LEU n 
1 22  ARG n 
1 23  LEU n 
1 24  LYS n 
1 25  CYS n 
1 26  HIS n 
1 27  SER n 
1 28  LEU n 
1 29  PHE n 
1 30  LEU n 
1 31  ASP n 
1 32  LEU n 
1 33  GLN n 
1 34  VAL n 
1 35  ASN n 
1 36  SER n 
1 37  LEU n 
1 38  GLN n 
1 39  THR n 
1 40  VAL n 
1 41  CYS n 
1 42  THR n 
1 43  ASN n 
1 44  ILE n 
1 45  TYR n 
1 46  LYS n 
1 47  ILE n 
1 48  LEU n 
1 49  LEU n 
1 50  LEU n 
1 51  GLN n 
1 52  ALA n 
1 53  TYR n 
1 54  ARG n 
1 55  PHE n 
1 56  HIS n 
1 57  ALA n 
1 58  CYS n 
1 59  VAL n 
1 60  LEU n 
1 61  GLN n 
1 62  LEU n 
1 63  PRO n 
1 64  PHE n 
1 65  HIS n 
1 66  GLN n 
1 67  GLN n 
1 68  VAL n 
1 69  TRP n 
1 70  LYS n 
1 71  ASN n 
1 72  PRO n 
1 73  THR n 
1 74  PHE n 
1 75  PHE n 
1 76  LEU n 
1 77  ARG n 
1 78  VAL n 
1 79  ILE n 
1 80  SER n 
1 81  ASP n 
1 82  THR n 
1 83  ALA n 
1 84  SER n 
1 85  LEU n 
1 86  CYS n 
1 87  TYR n 
1 88  SER n 
1 89  ILE n 
1 90  LEU n 
1 91  LYS n 
1 92  ALA n 
1 93  LYS n 
1 94  ASN n 
1 95  ALA n 
1 96  GLY n 
1 97  MET n 
1 98  SER n 
1 99  LEU n 
1 100 GLY n 
1 101 ALA n 
1 102 LYS n 
1 103 GLY n 
1 104 ALA n 
1 105 ALA n 
1 106 GLY n 
1 107 PRO n 
1 108 LEU n 
1 109 PRO n 
1 110 SER n 
1 111 GLU n 
1 112 ALA n 
1 113 VAL n 
1 114 GLN n 
1 115 TRP n 
1 116 LEU n 
1 117 CYS n 
1 118 HIS n 
1 119 GLN n 
1 120 ALA n 
1 121 PHE n 
1 122 LEU n 
1 123 LEU n 
1 124 LYS n 
1 125 LEU n 
1 126 THR n 
1 127 ARG n 
1 128 HIS n 
1 129 ARG n 
1 130 VAL n 
1 131 THR n 
1 132 TYR n 
1 133 VAL n 
1 134 PRO n 
1 135 LEU n 
1 136 LEU n 
1 137 GLY n 
1 138 SER n 
1 139 LEU n 
1 140 ARG n 
1 141 THR n 
1 142 ALA n 
1 143 GLN n 
1 144 THR n 
1 145 GLN n 
1 146 LEU n 
1 147 SER n 
1 148 ARG n 
1 149 LYS n 
1 150 LEU n 
1 151 PRO n 
1 152 GLY n 
1 153 THR n 
1 154 THR n 
1 155 LEU n 
1 156 THR n 
1 157 ALA n 
1 158 LEU n 
1 159 GLU n 
1 160 ALA n 
1 161 ALA n 
1 162 ALA n 
1 163 ASN n 
1 164 PRO n 
1 165 ALA n 
1 166 LEU n 
1 167 PRO n 
1 168 SER n 
1 169 ASP n 
1 170 PHE n 
1 171 LYS n 
1 172 THR n 
1 173 ILE n 
1 174 LEU n 
1 175 ASP n 
# 
_entity_src_gen.entity_id                          1 
_entity_src_gen.pdbx_src_id                        1 
_entity_src_gen.pdbx_alt_source_flag               sample 
_entity_src_gen.pdbx_seq_type                      'Biological sequence' 
_entity_src_gen.pdbx_beg_seq_num                   1 
_entity_src_gen.pdbx_end_seq_num                   175 
_entity_src_gen.gene_src_common_name               Human 
_entity_src_gen.gene_src_genus                     ? 
_entity_src_gen.pdbx_gene_src_gene                 'TERT, EST2, TCS1, TRT' 
_entity_src_gen.gene_src_species                   ? 
_entity_src_gen.gene_src_strain                    ? 
_entity_src_gen.gene_src_tissue                    ? 
_entity_src_gen.gene_src_tissue_fraction           ? 
_entity_src_gen.gene_src_details                   ? 
_entity_src_gen.pdbx_gene_src_fragment             ? 
_entity_src_gen.pdbx_gene_src_scientific_name      'Homo sapiens' 
_entity_src_gen.pdbx_gene_src_ncbi_taxonomy_id     9606 
_entity_src_gen.pdbx_gene_src_variant              ? 
_entity_src_gen.pdbx_gene_src_cell_line            ? 
_entity_src_gen.pdbx_gene_src_atcc                 ? 
_entity_src_gen.pdbx_gene_src_organ                ? 
_entity_src_gen.pdbx_gene_src_organelle            ? 
_entity_src_gen.pdbx_gene_src_cell                 ? 
_entity_src_gen.pdbx_gene_src_cellular_location    ? 
_entity_src_gen.host_org_common_name               ? 
_entity_src_gen.pdbx_host_org_scientific_name      'Escherichia coli' 
_entity_src_gen.pdbx_host_org_ncbi_taxonomy_id     562 
_entity_src_gen.host_org_genus                     ? 
_entity_src_gen.pdbx_host_org_gene                 ? 
_entity_src_gen.pdbx_host_org_organ                ? 
_entity_src_gen.host_org_species                   ? 
_entity_src_gen.pdbx_host_org_tissue               ? 
_entity_src_gen.pdbx_host_org_tissue_fraction      ? 
_entity_src_gen.pdbx_host_org_strain               ? 
_entity_src_gen.pdbx_host_org_variant              ? 
_entity_src_gen.pdbx_host_org_cell_line            ? 
_entity_src_gen.pdbx_host_org_atcc                 ? 
_entity_src_gen.pdbx_host_org_culture_collection   ? 
_entity_src_gen.pdbx_host_org_cell                 ? 
_entity_src_gen.pdbx_host_org_organelle            ? 
_entity_src_gen.pdbx_host_org_cellular_location    ? 
_entity_src_gen.pdbx_host_org_vector_type          ? 
_entity_src_gen.pdbx_host_org_vector               ? 
_entity_src_gen.host_org_details                   ? 
_entity_src_gen.expression_system_id               ? 
_entity_src_gen.plasmid_name                       ? 
_entity_src_gen.plasmid_details                    ? 
_entity_src_gen.pdbx_description                   ? 
# 
loop_
_chem_comp.id 
_chem_comp.type 
_chem_comp.mon_nstd_flag 
_chem_comp.name 
_chem_comp.pdbx_synonyms 
_chem_comp.formula 
_chem_comp.formula_weight 
ALA 'L-peptide linking' y ALANINE         ? 'C3 H7 N O2'      89.093  
ARG 'L-peptide linking' y ARGININE        ? 'C6 H15 N4 O2 1'  175.209 
ASN 'L-peptide linking' y ASPARAGINE      ? 'C4 H8 N2 O3'     132.118 
ASP 'L-peptide linking' y 'ASPARTIC ACID' ? 'C4 H7 N O4'      133.103 
CYS 'L-peptide linking' y CYSTEINE        ? 'C3 H7 N O2 S'    121.158 
GLN 'L-peptide linking' y GLUTAMINE       ? 'C5 H10 N2 O3'    146.144 
GLU 'L-peptide linking' y 'GLUTAMIC ACID' ? 'C5 H9 N O4'      147.129 
GLY 'peptide linking'   y GLYCINE         ? 'C2 H5 N O2'      75.067  
GSH non-polymer         . GLUTATHIONE     ? 'C10 H17 N3 O6 S' 307.323 
HIS 'L-peptide linking' y HISTIDINE       ? 'C6 H10 N3 O2 1'  156.162 
HOH non-polymer         . WATER           ? 'H2 O'            18.015  
ILE 'L-peptide linking' y ISOLEUCINE      ? 'C6 H13 N O2'     131.173 
LEU 'L-peptide linking' y LEUCINE         ? 'C6 H13 N O2'     131.173 
LYS 'L-peptide linking' y LYSINE          ? 'C6 H15 N2 O2 1'  147.195 
MET 'L-peptide linking' y METHIONINE      ? 'C5 H11 N O2 S'   149.211 
PHE 'L-peptide linking' y PHENYLALANINE   ? 'C9 H11 N O2'     165.189 
PRO 'L-peptide linking' y PROLINE         ? 'C5 H9 N O2'      115.130 
SER 'L-peptide linking' y SERINE          ? 'C3 H7 N O3'      105.093 
THR 'L-peptide linking' y THREONINE       ? 'C4 H9 N O3'      119.119 
TRP 'L-peptide linking' y TRYPTOPHAN      ? 'C11 H12 N2 O2'   204.225 
TYR 'L-peptide linking' y TYROSINE        ? 'C9 H11 N O3'     181.189 
VAL 'L-peptide linking' y VALINE          ? 'C5 H11 N O2'     117.146 
# 
loop_
_pdbx_poly_seq_scheme.asym_id 
_pdbx_poly_seq_scheme.entity_id 
_pdbx_poly_seq_scheme.seq_id 
_pdbx_poly_seq_scheme.mon_id 
_pdbx_poly_seq_scheme.ndb_seq_num 
_pdbx_poly_seq_scheme.pdb_seq_num 
_pdbx_poly_seq_scheme.auth_seq_num 
_pdbx_poly_seq_scheme.pdb_mon_id 
_pdbx_poly_seq_scheme.auth_mon_id 
_pdbx_poly_seq_scheme.pdb_strand_id 
_pdbx_poly_seq_scheme.pdb_ins_code 
_pdbx_poly_seq_scheme.hetero 
A 1 1   SER 1   958  ?    ?   ?   A . n 
A 1 2   ASN 2   959  ?    ?   ?   A . n 
A 1 3   ALA 3   960  ?    ?   ?   A . n 
A 1 4   ASN 4   961  ?    ?   ?   A . n 
A 1 5   ARG 5   962  ?    ?   ?   A . n 
A 1 6   GLY 6   963  ?    ?   ?   A . n 
A 1 7   PHE 7   964  ?    ?   ?   A . n 
A 1 8   LYS 8   965  965  LYS LYS A . n 
A 1 9   ALA 9   966  966  ALA ALA A . n 
A 1 10  GLY 10  967  967  GLY GLY A . n 
A 1 11  ARG 11  968  968  ARG ARG A . n 
A 1 12  ASN 12  969  969  ASN ASN A . n 
A 1 13  MET 13  970  970  MET MET A . n 
A 1 14  ARG 14  971  971  ARG ARG A . n 
A 1 15  ARG 15  972  972  ARG ARG A . n 
A 1 16  LYS 16  973  973  LYS LYS A . n 
A 1 17  LEU 17  974  974  LEU LEU A . n 
A 1 18  PHE 18  975  975  PHE PHE A . n 
A 1 19  GLY 19  976  976  GLY GLY A . n 
A 1 20  VAL 20  977  977  VAL VAL A . n 
A 1 21  LEU 21  978  978  LEU LEU A . n 
A 1 22  ARG 22  979  979  ARG ARG A . n 
A 1 23  LEU 23  980  980  LEU LEU A . n 
A 1 24  LYS 24  981  981  LYS LYS A . n 
A 1 25  CYS 25  982  982  CYS CYS A . n 
A 1 26  HIS 26  983  983  HIS HIS A . n 
A 1 27  SER 27  984  984  SER SER A . n 
A 1 28  LEU 28  985  985  LEU LEU A . n 
A 1 29  PHE 29  986  986  PHE PHE A . n 
A 1 30  LEU 30  987  987  LEU LEU A . n 
A 1 31  ASP 31  988  988  ASP ASP A . n 
A 1 32  LEU 32  989  989  LEU LEU A . n 
A 1 33  GLN 33  990  990  GLN GLN A . n 
A 1 34  VAL 34  991  991  VAL VAL A . n 
A 1 35  ASN 35  992  992  ASN ASN A . n 
A 1 36  SER 36  993  993  SER SER A . n 
A 1 37  LEU 37  994  994  LEU LEU A . n 
A 1 38  GLN 38  995  995  GLN GLN A . n 
A 1 39  THR 39  996  996  THR THR A . n 
A 1 40  VAL 40  997  997  VAL VAL A . n 
A 1 41  CYS 41  998  998  CYS CYS A . n 
A 1 42  THR 42  999  999  THR THR A . n 
A 1 43  ASN 43  1000 1000 ASN ASN A . n 
A 1 44  ILE 44  1001 1001 ILE ILE A . n 
A 1 45  TYR 45  1002 1002 TYR TYR A . n 
A 1 46  LYS 46  1003 1003 LYS LYS A . n 
A 1 47  ILE 47  1004 1004 ILE ILE A . n 
A 1 48  LEU 48  1005 1005 LEU LEU A . n 
A 1 49  LEU 49  1006 1006 LEU LEU A . n 
A 1 50  LEU 50  1007 1007 LEU LEU A . n 
A 1 51  GLN 51  1008 1008 GLN GLN A . n 
A 1 52  ALA 52  1009 1009 ALA ALA A . n 
A 1 53  TYR 53  1010 1010 TYR TYR A . n 
A 1 54  ARG 54  1011 1011 ARG ARG A . n 
A 1 55  PHE 55  1012 1012 PHE PHE A . n 
A 1 56  HIS 56  1013 1013 HIS HIS A . n 
A 1 57  ALA 57  1014 1014 ALA ALA A . n 
A 1 58  CYS 58  1015 1015 CYS CYS A . n 
A 1 59  VAL 59  1016 1016 VAL VAL A . n 
A 1 60  LEU 60  1017 1017 LEU LEU A . n 
A 1 61  GLN 61  1018 1018 GLN GLN A . n 
A 1 62  LEU 62  1019 1019 LEU LEU A . n 
A 1 63  PRO 63  1020 1020 PRO PRO A . n 
A 1 64  PHE 64  1021 1021 PHE PHE A . n 
A 1 65  HIS 65  1022 1022 HIS HIS A . n 
A 1 66  GLN 66  1023 1023 GLN GLN A . n 
A 1 67  GLN 67  1024 1024 GLN GLN A . n 
A 1 68  VAL 68  1025 1025 VAL VAL A . n 
A 1 69  TRP 69  1026 1026 TRP TRP A . n 
A 1 70  LYS 70  1027 1027 LYS LYS A . n 
A 1 71  ASN 71  1028 1028 ASN ASN A . n 
A 1 72  PRO 72  1029 1029 PRO PRO A . n 
A 1 73  THR 73  1030 1030 THR THR A . n 
A 1 74  PHE 74  1031 1031 PHE PHE A . n 
A 1 75  PHE 75  1032 1032 PHE PHE A . n 
A 1 76  LEU 76  1033 1033 LEU LEU A . n 
A 1 77  ARG 77  1034 1034 ARG ARG A . n 
A 1 78  VAL 78  1035 1035 VAL VAL A . n 
A 1 79  ILE 79  1036 1036 ILE ILE A . n 
A 1 80  SER 80  1037 1037 SER SER A . n 
A 1 81  ASP 81  1038 1038 ASP ASP A . n 
A 1 82  THR 82  1039 1039 THR THR A . n 
A 1 83  ALA 83  1040 1040 ALA ALA A . n 
A 1 84  SER 84  1041 1041 SER SER A . n 
A 1 85  LEU 85  1042 1042 LEU LEU A . n 
A 1 86  CYS 86  1043 1043 CYS CYS A . n 
A 1 87  TYR 87  1044 1044 TYR TYR A . n 
A 1 88  SER 88  1045 1045 SER SER A . n 
A 1 89  ILE 89  1046 1046 ILE ILE A . n 
A 1 90  LEU 90  1047 1047 LEU LEU A . n 
A 1 91  LYS 91  1048 1048 LYS LYS A . n 
A 1 92  ALA 92  1049 1049 ALA ALA A . n 
A 1 93  LYS 93  1050 1050 LYS LYS A . n 
A 1 94  ASN 94  1051 1051 ASN ASN A . n 
A 1 95  ALA 95  1052 1052 ALA ALA A . n 
A 1 96  GLY 96  1053 1053 GLY GLY A . n 
A 1 97  MET 97  1054 1054 MET MET A . n 
A 1 98  SER 98  1055 1055 SER SER A . n 
A 1 99  LEU 99  1056 1056 LEU LEU A . n 
A 1 100 GLY 100 1057 1057 GLY GLY A . n 
A 1 101 ALA 101 1058 1058 ALA ALA A . n 
A 1 102 LYS 102 1059 1059 LYS LYS A . n 
A 1 103 GLY 103 1060 1060 GLY GLY A . n 
A 1 104 ALA 104 1061 1061 ALA ALA A . n 
A 1 105 ALA 105 1062 1062 ALA ALA A . n 
A 1 106 GLY 106 1063 1063 GLY GLY A . n 
A 1 107 PRO 107 1064 1064 PRO PRO A . n 
A 1 108 LEU 108 1065 1065 LEU LEU A . n 
A 1 109 PRO 109 1066 1066 PRO PRO A . n 
A 1 110 SER 110 1067 1067 SER SER A . n 
A 1 111 GLU 111 1068 1068 GLU GLU A . n 
A 1 112 ALA 112 1069 1069 ALA ALA A . n 
A 1 113 VAL 113 1070 1070 VAL VAL A . n 
A 1 114 GLN 114 1071 1071 GLN GLN A . n 
A 1 115 TRP 115 1072 1072 TRP TRP A . n 
A 1 116 LEU 116 1073 1073 LEU LEU A . n 
A 1 117 CYS 117 1074 1074 CYS CYS A . n 
A 1 118 HIS 118 1075 1075 HIS HIS A . n 
A 1 119 GLN 119 1076 1076 GLN GLN A . n 
A 1 120 ALA 120 1077 1077 ALA ALA A . n 
A 1 121 PHE 121 1078 1078 PHE PHE A . n 
A 1 122 LEU 122 1079 1079 LEU LEU A . n 
A 1 123 LEU 123 1080 1080 LEU LEU A . n 
A 1 124 LYS 124 1081 1081 LYS LYS A . n 
A 1 125 LEU 125 1082 1082 LEU LEU A . n 
A 1 126 THR 126 1083 1083 THR THR A . n 
A 1 127 ARG 127 1084 1084 ARG ARG A . n 
A 1 128 HIS 128 1085 1085 HIS HIS A . n 
A 1 129 ARG 129 1086 1086 ARG ARG A . n 
A 1 130 VAL 130 1087 1087 VAL VAL A . n 
A 1 131 THR 131 1088 1088 THR THR A . n 
A 1 132 TYR 132 1089 1089 TYR TYR A . n 
A 1 133 VAL 133 1090 1090 VAL VAL A . n 
A 1 134 PRO 134 1091 1091 PRO PRO A . n 
A 1 135 LEU 135 1092 1092 LEU LEU A . n 
A 1 136 LEU 136 1093 1093 LEU LEU A . n 
A 1 137 GLY 137 1094 1094 GLY GLY A . n 
A 1 138 SER 138 1095 1095 SER SER A . n 
A 1 139 LEU 139 1096 1096 LEU LEU A . n 
A 1 140 ARG 140 1097 1097 ARG ARG A . n 
A 1 141 THR 141 1098 1098 THR THR A . n 
A 1 142 ALA 142 1099 1099 ALA ALA A . n 
A 1 143 GLN 143 1100 1100 GLN GLN A . n 
A 1 144 THR 144 1101 1101 THR THR A . n 
A 1 145 GLN 145 1102 1102 GLN GLN A . n 
A 1 146 LEU 146 1103 1103 LEU LEU A . n 
A 1 147 SER 147 1104 1104 SER SER A . n 
A 1 148 ARG 148 1105 1105 ARG ARG A . n 
A 1 149 LYS 149 1106 1106 LYS LYS A . n 
A 1 150 LEU 150 1107 1107 LEU LEU A . n 
A 1 151 PRO 151 1108 1108 PRO PRO A . n 
A 1 152 GLY 152 1109 1109 GLY GLY A . n 
A 1 153 THR 153 1110 1110 THR THR A . n 
A 1 154 THR 154 1111 1111 THR THR A . n 
A 1 155 LEU 155 1112 1112 LEU LEU A . n 
A 1 156 THR 156 1113 1113 THR THR A . n 
A 1 157 ALA 157 1114 1114 ALA ALA A . n 
A 1 158 LEU 158 1115 1115 LEU LEU A . n 
A 1 159 GLU 159 1116 1116 GLU GLU A . n 
A 1 160 ALA 160 1117 1117 ALA ALA A . n 
A 1 161 ALA 161 1118 1118 ALA ALA A . n 
A 1 162 ALA 162 1119 1119 ALA ALA A . n 
A 1 163 ASN 163 1120 1120 ASN ASN A . n 
A 1 164 PRO 164 1121 1121 PRO PRO A . n 
A 1 165 ALA 165 1122 1122 ALA ALA A . n 
A 1 166 LEU 166 1123 ?    ?   ?   A . n 
A 1 167 PRO 167 1124 ?    ?   ?   A . n 
A 1 168 SER 168 1125 ?    ?   ?   A . n 
A 1 169 ASP 169 1126 ?    ?   ?   A . n 
A 1 170 PHE 170 1127 ?    ?   ?   A . n 
A 1 171 LYS 171 1128 ?    ?   ?   A . n 
A 1 172 THR 172 1129 ?    ?   ?   A . n 
A 1 173 ILE 173 1130 ?    ?   ?   A . n 
A 1 174 LEU 174 1131 ?    ?   ?   A . n 
A 1 175 ASP 175 1132 ?    ?   ?   A . n 
# 
loop_
_pdbx_nonpoly_scheme.asym_id 
_pdbx_nonpoly_scheme.entity_id 
_pdbx_nonpoly_scheme.mon_id 
_pdbx_nonpoly_scheme.ndb_seq_num 
_pdbx_nonpoly_scheme.pdb_seq_num 
_pdbx_nonpoly_scheme.auth_seq_num 
_pdbx_nonpoly_scheme.pdb_mon_id 
_pdbx_nonpoly_scheme.auth_mon_id 
_pdbx_nonpoly_scheme.pdb_strand_id 
_pdbx_nonpoly_scheme.pdb_ins_code 
B 2 GSH 1  1201 240 GSH GSH A . 
C 2 GSH 1  1202 341 GSH GSH A . 
D 3 HOH 1  1301 13  HOH HOH A . 
D 3 HOH 2  1302 29  HOH HOH A . 
D 3 HOH 3  1303 23  HOH HOH A . 
D 3 HOH 4  1304 7   HOH HOH A . 
D 3 HOH 5  1305 18  HOH HOH A . 
D 3 HOH 6  1306 1   HOH HOH A . 
D 3 HOH 7  1307 4   HOH HOH A . 
D 3 HOH 8  1308 6   HOH HOH A . 
D 3 HOH 9  1309 10  HOH HOH A . 
D 3 HOH 10 1310 12  HOH HOH A . 
D 3 HOH 11 1311 8   HOH HOH A . 
D 3 HOH 12 1312 15  HOH HOH A . 
D 3 HOH 13 1313 25  HOH HOH A . 
D 3 HOH 14 1314 5   HOH HOH A . 
D 3 HOH 15 1315 14  HOH HOH A . 
D 3 HOH 16 1316 20  HOH HOH A . 
D 3 HOH 17 1317 11  HOH HOH A . 
D 3 HOH 18 1318 3   HOH HOH A . 
D 3 HOH 19 1319 16  HOH HOH A . 
D 3 HOH 20 1320 2   HOH HOH A . 
D 3 HOH 21 1321 9   HOH HOH A . 
D 3 HOH 22 1322 17  HOH HOH A . 
D 3 HOH 23 1323 24  HOH HOH A . 
# 
loop_
_software.citation_id 
_software.classification 
_software.compiler_name 
_software.compiler_version 
_software.contact_author 
_software.contact_author_email 
_software.date 
_software.description 
_software.dependencies 
_software.hardware 
_software.language 
_software.location 
_software.mods 
_software.name 
_software.os 
_software.os_version 
_software.type 
_software.version 
_software.pdbx_ordinal 
? refinement       ? ? ? ? ? ? ? ? ? ? ? REFMAC ? ? ? 5.8.0135 1 
? 'data reduction' ? ? ? ? ? ? ? ? ? ? ? XDS    ? ? ? .        2 
? 'data scaling'   ? ? ? ? ? ? ? ? ? ? ? XSCALE ? ? ? .        3 
? phasing          ? ? ? ? ? ? ? ? ? ? ? PHENIX ? ? ? .        4 
# 
_cell.entry_id           5UGW 
_cell.length_a           92.425 
_cell.length_b           92.425 
_cell.length_c           50.178 
_cell.angle_alpha        90.00 
_cell.angle_beta         90.00 
_cell.angle_gamma        120.00 
_cell.Z_PDB              6 
_cell.pdbx_unique_axis   ? 
# 
_symmetry.entry_id                         5UGW 
_symmetry.space_group_name_H-M             'P 3 2 1' 
_symmetry.pdbx_full_space_group_name_H-M   ? 
_symmetry.cell_setting                     ? 
_symmetry.Int_Tables_number                150 
# 
_exptl.absorpt_coefficient_mu     ? 
_exptl.absorpt_correction_T_max   ? 
_exptl.absorpt_correction_T_min   ? 
_exptl.absorpt_correction_type    ? 
_exptl.absorpt_process_details    ? 
_exptl.entry_id                   5UGW 
_exptl.crystals_number            1 
_exptl.details                    ? 
_exptl.method                     'X-RAY DIFFRACTION' 
_exptl.method_details             ? 
# 
_exptl_crystal.colour                      ? 
_exptl_crystal.density_diffrn              ? 
_exptl_crystal.density_Matthews            3.22 
_exptl_crystal.density_method              ? 
_exptl_crystal.density_percent_sol         61.79 
_exptl_crystal.description                 ? 
_exptl_crystal.F_000                       ? 
_exptl_crystal.id                          1 
_exptl_crystal.preparation                 ? 
_exptl_crystal.size_max                    ? 
_exptl_crystal.size_mid                    ? 
_exptl_crystal.size_min                    ? 
_exptl_crystal.size_rad                    ? 
_exptl_crystal.colour_lustre               ? 
_exptl_crystal.colour_modifier             ? 
_exptl_crystal.colour_primary              ? 
_exptl_crystal.density_meas                ? 
_exptl_crystal.density_meas_esd            ? 
_exptl_crystal.density_meas_gt             ? 
_exptl_crystal.density_meas_lt             ? 
_exptl_crystal.density_meas_temp           ? 
_exptl_crystal.density_meas_temp_esd       ? 
_exptl_crystal.density_meas_temp_gt        ? 
_exptl_crystal.density_meas_temp_lt        ? 
_exptl_crystal.pdbx_crystal_image_url      ? 
_exptl_crystal.pdbx_crystal_image_format   ? 
_exptl_crystal.pdbx_mosaicity              ? 
_exptl_crystal.pdbx_mosaicity_esd          ? 
# 
_exptl_crystal_grow.apparatus       ? 
_exptl_crystal_grow.atmosphere      ? 
_exptl_crystal_grow.crystal_id      1 
_exptl_crystal_grow.details         ? 
_exptl_crystal_grow.method          'VAPOR DIFFUSION, SITTING DROP' 
_exptl_crystal_grow.method_ref      ? 
_exptl_crystal_grow.pH              ? 
_exptl_crystal_grow.pressure        ? 
_exptl_crystal_grow.pressure_esd    ? 
_exptl_crystal_grow.seeding         ? 
_exptl_crystal_grow.seeding_ref     ? 
_exptl_crystal_grow.temp            283 
_exptl_crystal_grow.temp_details    ? 
_exptl_crystal_grow.temp_esd        ? 
_exptl_crystal_grow.time            ? 
_exptl_crystal_grow.pdbx_details    
;50 mM Tris 8.5
0.8 M LiSo4
10 mM GSH/GSSG
3% 1,6-hexanediol
;
_exptl_crystal_grow.pdbx_pH_range   ? 
# 
_diffrn.ambient_environment    ? 
_diffrn.ambient_temp           100 
_diffrn.ambient_temp_details   ? 
_diffrn.ambient_temp_esd       ? 
_diffrn.crystal_id             1 
_diffrn.crystal_support        ? 
_diffrn.crystal_treatment      ? 
_diffrn.details                ? 
_diffrn.id                     1 
_diffrn.ambient_pressure       ? 
_diffrn.ambient_pressure_esd   ? 
_diffrn.ambient_pressure_gt    ? 
_diffrn.ambient_pressure_lt    ? 
_diffrn.ambient_temp_gt        ? 
_diffrn.ambient_temp_lt        ? 
# 
_diffrn_detector.details                      ? 
_diffrn_detector.detector                     CCD 
_diffrn_detector.diffrn_id                    1 
_diffrn_detector.type                         'RIGAKU SATURN 944' 
_diffrn_detector.area_resol_mean              ? 
_diffrn_detector.dtime                        ? 
_diffrn_detector.pdbx_frames_total            ? 
_diffrn_detector.pdbx_collection_time_total   ? 
_diffrn_detector.pdbx_collection_date         2016-01-18 
# 
_diffrn_radiation.collimation                      ? 
_diffrn_radiation.diffrn_id                        1 
_diffrn_radiation.filter_edge                      ? 
_diffrn_radiation.inhomogeneity                    ? 
_diffrn_radiation.monochromator                    ? 
_diffrn_radiation.polarisn_norm                    ? 
_diffrn_radiation.polarisn_ratio                   ? 
_diffrn_radiation.probe                            ? 
_diffrn_radiation.type                             ? 
_diffrn_radiation.xray_symbol                      ? 
_diffrn_radiation.wavelength_id                    1 
_diffrn_radiation.pdbx_monochromatic_or_laue_m_l   M 
_diffrn_radiation.pdbx_wavelength_list             ? 
_diffrn_radiation.pdbx_wavelength                  ? 
_diffrn_radiation.pdbx_diffrn_protocol             'SINGLE WAVELENGTH' 
_diffrn_radiation.pdbx_analyzer                    ? 
_diffrn_radiation.pdbx_scattering_type             x-ray 
# 
_diffrn_radiation_wavelength.id           1 
_diffrn_radiation_wavelength.wavelength   1.54178 
_diffrn_radiation_wavelength.wt           1.0 
# 
_diffrn_source.current                     ? 
_diffrn_source.details                     ? 
_diffrn_source.diffrn_id                   1 
_diffrn_source.power                       ? 
_diffrn_source.size                        ? 
_diffrn_source.source                      'ROTATING ANODE' 
_diffrn_source.target                      ? 
_diffrn_source.type                        'RIGAKU MICROMAX-007 HF' 
_diffrn_source.voltage                     ? 
_diffrn_source.take-off_angle              ? 
_diffrn_source.pdbx_wavelength_list        1.54178 
_diffrn_source.pdbx_wavelength             ? 
_diffrn_source.pdbx_synchrotron_beamline   ? 
_diffrn_source.pdbx_synchrotron_site       ? 
# 
_reflns.B_iso_Wilson_estimate            ? 
_reflns.entry_id                         5UGW 
_reflns.data_reduction_details           ? 
_reflns.data_reduction_method            ? 
_reflns.d_resolution_high                2.3 
_reflns.d_resolution_low                 26.68 
_reflns.details                          ? 
_reflns.limit_h_max                      ? 
_reflns.limit_h_min                      ? 
_reflns.limit_k_max                      ? 
_reflns.limit_k_min                      ? 
_reflns.limit_l_max                      ? 
_reflns.limit_l_min                      ? 
_reflns.number_all                       ? 
_reflns.number_obs                       10654 
_reflns.observed_criterion               ? 
_reflns.observed_criterion_F_max         ? 
_reflns.observed_criterion_F_min         ? 
_reflns.observed_criterion_I_max         ? 
_reflns.observed_criterion_I_min         ? 
_reflns.observed_criterion_sigma_F       ? 
_reflns.observed_criterion_sigma_I       ? 
_reflns.percent_possible_obs             99.80 
_reflns.R_free_details                   ? 
_reflns.Rmerge_F_all                     ? 
_reflns.Rmerge_F_obs                     ? 
_reflns.Friedel_coverage                 ? 
_reflns.number_gt                        ? 
_reflns.threshold_expression             ? 
_reflns.pdbx_redundancy                  10.8 
_reflns.pdbx_Rmerge_I_obs                ? 
_reflns.pdbx_Rmerge_I_all                ? 
_reflns.pdbx_Rsym_value                  ? 
_reflns.pdbx_netI_over_av_sigmaI         ? 
_reflns.pdbx_netI_over_sigmaI            18.68 
_reflns.pdbx_res_netI_over_av_sigmaI_2   ? 
_reflns.pdbx_res_netI_over_sigmaI_2      ? 
_reflns.pdbx_chi_squared                 ? 
_reflns.pdbx_scaling_rejects             ? 
_reflns.pdbx_d_res_high_opt              ? 
_reflns.pdbx_d_res_low_opt               ? 
_reflns.pdbx_d_res_opt_method            ? 
_reflns.phase_calculation_details        ? 
_reflns.pdbx_Rrim_I_all                  ? 
_reflns.pdbx_Rpim_I_all                  ? 
_reflns.pdbx_d_opt                       ? 
_reflns.pdbx_number_measured_all         ? 
_reflns.pdbx_diffrn_id                   1 
_reflns.pdbx_ordinal                     1 
_reflns.pdbx_CC_half                     0.999 
_reflns.pdbx_R_split                     ? 
# 
_reflns_shell.d_res_high                  2.30 
_reflns_shell.d_res_low                   2.36 
_reflns_shell.meanI_over_sigI_all         ? 
_reflns_shell.meanI_over_sigI_obs         2.19 
_reflns_shell.number_measured_all         ? 
_reflns_shell.number_measured_obs         ? 
_reflns_shell.number_possible             ? 
_reflns_shell.number_unique_all           813 
_reflns_shell.number_unique_obs           813 
_reflns_shell.percent_possible_all        98.3 
_reflns_shell.percent_possible_obs        ? 
_reflns_shell.Rmerge_F_all                ? 
_reflns_shell.Rmerge_F_obs                ? 
_reflns_shell.Rmerge_I_all                ? 
_reflns_shell.Rmerge_I_obs                ? 
_reflns_shell.meanI_over_sigI_gt          ? 
_reflns_shell.meanI_over_uI_all           ? 
_reflns_shell.meanI_over_uI_gt            ? 
_reflns_shell.number_measured_gt          ? 
_reflns_shell.number_unique_gt            ? 
_reflns_shell.percent_possible_gt         ? 
_reflns_shell.Rmerge_F_gt                 ? 
_reflns_shell.Rmerge_I_gt                 ? 
_reflns_shell.pdbx_redundancy             10.25 
_reflns_shell.pdbx_Rsym_value             ? 
_reflns_shell.pdbx_chi_squared            ? 
_reflns_shell.pdbx_netI_over_sigmaI_all   ? 
_reflns_shell.pdbx_netI_over_sigmaI_obs   ? 
_reflns_shell.pdbx_Rrim_I_all             ? 
_reflns_shell.pdbx_Rpim_I_all             ? 
_reflns_shell.pdbx_rejects                ? 
_reflns_shell.pdbx_ordinal                1 
_reflns_shell.pdbx_diffrn_id              1 
_reflns_shell.pdbx_CC_half                0.70 
_reflns_shell.pdbx_R_split                ? 
# 
_refine.pdbx_refine_id                           'X-RAY DIFFRACTION' 
_refine.entry_id                                 5UGW 
_refine.pdbx_diffrn_id                           1 
_refine.pdbx_TLS_residual_ADP_flag               ? 
_refine.ls_number_reflns_obs                     10564 
_refine.ls_number_reflns_all                     ? 
_refine.pdbx_ls_sigma_I                          ? 
_refine.pdbx_ls_sigma_F                          ? 
_refine.pdbx_data_cutoff_high_absF               ? 
_refine.pdbx_data_cutoff_low_absF                ? 
_refine.pdbx_data_cutoff_high_rms_absF           ? 
_refine.ls_d_res_low                             26.68 
_refine.ls_d_res_high                            2.31 
_refine.ls_percent_reflns_obs                    99.94 
_refine.ls_R_factor_obs                          0.19781 
_refine.ls_R_factor_all                          ? 
_refine.ls_R_factor_R_work                       0.19729 
_refine.ls_R_factor_R_free                       0.20900 
_refine.ls_R_factor_R_free_error                 ? 
_refine.ls_R_factor_R_free_error_details         ? 
_refine.ls_percent_reflns_R_free                 4.7 
_refine.ls_number_reflns_R_free                  522 
_refine.ls_number_parameters                     ? 
_refine.ls_number_restraints                     ? 
_refine.occupancy_min                            ? 
_refine.occupancy_max                            ? 
_refine.correlation_coeff_Fo_to_Fc               0.953 
_refine.correlation_coeff_Fo_to_Fc_free          0.942 
_refine.B_iso_mean                               61.161 
_refine.aniso_B[1][1]                            19.92 
_refine.aniso_B[2][2]                            19.92 
_refine.aniso_B[3][3]                            -39.84 
_refine.aniso_B[1][2]                            -0.00 
_refine.aniso_B[1][3]                            0.00 
_refine.aniso_B[2][3]                            0.00 
_refine.solvent_model_details                    'BABINET MODEL WITH MASK' 
_refine.solvent_model_param_ksol                 ? 
_refine.solvent_model_param_bsol                 ? 
_refine.pdbx_solvent_vdw_probe_radii             1.20 
_refine.pdbx_solvent_ion_probe_radii             0.80 
_refine.pdbx_solvent_shrinkage_radii             0.80 
_refine.pdbx_ls_cross_valid_method               THROUGHOUT 
_refine.details                                  ? 
_refine.pdbx_starting_model                      ? 
_refine.pdbx_method_to_determine_struct          SAD 
_refine.pdbx_isotropic_thermal_model             ? 
_refine.pdbx_stereochemistry_target_values       'MAXIMUM LIKELIHOOD' 
_refine.pdbx_stereochem_target_val_spec_case     ? 
_refine.pdbx_R_Free_selection_details            RANDOM 
_refine.pdbx_overall_ESU_R                       0.048 
_refine.pdbx_overall_ESU_R_Free                  0.037 
_refine.overall_SU_ML                            0.096 
_refine.pdbx_overall_phase_error                 ? 
_refine.overall_SU_B                             3.666 
_refine.overall_SU_R_Cruickshank_DPI             ? 
_refine.pdbx_overall_SU_R_free_Cruickshank_DPI   ? 
_refine.pdbx_overall_SU_R_Blow_DPI               ? 
_refine.pdbx_overall_SU_R_free_Blow_DPI          ? 
# 
_refine_hist.pdbx_refine_id                   'X-RAY DIFFRACTION' 
_refine_hist.cycle_id                         1 
_refine_hist.pdbx_number_atoms_protein        1237 
_refine_hist.pdbx_number_atoms_nucleic_acid   0 
_refine_hist.pdbx_number_atoms_ligand         40 
_refine_hist.number_atoms_solvent             24 
_refine_hist.number_atoms_total               1301 
_refine_hist.d_res_high                       2.31 
_refine_hist.d_res_low                        26.68 
# 
loop_
_refine_ls_restr.type 
_refine_ls_restr.dev_ideal 
_refine_ls_restr.dev_ideal_target 
_refine_ls_restr.weight 
_refine_ls_restr.number 
_refine_ls_restr.pdbx_refine_id 
_refine_ls_restr.pdbx_restraint_function 
r_bond_refined_d             0.008  0.019  ? 1301 'X-RAY DIFFRACTION' ? 
r_bond_other_d               ?      ?      ? ?    'X-RAY DIFFRACTION' ? 
r_angle_refined_deg          1.186  1.998  ? 1759 'X-RAY DIFFRACTION' ? 
r_angle_other_deg            ?      ?      ? ?    'X-RAY DIFFRACTION' ? 
r_dihedral_angle_1_deg       5.196  5.000  ? 157  'X-RAY DIFFRACTION' ? 
r_dihedral_angle_2_deg       36.221 22.083 ? 48   'X-RAY DIFFRACTION' ? 
r_dihedral_angle_3_deg       17.596 15.000 ? 224  'X-RAY DIFFRACTION' ? 
r_dihedral_angle_4_deg       23.628 15.000 ? 10   'X-RAY DIFFRACTION' ? 
r_chiral_restr               0.073  0.200  ? 206  'X-RAY DIFFRACTION' ? 
r_gen_planes_refined         0.006  0.021  ? 949  'X-RAY DIFFRACTION' ? 
r_gen_planes_other           ?      ?      ? ?    'X-RAY DIFFRACTION' ? 
r_nbd_refined                ?      ?      ? ?    'X-RAY DIFFRACTION' ? 
r_nbd_other                  ?      ?      ? ?    'X-RAY DIFFRACTION' ? 
r_nbtor_refined              ?      ?      ? ?    'X-RAY DIFFRACTION' ? 
r_nbtor_other                ?      ?      ? ?    'X-RAY DIFFRACTION' ? 
r_xyhbond_nbd_refined        ?      ?      ? ?    'X-RAY DIFFRACTION' ? 
r_xyhbond_nbd_other          ?      ?      ? ?    'X-RAY DIFFRACTION' ? 
r_metal_ion_refined          ?      ?      ? ?    'X-RAY DIFFRACTION' ? 
r_metal_ion_other            ?      ?      ? ?    'X-RAY DIFFRACTION' ? 
r_symmetry_vdw_refined       ?      ?      ? ?    'X-RAY DIFFRACTION' ? 
r_symmetry_vdw_other         ?      ?      ? ?    'X-RAY DIFFRACTION' ? 
r_symmetry_hbond_refined     ?      ?      ? ?    'X-RAY DIFFRACTION' ? 
r_symmetry_hbond_other       ?      ?      ? ?    'X-RAY DIFFRACTION' ? 
r_symmetry_metal_ion_refined ?      ?      ? ?    'X-RAY DIFFRACTION' ? 
r_symmetry_metal_ion_other   ?      ?      ? ?    'X-RAY DIFFRACTION' ? 
r_mcbond_it                  2.420  5.945  ? 631  'X-RAY DIFFRACTION' ? 
r_mcbond_other               ?      ?      ? ?    'X-RAY DIFFRACTION' ? 
r_mcangle_it                 3.879  8.900  ? 787  'X-RAY DIFFRACTION' ? 
r_mcangle_other              ?      ?      ? ?    'X-RAY DIFFRACTION' ? 
r_scbond_it                  2.718  6.179  ? 669  'X-RAY DIFFRACTION' ? 
r_scbond_other               ?      ?      ? ?    'X-RAY DIFFRACTION' ? 
r_scangle_it                 ?      ?      ? ?    'X-RAY DIFFRACTION' ? 
r_scangle_other              ?      ?      ? ?    'X-RAY DIFFRACTION' ? 
r_long_range_B_refined       8.911  50.563 ? 1929 'X-RAY DIFFRACTION' ? 
r_long_range_B_other         ?      ?      ? ?    'X-RAY DIFFRACTION' ? 
r_rigid_bond_restr           ?      ?      ? ?    'X-RAY DIFFRACTION' ? 
r_sphericity_free            ?      ?      ? ?    'X-RAY DIFFRACTION' ? 
r_sphericity_bonded          ?      ?      ? ?    'X-RAY DIFFRACTION' ? 
# 
_refine_ls_shell.pdbx_refine_id                   'X-RAY DIFFRACTION' 
_refine_ls_shell.pdbx_total_number_of_bins_used   20 
_refine_ls_shell.d_res_high                       2.310 
_refine_ls_shell.d_res_low                        2.369 
_refine_ls_shell.number_reflns_R_work             752 
_refine_ls_shell.R_factor_R_work                  0.304 
_refine_ls_shell.percent_reflns_obs               99.87 
_refine_ls_shell.R_factor_R_free                  0.332 
_refine_ls_shell.R_factor_R_free_error            ? 
_refine_ls_shell.percent_reflns_R_free            ? 
_refine_ls_shell.number_reflns_R_free             40 
_refine_ls_shell.number_reflns_all                ? 
_refine_ls_shell.R_factor_all                     ? 
_refine_ls_shell.R_factor_obs                     ? 
_refine_ls_shell.number_reflns_obs                ? 
# 
_struct.entry_id                     5UGW 
_struct.title                        'STRUCTURE OF THE HUMAN TELOMERASE THUMB DOMAIN' 
_struct.pdbx_model_details           ? 
_struct.pdbx_formula_weight          ? 
_struct.pdbx_formula_weight_method   ? 
_struct.pdbx_model_type_details      ? 
_struct.pdbx_CASP_flag               N 
# 
_struct_keywords.entry_id        5UGW 
_struct_keywords.text            'Telomerase, reverse transcriptase, transferase, thumb domain' 
_struct_keywords.pdbx_keywords   TRANSFERASE 
# 
loop_
_struct_asym.id 
_struct_asym.pdbx_blank_PDB_chainid_flag 
_struct_asym.pdbx_modified 
_struct_asym.entity_id 
_struct_asym.details 
A N N 1 ? 
B N N 2 ? 
C N N 2 ? 
D N N 3 ? 
# 
_struct_ref.id                         1 
_struct_ref.db_name                    UNP 
_struct_ref.db_code                    TERT_HUMAN 
_struct_ref.pdbx_db_accession          O14746 
_struct_ref.pdbx_db_isoform            ? 
_struct_ref.entity_id                  1 
_struct_ref.pdbx_seq_one_letter_code   
;NRGFKAGRNMRRKLFGVLRLKCHSLFLDLQVNSLQTVCTNIYKILLLQAYRFHACVLQLPFHQQVWKNPTFFLRVISDTA
SLCYSILKAKNAGMSLGAKGAAGPLPSEAVQWLCHQAFLLKLTRHRVTYVPLLGSLRTAQTQLSRKLPGTTLTALEAAAN
PALPSDFKTILD
;
_struct_ref.pdbx_align_begin           961 
# 
_struct_ref_seq.align_id                      1 
_struct_ref_seq.ref_id                        1 
_struct_ref_seq.pdbx_PDB_id_code              5UGW 
_struct_ref_seq.pdbx_strand_id                A 
_struct_ref_seq.seq_align_beg                 4 
_struct_ref_seq.pdbx_seq_align_beg_ins_code   ? 
_struct_ref_seq.seq_align_end                 175 
_struct_ref_seq.pdbx_seq_align_end_ins_code   ? 
_struct_ref_seq.pdbx_db_accession             O14746 
_struct_ref_seq.db_align_beg                  961 
_struct_ref_seq.pdbx_db_align_beg_ins_code    ? 
_struct_ref_seq.db_align_end                  1132 
_struct_ref_seq.pdbx_db_align_end_ins_code    ? 
_struct_ref_seq.pdbx_auth_seq_align_beg       961 
_struct_ref_seq.pdbx_auth_seq_align_end       1132 
# 
loop_
_struct_ref_seq_dif.align_id 
_struct_ref_seq_dif.pdbx_pdb_id_code 
_struct_ref_seq_dif.mon_id 
_struct_ref_seq_dif.pdbx_pdb_strand_id 
_struct_ref_seq_dif.seq_num 
_struct_ref_seq_dif.pdbx_pdb_ins_code 
_struct_ref_seq_dif.pdbx_seq_db_name 
_struct_ref_seq_dif.pdbx_seq_db_accession_code 
_struct_ref_seq_dif.db_mon_id 
_struct_ref_seq_dif.pdbx_seq_db_seq_num 
_struct_ref_seq_dif.details 
_struct_ref_seq_dif.pdbx_auth_seq_num 
_struct_ref_seq_dif.pdbx_ordinal 
1 5UGW SER A 1 ? UNP O14746 ? ? 'expression tag' 958 1 
1 5UGW ASN A 2 ? UNP O14746 ? ? 'expression tag' 959 2 
1 5UGW ALA A 3 ? UNP O14746 ? ? 'expression tag' 960 3 
# 
_pdbx_struct_assembly.id                   1 
_pdbx_struct_assembly.details              author_defined_assembly 
_pdbx_struct_assembly.method_details       ? 
_pdbx_struct_assembly.oligomeric_details   monomeric 
_pdbx_struct_assembly.oligomeric_count     1 
# 
_pdbx_struct_assembly_gen.assembly_id       1 
_pdbx_struct_assembly_gen.oper_expression   1 
_pdbx_struct_assembly_gen.asym_id_list      A,B,C,D 
# 
_pdbx_struct_oper_list.id                   1 
_pdbx_struct_oper_list.type                 'identity operation' 
_pdbx_struct_oper_list.name                 1_555 
_pdbx_struct_oper_list.symmetry_operation   x,y,z 
_pdbx_struct_oper_list.matrix[1][1]         1.0000000000 
_pdbx_struct_oper_list.matrix[1][2]         0.0000000000 
_pdbx_struct_oper_list.matrix[1][3]         0.0000000000 
_pdbx_struct_oper_list.vector[1]            0.0000000000 
_pdbx_struct_oper_list.matrix[2][1]         0.0000000000 
_pdbx_struct_oper_list.matrix[2][2]         1.0000000000 
_pdbx_struct_oper_list.matrix[2][3]         0.0000000000 
_pdbx_struct_oper_list.vector[2]            0.0000000000 
_pdbx_struct_oper_list.matrix[3][1]         0.0000000000 
_pdbx_struct_oper_list.matrix[3][2]         0.0000000000 
_pdbx_struct_oper_list.matrix[3][3]         1.0000000000 
_pdbx_struct_oper_list.vector[3]            0.0000000000 
# 
loop_
_struct_conf.conf_type_id 
_struct_conf.id 
_struct_conf.pdbx_PDB_helix_id 
_struct_conf.beg_label_comp_id 
_struct_conf.beg_label_asym_id 
_struct_conf.beg_label_seq_id 
_struct_conf.pdbx_beg_PDB_ins_code 
_struct_conf.end_label_comp_id 
_struct_conf.end_label_asym_id 
_struct_conf.end_label_seq_id 
_struct_conf.pdbx_end_PDB_ins_code 
_struct_conf.beg_auth_comp_id 
_struct_conf.beg_auth_asym_id 
_struct_conf.beg_auth_seq_id 
_struct_conf.end_auth_comp_id 
_struct_conf.end_auth_asym_id 
_struct_conf.end_auth_seq_id 
_struct_conf.pdbx_PDB_helix_class 
_struct_conf.details 
_struct_conf.pdbx_PDB_helix_length 
HELX_P HELX_P1 AA1 LYS A 8   ? SER A 27  ? LYS A 965  SER A 984  1 ? 20 
HELX_P HELX_P2 AA2 LEU A 28  ? LEU A 30  ? LEU A 985  LEU A 987  5 ? 3  
HELX_P HELX_P3 AA3 SER A 36  ? GLN A 61  ? SER A 993  GLN A 1018 1 ? 26 
HELX_P HELX_P4 AA4 GLN A 67  ? LYS A 70  ? GLN A 1024 LYS A 1027 5 ? 4  
HELX_P HELX_P5 AA5 ASN A 71  ? ASN A 94  ? ASN A 1028 ASN A 1051 1 ? 24 
HELX_P HELX_P6 AA6 PRO A 109 ? THR A 126 ? PRO A 1066 THR A 1083 1 ? 18 
HELX_P HELX_P7 AA7 HIS A 128 ? ARG A 148 ? HIS A 1085 ARG A 1105 1 ? 21 
HELX_P HELX_P8 AA8 THR A 153 ? ALA A 162 ? THR A 1110 ALA A 1119 1 ? 10 
# 
_struct_conf_type.id          HELX_P 
_struct_conf_type.criteria    ? 
_struct_conf_type.reference   ? 
# 
loop_
_struct_site.id 
_struct_site.pdbx_evidence_code 
_struct_site.pdbx_auth_asym_id 
_struct_site.pdbx_auth_comp_id 
_struct_site.pdbx_auth_seq_id 
_struct_site.pdbx_auth_ins_code 
_struct_site.pdbx_num_residues 
_struct_site.details 
AC1 Software A GSH 1201 ? 5 'binding site for residue GSH A 1201' 
AC2 Software A GSH 1202 ? 5 'binding site for residue GSH A 1202' 
# 
loop_
_struct_site_gen.id 
_struct_site_gen.site_id 
_struct_site_gen.pdbx_num_res 
_struct_site_gen.label_comp_id 
_struct_site_gen.label_asym_id 
_struct_site_gen.label_seq_id 
_struct_site_gen.pdbx_auth_ins_code 
_struct_site_gen.auth_comp_id 
_struct_site_gen.auth_asym_id 
_struct_site_gen.auth_seq_id 
_struct_site_gen.label_atom_id 
_struct_site_gen.label_alt_id 
_struct_site_gen.symmetry 
_struct_site_gen.details 
1  AC1 5 ARG A 15 ? ARG A 972  . ? 1_555 ? 
2  AC1 5 LYS A 16 ? LYS A 973  . ? 1_555 ? 
3  AC1 5 ARG A 54 ? ARG A 1011 . ? 1_555 ? 
4  AC1 5 CYS A 58 ? CYS A 1015 . ? 1_555 ? 
5  AC1 5 GLN A 61 ? GLN A 1018 . ? 1_555 ? 
6  AC2 5 CYS A 25 ? CYS A 982  . ? 1_555 ? 
7  AC2 5 HIS A 26 ? HIS A 983  . ? 1_555 ? 
8  AC2 5 ASN A 43 ? ASN A 1000 . ? 1_555 ? 
9  AC2 5 LYS A 46 ? LYS A 1003 . ? 1_555 ? 
10 AC2 5 SER A 88 ? SER A 1045 . ? 3_455 ? 
# 
_pdbx_validate_close_contact.id               1 
_pdbx_validate_close_contact.PDB_model_num    1 
_pdbx_validate_close_contact.auth_atom_id_1   O 
_pdbx_validate_close_contact.auth_asym_id_1   A 
_pdbx_validate_close_contact.auth_comp_id_1   HOH 
_pdbx_validate_close_contact.auth_seq_id_1    1319 
_pdbx_validate_close_contact.PDB_ins_code_1   ? 
_pdbx_validate_close_contact.label_alt_id_1   ? 
_pdbx_validate_close_contact.auth_atom_id_2   O 
_pdbx_validate_close_contact.auth_asym_id_2   A 
_pdbx_validate_close_contact.auth_comp_id_2   HOH 
_pdbx_validate_close_contact.auth_seq_id_2    1320 
_pdbx_validate_close_contact.PDB_ins_code_2   ? 
_pdbx_validate_close_contact.label_alt_id_2   ? 
_pdbx_validate_close_contact.dist             1.70 
# 
loop_
_pdbx_validate_torsion.id 
_pdbx_validate_torsion.PDB_model_num 
_pdbx_validate_torsion.auth_comp_id 
_pdbx_validate_torsion.auth_asym_id 
_pdbx_validate_torsion.auth_seq_id 
_pdbx_validate_torsion.PDB_ins_code 
_pdbx_validate_torsion.label_alt_id 
_pdbx_validate_torsion.phi 
_pdbx_validate_torsion.psi 
1 1 GLN A 1023 ? ? -83.80  49.85  
2 1 LEU A 1107 ? ? -151.75 84.52  
3 1 THR A 1110 ? ? 73.88   -52.65 
4 1 THR A 1111 ? ? -57.43  -5.79  
# 
loop_
_pdbx_struct_special_symmetry.id 
_pdbx_struct_special_symmetry.PDB_model_num 
_pdbx_struct_special_symmetry.auth_asym_id 
_pdbx_struct_special_symmetry.auth_comp_id 
_pdbx_struct_special_symmetry.auth_seq_id 
_pdbx_struct_special_symmetry.PDB_ins_code 
_pdbx_struct_special_symmetry.label_asym_id 
_pdbx_struct_special_symmetry.label_comp_id 
_pdbx_struct_special_symmetry.label_seq_id 
1 1 A HOH 1308 ? D HOH . 
2 1 A HOH 1323 ? D HOH . 
# 
loop_
_pdbx_unobs_or_zero_occ_residues.id 
_pdbx_unobs_or_zero_occ_residues.PDB_model_num 
_pdbx_unobs_or_zero_occ_residues.polymer_flag 
_pdbx_unobs_or_zero_occ_residues.occupancy_flag 
_pdbx_unobs_or_zero_occ_residues.auth_asym_id 
_pdbx_unobs_or_zero_occ_residues.auth_comp_id 
_pdbx_unobs_or_zero_occ_residues.auth_seq_id 
_pdbx_unobs_or_zero_occ_residues.PDB_ins_code 
_pdbx_unobs_or_zero_occ_residues.label_asym_id 
_pdbx_unobs_or_zero_occ_residues.label_comp_id 
_pdbx_unobs_or_zero_occ_residues.label_seq_id 
1  1 Y 1 A SER 958  ? A SER 1   
2  1 Y 1 A ASN 959  ? A ASN 2   
3  1 Y 1 A ALA 960  ? A ALA 3   
4  1 Y 1 A ASN 961  ? A ASN 4   
5  1 Y 1 A ARG 962  ? A ARG 5   
6  1 Y 1 A GLY 963  ? A GLY 6   
7  1 Y 1 A PHE 964  ? A PHE 7   
8  1 Y 1 A LEU 1123 ? A LEU 166 
9  1 Y 1 A PRO 1124 ? A PRO 167 
10 1 Y 1 A SER 1125 ? A SER 168 
11 1 Y 1 A ASP 1126 ? A ASP 169 
12 1 Y 1 A PHE 1127 ? A PHE 170 
13 1 Y 1 A LYS 1128 ? A LYS 171 
14 1 Y 1 A THR 1129 ? A THR 172 
15 1 Y 1 A ILE 1130 ? A ILE 173 
16 1 Y 1 A LEU 1131 ? A LEU 174 
17 1 Y 1 A ASP 1132 ? A ASP 175 
# 
loop_
_chem_comp_atom.comp_id 
_chem_comp_atom.atom_id 
_chem_comp_atom.type_symbol 
_chem_comp_atom.pdbx_aromatic_flag 
_chem_comp_atom.pdbx_stereo_config 
_chem_comp_atom.pdbx_ordinal 
ALA N    N N N 1   
ALA CA   C N S 2   
ALA C    C N N 3   
ALA O    O N N 4   
ALA CB   C N N 5   
ALA OXT  O N N 6   
ALA H    H N N 7   
ALA H2   H N N 8   
ALA HA   H N N 9   
ALA HB1  H N N 10  
ALA HB2  H N N 11  
ALA HB3  H N N 12  
ALA HXT  H N N 13  
ARG N    N N N 14  
ARG CA   C N S 15  
ARG C    C N N 16  
ARG O    O N N 17  
ARG CB   C N N 18  
ARG CG   C N N 19  
ARG CD   C N N 20  
ARG NE   N N N 21  
ARG CZ   C N N 22  
ARG NH1  N N N 23  
ARG NH2  N N N 24  
ARG OXT  O N N 25  
ARG H    H N N 26  
ARG H2   H N N 27  
ARG HA   H N N 28  
ARG HB2  H N N 29  
ARG HB3  H N N 30  
ARG HG2  H N N 31  
ARG HG3  H N N 32  
ARG HD2  H N N 33  
ARG HD3  H N N 34  
ARG HE   H N N 35  
ARG HH11 H N N 36  
ARG HH12 H N N 37  
ARG HH21 H N N 38  
ARG HH22 H N N 39  
ARG HXT  H N N 40  
ASN N    N N N 41  
ASN CA   C N S 42  
ASN C    C N N 43  
ASN O    O N N 44  
ASN CB   C N N 45  
ASN CG   C N N 46  
ASN OD1  O N N 47  
ASN ND2  N N N 48  
ASN OXT  O N N 49  
ASN H    H N N 50  
ASN H2   H N N 51  
ASN HA   H N N 52  
ASN HB2  H N N 53  
ASN HB3  H N N 54  
ASN HD21 H N N 55  
ASN HD22 H N N 56  
ASN HXT  H N N 57  
ASP N    N N N 58  
ASP CA   C N S 59  
ASP C    C N N 60  
ASP O    O N N 61  
ASP CB   C N N 62  
ASP CG   C N N 63  
ASP OD1  O N N 64  
ASP OD2  O N N 65  
ASP OXT  O N N 66  
ASP H    H N N 67  
ASP H2   H N N 68  
ASP HA   H N N 69  
ASP HB2  H N N 70  
ASP HB3  H N N 71  
ASP HD2  H N N 72  
ASP HXT  H N N 73  
CYS N    N N N 74  
CYS CA   C N R 75  
CYS C    C N N 76  
CYS O    O N N 77  
CYS CB   C N N 78  
CYS SG   S N N 79  
CYS OXT  O N N 80  
CYS H    H N N 81  
CYS H2   H N N 82  
CYS HA   H N N 83  
CYS HB2  H N N 84  
CYS HB3  H N N 85  
CYS HG   H N N 86  
CYS HXT  H N N 87  
GLN N    N N N 88  
GLN CA   C N S 89  
GLN C    C N N 90  
GLN O    O N N 91  
GLN CB   C N N 92  
GLN CG   C N N 93  
GLN CD   C N N 94  
GLN OE1  O N N 95  
GLN NE2  N N N 96  
GLN OXT  O N N 97  
GLN H    H N N 98  
GLN H2   H N N 99  
GLN HA   H N N 100 
GLN HB2  H N N 101 
GLN HB3  H N N 102 
GLN HG2  H N N 103 
GLN HG3  H N N 104 
GLN HE21 H N N 105 
GLN HE22 H N N 106 
GLN HXT  H N N 107 
GLU N    N N N 108 
GLU CA   C N S 109 
GLU C    C N N 110 
GLU O    O N N 111 
GLU CB   C N N 112 
GLU CG   C N N 113 
GLU CD   C N N 114 
GLU OE1  O N N 115 
GLU OE2  O N N 116 
GLU OXT  O N N 117 
GLU H    H N N 118 
GLU H2   H N N 119 
GLU HA   H N N 120 
GLU HB2  H N N 121 
GLU HB3  H N N 122 
GLU HG2  H N N 123 
GLU HG3  H N N 124 
GLU HE2  H N N 125 
GLU HXT  H N N 126 
GLY N    N N N 127 
GLY CA   C N N 128 
GLY C    C N N 129 
GLY O    O N N 130 
GLY OXT  O N N 131 
GLY H    H N N 132 
GLY H2   H N N 133 
GLY HA2  H N N 134 
GLY HA3  H N N 135 
GLY HXT  H N N 136 
GSH N1   N N N 137 
GSH CA1  C N S 138 
GSH C1   C N N 139 
GSH O11  O N N 140 
GSH O12  O N N 141 
GSH CB1  C N N 142 
GSH CG1  C N N 143 
GSH CD1  C N N 144 
GSH OE1  O N N 145 
GSH N2   N N N 146 
GSH CA2  C N R 147 
GSH C2   C N N 148 
GSH O2   O N N 149 
GSH CB2  C N N 150 
GSH SG2  S N N 151 
GSH N3   N N N 152 
GSH CA3  C N N 153 
GSH C3   C N N 154 
GSH O31  O N N 155 
GSH O32  O N N 156 
GSH HN11 H N N 157 
GSH HN12 H N N 158 
GSH HA1  H N N 159 
GSH H12  H N N 160 
GSH HB12 H N N 161 
GSH HB13 H N N 162 
GSH HG12 H N N 163 
GSH HG13 H N N 164 
GSH HN2  H N N 165 
GSH HA2  H N N 166 
GSH HB22 H N N 167 
GSH HB23 H N N 168 
GSH HSG  H N N 169 
GSH HN3  H N N 170 
GSH HA31 H N N 171 
GSH HA32 H N N 172 
GSH H32  H N N 173 
HIS N    N N N 174 
HIS CA   C N S 175 
HIS C    C N N 176 
HIS O    O N N 177 
HIS CB   C N N 178 
HIS CG   C Y N 179 
HIS ND1  N Y N 180 
HIS CD2  C Y N 181 
HIS CE1  C Y N 182 
HIS NE2  N Y N 183 
HIS OXT  O N N 184 
HIS H    H N N 185 
HIS H2   H N N 186 
HIS HA   H N N 187 
HIS HB2  H N N 188 
HIS HB3  H N N 189 
HIS HD1  H N N 190 
HIS HD2  H N N 191 
HIS HE1  H N N 192 
HIS HE2  H N N 193 
HIS HXT  H N N 194 
HOH O    O N N 195 
HOH H1   H N N 196 
HOH H2   H N N 197 
ILE N    N N N 198 
ILE CA   C N S 199 
ILE C    C N N 200 
ILE O    O N N 201 
ILE CB   C N S 202 
ILE CG1  C N N 203 
ILE CG2  C N N 204 
ILE CD1  C N N 205 
ILE OXT  O N N 206 
ILE H    H N N 207 
ILE H2   H N N 208 
ILE HA   H N N 209 
ILE HB   H N N 210 
ILE HG12 H N N 211 
ILE HG13 H N N 212 
ILE HG21 H N N 213 
ILE HG22 H N N 214 
ILE HG23 H N N 215 
ILE HD11 H N N 216 
ILE HD12 H N N 217 
ILE HD13 H N N 218 
ILE HXT  H N N 219 
LEU N    N N N 220 
LEU CA   C N S 221 
LEU C    C N N 222 
LEU O    O N N 223 
LEU CB   C N N 224 
LEU CG   C N N 225 
LEU CD1  C N N 226 
LEU CD2  C N N 227 
LEU OXT  O N N 228 
LEU H    H N N 229 
LEU H2   H N N 230 
LEU HA   H N N 231 
LEU HB2  H N N 232 
LEU HB3  H N N 233 
LEU HG   H N N 234 
LEU HD11 H N N 235 
LEU HD12 H N N 236 
LEU HD13 H N N 237 
LEU HD21 H N N 238 
LEU HD22 H N N 239 
LEU HD23 H N N 240 
LEU HXT  H N N 241 
LYS N    N N N 242 
LYS CA   C N S 243 
LYS C    C N N 244 
LYS O    O N N 245 
LYS CB   C N N 246 
LYS CG   C N N 247 
LYS CD   C N N 248 
LYS CE   C N N 249 
LYS NZ   N N N 250 
LYS OXT  O N N 251 
LYS H    H N N 252 
LYS H2   H N N 253 
LYS HA   H N N 254 
LYS HB2  H N N 255 
LYS HB3  H N N 256 
LYS HG2  H N N 257 
LYS HG3  H N N 258 
LYS HD2  H N N 259 
LYS HD3  H N N 260 
LYS HE2  H N N 261 
LYS HE3  H N N 262 
LYS HZ1  H N N 263 
LYS HZ2  H N N 264 
LYS HZ3  H N N 265 
LYS HXT  H N N 266 
MET N    N N N 267 
MET CA   C N S 268 
MET C    C N N 269 
MET O    O N N 270 
MET CB   C N N 271 
MET CG   C N N 272 
MET SD   S N N 273 
MET CE   C N N 274 
MET OXT  O N N 275 
MET H    H N N 276 
MET H2   H N N 277 
MET HA   H N N 278 
MET HB2  H N N 279 
MET HB3  H N N 280 
MET HG2  H N N 281 
MET HG3  H N N 282 
MET HE1  H N N 283 
MET HE2  H N N 284 
MET HE3  H N N 285 
MET HXT  H N N 286 
PHE N    N N N 287 
PHE CA   C N S 288 
PHE C    C N N 289 
PHE O    O N N 290 
PHE CB   C N N 291 
PHE CG   C Y N 292 
PHE CD1  C Y N 293 
PHE CD2  C Y N 294 
PHE CE1  C Y N 295 
PHE CE2  C Y N 296 
PHE CZ   C Y N 297 
PHE OXT  O N N 298 
PHE H    H N N 299 
PHE H2   H N N 300 
PHE HA   H N N 301 
PHE HB2  H N N 302 
PHE HB3  H N N 303 
PHE HD1  H N N 304 
PHE HD2  H N N 305 
PHE HE1  H N N 306 
PHE HE2  H N N 307 
PHE HZ   H N N 308 
PHE HXT  H N N 309 
PRO N    N N N 310 
PRO CA   C N S 311 
PRO C    C N N 312 
PRO O    O N N 313 
PRO CB   C N N 314 
PRO CG   C N N 315 
PRO CD   C N N 316 
PRO OXT  O N N 317 
PRO H    H N N 318 
PRO HA   H N N 319 
PRO HB2  H N N 320 
PRO HB3  H N N 321 
PRO HG2  H N N 322 
PRO HG3  H N N 323 
PRO HD2  H N N 324 
PRO HD3  H N N 325 
PRO HXT  H N N 326 
SER N    N N N 327 
SER CA   C N S 328 
SER C    C N N 329 
SER O    O N N 330 
SER CB   C N N 331 
SER OG   O N N 332 
SER OXT  O N N 333 
SER H    H N N 334 
SER H2   H N N 335 
SER HA   H N N 336 
SER HB2  H N N 337 
SER HB3  H N N 338 
SER HG   H N N 339 
SER HXT  H N N 340 
THR N    N N N 341 
THR CA   C N S 342 
THR C    C N N 343 
THR O    O N N 344 
THR CB   C N R 345 
THR OG1  O N N 346 
THR CG2  C N N 347 
THR OXT  O N N 348 
THR H    H N N 349 
THR H2   H N N 350 
THR HA   H N N 351 
THR HB   H N N 352 
THR HG1  H N N 353 
THR HG21 H N N 354 
THR HG22 H N N 355 
THR HG23 H N N 356 
THR HXT  H N N 357 
TRP N    N N N 358 
TRP CA   C N S 359 
TRP C    C N N 360 
TRP O    O N N 361 
TRP CB   C N N 362 
TRP CG   C Y N 363 
TRP CD1  C Y N 364 
TRP CD2  C Y N 365 
TRP NE1  N Y N 366 
TRP CE2  C Y N 367 
TRP CE3  C Y N 368 
TRP CZ2  C Y N 369 
TRP CZ3  C Y N 370 
TRP CH2  C Y N 371 
TRP OXT  O N N 372 
TRP H    H N N 373 
TRP H2   H N N 374 
TRP HA   H N N 375 
TRP HB2  H N N 376 
TRP HB3  H N N 377 
TRP HD1  H N N 378 
TRP HE1  H N N 379 
TRP HE3  H N N 380 
TRP HZ2  H N N 381 
TRP HZ3  H N N 382 
TRP HH2  H N N 383 
TRP HXT  H N N 384 
TYR N    N N N 385 
TYR CA   C N S 386 
TYR C    C N N 387 
TYR O    O N N 388 
TYR CB   C N N 389 
TYR CG   C Y N 390 
TYR CD1  C Y N 391 
TYR CD2  C Y N 392 
TYR CE1  C Y N 393 
TYR CE2  C Y N 394 
TYR CZ   C Y N 395 
TYR OH   O N N 396 
TYR OXT  O N N 397 
TYR H    H N N 398 
TYR H2   H N N 399 
TYR HA   H N N 400 
TYR HB2  H N N 401 
TYR HB3  H N N 402 
TYR HD1  H N N 403 
TYR HD2  H N N 404 
TYR HE1  H N N 405 
TYR HE2  H N N 406 
TYR HH   H N N 407 
TYR HXT  H N N 408 
VAL N    N N N 409 
VAL CA   C N S 410 
VAL C    C N N 411 
VAL O    O N N 412 
VAL CB   C N N 413 
VAL CG1  C N N 414 
VAL CG2  C N N 415 
VAL OXT  O N N 416 
VAL H    H N N 417 
VAL H2   H N N 418 
VAL HA   H N N 419 
VAL HB   H N N 420 
VAL HG11 H N N 421 
VAL HG12 H N N 422 
VAL HG13 H N N 423 
VAL HG21 H N N 424 
VAL HG22 H N N 425 
VAL HG23 H N N 426 
VAL HXT  H N N 427 
# 
loop_
_chem_comp_bond.comp_id 
_chem_comp_bond.atom_id_1 
_chem_comp_bond.atom_id_2 
_chem_comp_bond.value_order 
_chem_comp_bond.pdbx_aromatic_flag 
_chem_comp_bond.pdbx_stereo_config 
_chem_comp_bond.pdbx_ordinal 
ALA N   CA   sing N N 1   
ALA N   H    sing N N 2   
ALA N   H2   sing N N 3   
ALA CA  C    sing N N 4   
ALA CA  CB   sing N N 5   
ALA CA  HA   sing N N 6   
ALA C   O    doub N N 7   
ALA C   OXT  sing N N 8   
ALA CB  HB1  sing N N 9   
ALA CB  HB2  sing N N 10  
ALA CB  HB3  sing N N 11  
ALA OXT HXT  sing N N 12  
ARG N   CA   sing N N 13  
ARG N   H    sing N N 14  
ARG N   H2   sing N N 15  
ARG CA  C    sing N N 16  
ARG CA  CB   sing N N 17  
ARG CA  HA   sing N N 18  
ARG C   O    doub N N 19  
ARG C   OXT  sing N N 20  
ARG CB  CG   sing N N 21  
ARG CB  HB2  sing N N 22  
ARG CB  HB3  sing N N 23  
ARG CG  CD   sing N N 24  
ARG CG  HG2  sing N N 25  
ARG CG  HG3  sing N N 26  
ARG CD  NE   sing N N 27  
ARG CD  HD2  sing N N 28  
ARG CD  HD3  sing N N 29  
ARG NE  CZ   sing N N 30  
ARG NE  HE   sing N N 31  
ARG CZ  NH1  sing N N 32  
ARG CZ  NH2  doub N N 33  
ARG NH1 HH11 sing N N 34  
ARG NH1 HH12 sing N N 35  
ARG NH2 HH21 sing N N 36  
ARG NH2 HH22 sing N N 37  
ARG OXT HXT  sing N N 38  
ASN N   CA   sing N N 39  
ASN N   H    sing N N 40  
ASN N   H2   sing N N 41  
ASN CA  C    sing N N 42  
ASN CA  CB   sing N N 43  
ASN CA  HA   sing N N 44  
ASN C   O    doub N N 45  
ASN C   OXT  sing N N 46  
ASN CB  CG   sing N N 47  
ASN CB  HB2  sing N N 48  
ASN CB  HB3  sing N N 49  
ASN CG  OD1  doub N N 50  
ASN CG  ND2  sing N N 51  
ASN ND2 HD21 sing N N 52  
ASN ND2 HD22 sing N N 53  
ASN OXT HXT  sing N N 54  
ASP N   CA   sing N N 55  
ASP N   H    sing N N 56  
ASP N   H2   sing N N 57  
ASP CA  C    sing N N 58  
ASP CA  CB   sing N N 59  
ASP CA  HA   sing N N 60  
ASP C   O    doub N N 61  
ASP C   OXT  sing N N 62  
ASP CB  CG   sing N N 63  
ASP CB  HB2  sing N N 64  
ASP CB  HB3  sing N N 65  
ASP CG  OD1  doub N N 66  
ASP CG  OD2  sing N N 67  
ASP OD2 HD2  sing N N 68  
ASP OXT HXT  sing N N 69  
CYS N   CA   sing N N 70  
CYS N   H    sing N N 71  
CYS N   H2   sing N N 72  
CYS CA  C    sing N N 73  
CYS CA  CB   sing N N 74  
CYS CA  HA   sing N N 75  
CYS C   O    doub N N 76  
CYS C   OXT  sing N N 77  
CYS CB  SG   sing N N 78  
CYS CB  HB2  sing N N 79  
CYS CB  HB3  sing N N 80  
CYS SG  HG   sing N N 81  
CYS OXT HXT  sing N N 82  
GLN N   CA   sing N N 83  
GLN N   H    sing N N 84  
GLN N   H2   sing N N 85  
GLN CA  C    sing N N 86  
GLN CA  CB   sing N N 87  
GLN CA  HA   sing N N 88  
GLN C   O    doub N N 89  
GLN C   OXT  sing N N 90  
GLN CB  CG   sing N N 91  
GLN CB  HB2  sing N N 92  
GLN CB  HB3  sing N N 93  
GLN CG  CD   sing N N 94  
GLN CG  HG2  sing N N 95  
GLN CG  HG3  sing N N 96  
GLN CD  OE1  doub N N 97  
GLN CD  NE2  sing N N 98  
GLN NE2 HE21 sing N N 99  
GLN NE2 HE22 sing N N 100 
GLN OXT HXT  sing N N 101 
GLU N   CA   sing N N 102 
GLU N   H    sing N N 103 
GLU N   H2   sing N N 104 
GLU CA  C    sing N N 105 
GLU CA  CB   sing N N 106 
GLU CA  HA   sing N N 107 
GLU C   O    doub N N 108 
GLU C   OXT  sing N N 109 
GLU CB  CG   sing N N 110 
GLU CB  HB2  sing N N 111 
GLU CB  HB3  sing N N 112 
GLU CG  CD   sing N N 113 
GLU CG  HG2  sing N N 114 
GLU CG  HG3  sing N N 115 
GLU CD  OE1  doub N N 116 
GLU CD  OE2  sing N N 117 
GLU OE2 HE2  sing N N 118 
GLU OXT HXT  sing N N 119 
GLY N   CA   sing N N 120 
GLY N   H    sing N N 121 
GLY N   H2   sing N N 122 
GLY CA  C    sing N N 123 
GLY CA  HA2  sing N N 124 
GLY CA  HA3  sing N N 125 
GLY C   O    doub N N 126 
GLY C   OXT  sing N N 127 
GLY OXT HXT  sing N N 128 
GSH N1  CA1  sing N N 129 
GSH N1  HN11 sing N N 130 
GSH N1  HN12 sing N N 131 
GSH CA1 C1   sing N N 132 
GSH CA1 CB1  sing N N 133 
GSH CA1 HA1  sing N N 134 
GSH C1  O11  doub N N 135 
GSH C1  O12  sing N N 136 
GSH O12 H12  sing N N 137 
GSH CB1 CG1  sing N N 138 
GSH CB1 HB12 sing N N 139 
GSH CB1 HB13 sing N N 140 
GSH CG1 CD1  sing N N 141 
GSH CG1 HG12 sing N N 142 
GSH CG1 HG13 sing N N 143 
GSH CD1 OE1  doub N N 144 
GSH CD1 N2   sing N N 145 
GSH N2  CA2  sing N N 146 
GSH N2  HN2  sing N N 147 
GSH CA2 C2   sing N N 148 
GSH CA2 CB2  sing N N 149 
GSH CA2 HA2  sing N N 150 
GSH C2  O2   doub N N 151 
GSH C2  N3   sing N N 152 
GSH CB2 SG2  sing N N 153 
GSH CB2 HB22 sing N N 154 
GSH CB2 HB23 sing N N 155 
GSH SG2 HSG  sing N N 156 
GSH N3  CA3  sing N N 157 
GSH N3  HN3  sing N N 158 
GSH CA3 C3   sing N N 159 
GSH CA3 HA31 sing N N 160 
GSH CA3 HA32 sing N N 161 
GSH C3  O31  doub N N 162 
GSH C3  O32  sing N N 163 
GSH O32 H32  sing N N 164 
HIS N   CA   sing N N 165 
HIS N   H    sing N N 166 
HIS N   H2   sing N N 167 
HIS CA  C    sing N N 168 
HIS CA  CB   sing N N 169 
HIS CA  HA   sing N N 170 
HIS C   O    doub N N 171 
HIS C   OXT  sing N N 172 
HIS CB  CG   sing N N 173 
HIS CB  HB2  sing N N 174 
HIS CB  HB3  sing N N 175 
HIS CG  ND1  sing Y N 176 
HIS CG  CD2  doub Y N 177 
HIS ND1 CE1  doub Y N 178 
HIS ND1 HD1  sing N N 179 
HIS CD2 NE2  sing Y N 180 
HIS CD2 HD2  sing N N 181 
HIS CE1 NE2  sing Y N 182 
HIS CE1 HE1  sing N N 183 
HIS NE2 HE2  sing N N 184 
HIS OXT HXT  sing N N 185 
HOH O   H1   sing N N 186 
HOH O   H2   sing N N 187 
ILE N   CA   sing N N 188 
ILE N   H    sing N N 189 
ILE N   H2   sing N N 190 
ILE CA  C    sing N N 191 
ILE CA  CB   sing N N 192 
ILE CA  HA   sing N N 193 
ILE C   O    doub N N 194 
ILE C   OXT  sing N N 195 
ILE CB  CG1  sing N N 196 
ILE CB  CG2  sing N N 197 
ILE CB  HB   sing N N 198 
ILE CG1 CD1  sing N N 199 
ILE CG1 HG12 sing N N 200 
ILE CG1 HG13 sing N N 201 
ILE CG2 HG21 sing N N 202 
ILE CG2 HG22 sing N N 203 
ILE CG2 HG23 sing N N 204 
ILE CD1 HD11 sing N N 205 
ILE CD1 HD12 sing N N 206 
ILE CD1 HD13 sing N N 207 
ILE OXT HXT  sing N N 208 
LEU N   CA   sing N N 209 
LEU N   H    sing N N 210 
LEU N   H2   sing N N 211 
LEU CA  C    sing N N 212 
LEU CA  CB   sing N N 213 
LEU CA  HA   sing N N 214 
LEU C   O    doub N N 215 
LEU C   OXT  sing N N 216 
LEU CB  CG   sing N N 217 
LEU CB  HB2  sing N N 218 
LEU CB  HB3  sing N N 219 
LEU CG  CD1  sing N N 220 
LEU CG  CD2  sing N N 221 
LEU CG  HG   sing N N 222 
LEU CD1 HD11 sing N N 223 
LEU CD1 HD12 sing N N 224 
LEU CD1 HD13 sing N N 225 
LEU CD2 HD21 sing N N 226 
LEU CD2 HD22 sing N N 227 
LEU CD2 HD23 sing N N 228 
LEU OXT HXT  sing N N 229 
LYS N   CA   sing N N 230 
LYS N   H    sing N N 231 
LYS N   H2   sing N N 232 
LYS CA  C    sing N N 233 
LYS CA  CB   sing N N 234 
LYS CA  HA   sing N N 235 
LYS C   O    doub N N 236 
LYS C   OXT  sing N N 237 
LYS CB  CG   sing N N 238 
LYS CB  HB2  sing N N 239 
LYS CB  HB3  sing N N 240 
LYS CG  CD   sing N N 241 
LYS CG  HG2  sing N N 242 
LYS CG  HG3  sing N N 243 
LYS CD  CE   sing N N 244 
LYS CD  HD2  sing N N 245 
LYS CD  HD3  sing N N 246 
LYS CE  NZ   sing N N 247 
LYS CE  HE2  sing N N 248 
LYS CE  HE3  sing N N 249 
LYS NZ  HZ1  sing N N 250 
LYS NZ  HZ2  sing N N 251 
LYS NZ  HZ3  sing N N 252 
LYS OXT HXT  sing N N 253 
MET N   CA   sing N N 254 
MET N   H    sing N N 255 
MET N   H2   sing N N 256 
MET CA  C    sing N N 257 
MET CA  CB   sing N N 258 
MET CA  HA   sing N N 259 
MET C   O    doub N N 260 
MET C   OXT  sing N N 261 
MET CB  CG   sing N N 262 
MET CB  HB2  sing N N 263 
MET CB  HB3  sing N N 264 
MET CG  SD   sing N N 265 
MET CG  HG2  sing N N 266 
MET CG  HG3  sing N N 267 
MET SD  CE   sing N N 268 
MET CE  HE1  sing N N 269 
MET CE  HE2  sing N N 270 
MET CE  HE3  sing N N 271 
MET OXT HXT  sing N N 272 
PHE N   CA   sing N N 273 
PHE N   H    sing N N 274 
PHE N   H2   sing N N 275 
PHE CA  C    sing N N 276 
PHE CA  CB   sing N N 277 
PHE CA  HA   sing N N 278 
PHE C   O    doub N N 279 
PHE C   OXT  sing N N 280 
PHE CB  CG   sing N N 281 
PHE CB  HB2  sing N N 282 
PHE CB  HB3  sing N N 283 
PHE CG  CD1  doub Y N 284 
PHE CG  CD2  sing Y N 285 
PHE CD1 CE1  sing Y N 286 
PHE CD1 HD1  sing N N 287 
PHE CD2 CE2  doub Y N 288 
PHE CD2 HD2  sing N N 289 
PHE CE1 CZ   doub Y N 290 
PHE CE1 HE1  sing N N 291 
PHE CE2 CZ   sing Y N 292 
PHE CE2 HE2  sing N N 293 
PHE CZ  HZ   sing N N 294 
PHE OXT HXT  sing N N 295 
PRO N   CA   sing N N 296 
PRO N   CD   sing N N 297 
PRO N   H    sing N N 298 
PRO CA  C    sing N N 299 
PRO CA  CB   sing N N 300 
PRO CA  HA   sing N N 301 
PRO C   O    doub N N 302 
PRO C   OXT  sing N N 303 
PRO CB  CG   sing N N 304 
PRO CB  HB2  sing N N 305 
PRO CB  HB3  sing N N 306 
PRO CG  CD   sing N N 307 
PRO CG  HG2  sing N N 308 
PRO CG  HG3  sing N N 309 
PRO CD  HD2  sing N N 310 
PRO CD  HD3  sing N N 311 
PRO OXT HXT  sing N N 312 
SER N   CA   sing N N 313 
SER N   H    sing N N 314 
SER N   H2   sing N N 315 
SER CA  C    sing N N 316 
SER CA  CB   sing N N 317 
SER CA  HA   sing N N 318 
SER C   O    doub N N 319 
SER C   OXT  sing N N 320 
SER CB  OG   sing N N 321 
SER CB  HB2  sing N N 322 
SER CB  HB3  sing N N 323 
SER OG  HG   sing N N 324 
SER OXT HXT  sing N N 325 
THR N   CA   sing N N 326 
THR N   H    sing N N 327 
THR N   H2   sing N N 328 
THR CA  C    sing N N 329 
THR CA  CB   sing N N 330 
THR CA  HA   sing N N 331 
THR C   O    doub N N 332 
THR C   OXT  sing N N 333 
THR CB  OG1  sing N N 334 
THR CB  CG2  sing N N 335 
THR CB  HB   sing N N 336 
THR OG1 HG1  sing N N 337 
THR CG2 HG21 sing N N 338 
THR CG2 HG22 sing N N 339 
THR CG2 HG23 sing N N 340 
THR OXT HXT  sing N N 341 
TRP N   CA   sing N N 342 
TRP N   H    sing N N 343 
TRP N   H2   sing N N 344 
TRP CA  C    sing N N 345 
TRP CA  CB   sing N N 346 
TRP CA  HA   sing N N 347 
TRP C   O    doub N N 348 
TRP C   OXT  sing N N 349 
TRP CB  CG   sing N N 350 
TRP CB  HB2  sing N N 351 
TRP CB  HB3  sing N N 352 
TRP CG  CD1  doub Y N 353 
TRP CG  CD2  sing Y N 354 
TRP CD1 NE1  sing Y N 355 
TRP CD1 HD1  sing N N 356 
TRP CD2 CE2  doub Y N 357 
TRP CD2 CE3  sing Y N 358 
TRP NE1 CE2  sing Y N 359 
TRP NE1 HE1  sing N N 360 
TRP CE2 CZ2  sing Y N 361 
TRP CE3 CZ3  doub Y N 362 
TRP CE3 HE3  sing N N 363 
TRP CZ2 CH2  doub Y N 364 
TRP CZ2 HZ2  sing N N 365 
TRP CZ3 CH2  sing Y N 366 
TRP CZ3 HZ3  sing N N 367 
TRP CH2 HH2  sing N N 368 
TRP OXT HXT  sing N N 369 
TYR N   CA   sing N N 370 
TYR N   H    sing N N 371 
TYR N   H2   sing N N 372 
TYR CA  C    sing N N 373 
TYR CA  CB   sing N N 374 
TYR CA  HA   sing N N 375 
TYR C   O    doub N N 376 
TYR C   OXT  sing N N 377 
TYR CB  CG   sing N N 378 
TYR CB  HB2  sing N N 379 
TYR CB  HB3  sing N N 380 
TYR CG  CD1  doub Y N 381 
TYR CG  CD2  sing Y N 382 
TYR CD1 CE1  sing Y N 383 
TYR CD1 HD1  sing N N 384 
TYR CD2 CE2  doub Y N 385 
TYR CD2 HD2  sing N N 386 
TYR CE1 CZ   doub Y N 387 
TYR CE1 HE1  sing N N 388 
TYR CE2 CZ   sing Y N 389 
TYR CE2 HE2  sing N N 390 
TYR CZ  OH   sing N N 391 
TYR OH  HH   sing N N 392 
TYR OXT HXT  sing N N 393 
VAL N   CA   sing N N 394 
VAL N   H    sing N N 395 
VAL N   H2   sing N N 396 
VAL CA  C    sing N N 397 
VAL CA  CB   sing N N 398 
VAL CA  HA   sing N N 399 
VAL C   O    doub N N 400 
VAL C   OXT  sing N N 401 
VAL CB  CG1  sing N N 402 
VAL CB  CG2  sing N N 403 
VAL CB  HB   sing N N 404 
VAL CG1 HG11 sing N N 405 
VAL CG1 HG12 sing N N 406 
VAL CG1 HG13 sing N N 407 
VAL CG2 HG21 sing N N 408 
VAL CG2 HG22 sing N N 409 
VAL CG2 HG23 sing N N 410 
VAL OXT HXT  sing N N 411 
# 
loop_
_pdbx_audit_support.funding_organization 
_pdbx_audit_support.country 
_pdbx_audit_support.grant_number 
_pdbx_audit_support.ordinal 
'National Institutes of Health/National Cancer Institute (NIH/NCI)' 'United States' R01CA201312   1 
'National Institutes of Health/National Cancer Institute (NIH/NCI)' 'United States' 'P30 CA10815' 2 
# 
loop_
_pdbx_reflns_twin.domain_id 
_pdbx_reflns_twin.crystal_id 
_pdbx_reflns_twin.diffrn_id 
_pdbx_reflns_twin.type 
_pdbx_reflns_twin.operator 
_pdbx_reflns_twin.fraction 
1 1 1 ? 'H, K, L' 0.640 
2 1 1 ? -h,-k,l   0.360 
# 
_atom_sites.entry_id                    5UGW 
_atom_sites.fract_transf_matrix[1][1]   -0.00617233 
_atom_sites.fract_transf_matrix[1][2]   0.01058284 
_atom_sites.fract_transf_matrix[1][3]   -0.00245013 
_atom_sites.fract_transf_matrix[2][1]   -0.00097795 
_atom_sites.fract_transf_matrix[2][2]   0.00407977 
_atom_sites.fract_transf_matrix[2][3]   -0.01176750 
_atom_sites.fract_transf_matrix[3][1]   -0.01688651 
_atom_sites.fract_transf_matrix[3][2]   -0.01035515 
_atom_sites.fract_transf_matrix[3][3]   -0.00218674 
_atom_sites.fract_transf_vector[1]      -0.284523 
_atom_sites.fract_transf_vector[2]      0.536300 
_atom_sites.fract_transf_vector[3]      3.258749 
# 
loop_
_atom_type.symbol 
C 
N 
O 
S 
# 
loop_
_atom_site.group_PDB 
_atom_site.id 
_atom_site.type_symbol 
_atom_site.label_atom_id 
_atom_site.label_alt_id 
_atom_site.label_comp_id 
_atom_site.label_asym_id 
_atom_site.label_entity_id 
_atom_site.label_seq_id 
_atom_site.pdbx_PDB_ins_code 
_atom_site.Cartn_x 
_atom_site.Cartn_y 
_atom_site.Cartn_z 
_atom_site.occupancy 
_atom_site.B_iso_or_equiv 
_atom_site.pdbx_formal_charge 
_atom_site.auth_seq_id 
_atom_site.auth_comp_id 
_atom_site.auth_asym_id 
_atom_site.auth_atom_id 
_atom_site.pdbx_PDB_model_num 
ATOM   1    N N   . LYS A 1 8   ? 6.454   21.422  10.251  1.00 60.29  ? 965  LYS A N   1 
ATOM   2    C CA  . LYS A 1 8   ? 7.384   20.271  10.036  1.00 60.90  ? 965  LYS A CA  1 
ATOM   3    C C   . LYS A 1 8   ? 7.483   19.406  11.292  1.00 59.03  ? 965  LYS A C   1 
ATOM   4    O O   . LYS A 1 8   ? 7.252   18.191  11.239  1.00 57.11  ? 965  LYS A O   1 
ATOM   5    C CB  . LYS A 1 8   ? 8.782   20.752  9.619   1.00 66.19  ? 965  LYS A CB  1 
ATOM   6    C CG  . LYS A 1 8   ? 8.804   21.881  8.589   1.00 70.36  ? 965  LYS A CG  1 
ATOM   7    C CD  . LYS A 1 8   ? 10.134  22.633  8.601   1.00 72.34  ? 965  LYS A CD  1 
ATOM   8    C CE  . LYS A 1 8   ? 10.343  23.441  9.880   1.00 70.86  ? 965  LYS A CE  1 
ATOM   9    N NZ  . LYS A 1 8   ? 9.412   24.599  9.996   1.00 71.31  ? 965  LYS A NZ  1 
ATOM   10   N N   . ALA A 1 9   ? 7.822   20.039  12.418  1.00 54.95  ? 966  ALA A N   1 
ATOM   11   C CA  . ALA A 1 9   ? 7.856   19.370  13.724  1.00 56.20  ? 966  ALA A CA  1 
ATOM   12   C C   . ALA A 1 9   ? 6.442   19.029  14.202  1.00 55.88  ? 966  ALA A C   1 
ATOM   13   O O   . ALA A 1 9   ? 6.258   18.123  15.020  1.00 54.00  ? 966  ALA A O   1 
ATOM   14   C CB  . ALA A 1 9   ? 8.573   20.236  14.752  1.00 54.55  ? 966  ALA A CB  1 
ATOM   15   N N   . GLY A 1 10  ? 5.460   19.771  13.682  1.00 55.82  ? 967  GLY A N   1 
ATOM   16   C CA  . GLY A 1 10  ? 4.047   19.530  13.932  1.00 55.89  ? 967  GLY A CA  1 
ATOM   17   C C   . GLY A 1 10  ? 3.492   18.354  13.151  1.00 60.19  ? 967  GLY A C   1 
ATOM   18   O O   . GLY A 1 10  ? 2.698   17.572  13.688  1.00 59.59  ? 967  GLY A O   1 
ATOM   19   N N   . ARG A 1 11  ? 3.893   18.236  11.881  1.00 59.71  ? 968  ARG A N   1 
ATOM   20   C CA  . ARG A 1 11  ? 3.521   17.086  11.047  1.00 61.10  ? 968  ARG A CA  1 
ATOM   21   C C   . ARG A 1 11  ? 4.082   15.781  11.608  1.00 60.18  ? 968  ARG A C   1 
ATOM   22   O O   . ARG A 1 11  ? 3.359   14.792  11.699  1.00 58.78  ? 968  ARG A O   1 
ATOM   23   C CB  . ARG A 1 11  ? 3.999   17.271  9.609   1.00 65.77  ? 968  ARG A CB  1 
ATOM   24   C CG  . ARG A 1 11  ? 3.095   18.133  8.740   1.00 71.98  ? 968  ARG A CG  1 
ATOM   25   C CD  . ARG A 1 11  ? 3.472   17.991  7.271   1.00 77.51  ? 968  ARG A CD  1 
ATOM   26   N NE  . ARG A 1 11  ? 4.857   18.401  7.011   1.00 78.43  ? 968  ARG A NE  1 
ATOM   27   C CZ  . ARG A 1 11  ? 5.699   17.763  6.198   1.00 81.81  ? 968  ARG A CZ  1 
ATOM   28   N NH1 . ARG A 1 11  ? 5.322   16.664  5.554   1.00 86.87  ? 968  ARG A NH1 1 
ATOM   29   N NH2 . ARG A 1 11  ? 6.932   18.220  6.038   1.00 83.04  ? 968  ARG A NH2 1 
ATOM   30   N N   . ASN A 1 12  ? 5.363   15.801  11.993  1.00 60.23  ? 969  ASN A N   1 
ATOM   31   C CA  . ASN A 1 12  ? 6.047   14.639  12.578  1.00 60.99  ? 969  ASN A CA  1 
ATOM   32   C C   . ASN A 1 12  ? 5.388   14.177  13.866  1.00 56.50  ? 969  ASN A C   1 
ATOM   33   O O   . ASN A 1 12  ? 5.251   12.973  14.100  1.00 56.92  ? 969  ASN A O   1 
ATOM   34   C CB  . ASN A 1 12  ? 7.527   14.953  12.853  1.00 62.09  ? 969  ASN A CB  1 
ATOM   35   C CG  . ASN A 1 12  ? 8.329   15.179  11.583  1.00 67.51  ? 969  ASN A CG  1 
ATOM   36   O OD1 . ASN A 1 12  ? 7.926   14.775  10.485  1.00 71.16  ? 969  ASN A OD1 1 
ATOM   37   N ND2 . ASN A 1 12  ? 9.482   15.829  11.728  1.00 68.72  ? 969  ASN A ND2 1 
ATOM   38   N N   . MET A 1 13  ? 4.994   15.141  14.697  1.00 52.77  ? 970  MET A N   1 
ATOM   39   C CA  . MET A 1 13  ? 4.294   14.865  15.942  1.00 49.97  ? 970  MET A CA  1 
ATOM   40   C C   . MET A 1 13  ? 2.957   14.165  15.670  1.00 47.95  ? 970  MET A C   1 
ATOM   41   O O   . MET A 1 13  ? 2.648   13.154  16.316  1.00 45.39  ? 970  MET A O   1 
ATOM   42   C CB  . MET A 1 13  ? 4.108   16.156  16.759  1.00 49.53  ? 970  MET A CB  1 
ATOM   43   C CG  . MET A 1 13  ? 3.160   16.020  17.945  1.00 51.69  ? 970  MET A CG  1 
ATOM   44   S SD  . MET A 1 13  ? 3.226   17.412  19.093  1.00 50.57  ? 970  MET A SD  1 
ATOM   45   C CE  . MET A 1 13  ? 1.767   17.073  20.075  1.00 45.56  ? 970  MET A CE  1 
ATOM   46   N N   . ARG A 1 14  ? 2.200   14.688  14.695  1.00 43.17  ? 971  ARG A N   1 
ATOM   47   C CA  . ARG A 1 14  ? 0.892   14.145  14.314  1.00 45.83  ? 971  ARG A CA  1 
ATOM   48   C C   . ARG A 1 14  ? 0.974   12.714  13.765  1.00 47.54  ? 971  ARG A C   1 
ATOM   49   O O   . ARG A 1 14  ? 0.191   11.849  14.164  1.00 43.30  ? 971  ARG A O   1 
ATOM   50   C CB  . ARG A 1 14  ? 0.179   15.079  13.318  1.00 44.37  ? 971  ARG A CB  1 
ATOM   51   C CG  . ARG A 1 14  ? -0.544  16.250  13.982  1.00 44.96  ? 971  ARG A CG  1 
ATOM   52   C CD  . ARG A 1 14  ? -1.284  17.146  12.984  1.00 42.08  ? 971  ARG A CD  1 
ATOM   53   N NE  . ARG A 1 14  ? -2.360  16.447  12.285  1.00 41.35  ? 971  ARG A NE  1 
ATOM   54   C CZ  . ARG A 1 14  ? -3.629  16.373  12.693  1.00 42.87  ? 971  ARG A CZ  1 
ATOM   55   N NH1 . ARG A 1 14  ? -4.034  16.984  13.809  1.00 39.87  ? 971  ARG A NH1 1 
ATOM   56   N NH2 . ARG A 1 14  ? -4.511  15.692  11.961  1.00 38.85  ? 971  ARG A NH2 1 
ATOM   57   N N   . ARG A 1 15  ? 1.939   12.468  12.876  1.00 48.57  ? 972  ARG A N   1 
ATOM   58   C CA  . ARG A 1 15  ? 2.142   11.132  12.301  1.00 51.64  ? 972  ARG A CA  1 
ATOM   59   C C   . ARG A 1 15  ? 2.513   10.114  13.385  1.00 51.52  ? 972  ARG A C   1 
ATOM   60   O O   . ARG A 1 15  ? 1.974   9.005   13.409  1.00 50.59  ? 972  ARG A O   1 
ATOM   61   C CB  . ARG A 1 15  ? 3.213   11.154  11.204  1.00 56.03  ? 972  ARG A CB  1 
ATOM   62   C CG  . ARG A 1 15  ? 2.981   12.197  10.119  1.00 64.22  ? 972  ARG A CG  1 
ATOM   63   C CD  . ARG A 1 15  ? 2.592   11.607  8.772   1.00 68.68  ? 972  ARG A CD  1 
ATOM   64   N NE  . ARG A 1 15  ? 2.630   12.637  7.726   1.00 74.30  ? 972  ARG A NE  1 
ATOM   65   C CZ  . ARG A 1 15  ? 3.741   13.117  7.154   1.00 76.50  ? 972  ARG A CZ  1 
ATOM   66   N NH1 . ARG A 1 15  ? 4.947   12.662  7.500   1.00 73.86  ? 972  ARG A NH1 1 
ATOM   67   N NH2 . ARG A 1 15  ? 3.644   14.058  6.224   1.00 80.40  ? 972  ARG A NH2 1 
ATOM   68   N N   . LYS A 1 16  ? 3.408   10.514  14.288  1.00 49.49  ? 973  LYS A N   1 
ATOM   69   C CA  . LYS A 1 16  ? 3.850   9.658   15.386  1.00 52.28  ? 973  LYS A CA  1 
ATOM   70   C C   . LYS A 1 16  ? 2.712   9.359   16.350  1.00 48.87  ? 973  LYS A C   1 
ATOM   71   O O   . LYS A 1 16  ? 2.547   8.219   16.791  1.00 48.80  ? 973  LYS A O   1 
ATOM   72   C CB  . LYS A 1 16  ? 5.030   10.293  16.127  1.00 54.91  ? 973  LYS A CB  1 
ATOM   73   C CG  . LYS A 1 16  ? 6.395   9.851   15.612  1.00 62.53  ? 973  LYS A CG  1 
ATOM   74   C CD  . LYS A 1 16  ? 7.408   10.994  15.592  1.00 65.48  ? 973  LYS A CD  1 
ATOM   75   C CE  . LYS A 1 16  ? 7.989   11.292  16.966  1.00 68.33  ? 973  LYS A CE  1 
ATOM   76   N NZ  . LYS A 1 16  ? 8.676   12.616  16.989  1.00 67.64  ? 973  LYS A NZ  1 
ATOM   77   N N   . LEU A 1 17  ? 1.910   10.379  16.637  1.00 43.38  ? 974  LEU A N   1 
ATOM   78   C CA  . LEU A 1 17  ? 0.809   10.256  17.579  1.00 43.54  ? 974  LEU A CA  1 
ATOM   79   C C   . LEU A 1 17  ? -0.358  9.440   17.052  1.00 42.17  ? 974  LEU A C   1 
ATOM   80   O O   . LEU A 1 17  ? -0.950  8.665   17.803  1.00 40.15  ? 974  LEU A O   1 
ATOM   81   C CB  . LEU A 1 17  ? 0.312   11.632  18.004  1.00 46.53  ? 974  LEU A CB  1 
ATOM   82   C CG  . LEU A 1 17  ? -0.252  11.742  19.411  1.00 48.52  ? 974  LEU A CG  1 
ATOM   83   C CD1 . LEU A 1 17  ? 0.852   11.610  20.454  1.00 47.72  ? 974  LEU A CD1 1 
ATOM   84   C CD2 . LEU A 1 17  ? -0.944  13.082  19.535  1.00 53.35  ? 974  LEU A CD2 1 
ATOM   85   N N   . PHE A 1 18  ? -0.685  9.612   15.769  1.00 38.66  ? 975  PHE A N   1 
ATOM   86   C CA  . PHE A 1 18  ? -1.880  8.986   15.194  1.00 39.61  ? 975  PHE A CA  1 
ATOM   87   C C   . PHE A 1 18  ? -1.640  7.682   14.435  1.00 38.47  ? 975  PHE A C   1 
ATOM   88   O O   . PHE A 1 18  ? -2.597  7.018   14.024  1.00 36.99  ? 975  PHE A O   1 
ATOM   89   C CB  . PHE A 1 18  ? -2.660  9.993   14.338  1.00 39.06  ? 975  PHE A CB  1 
ATOM   90   C CG  . PHE A 1 18  ? -3.177  11.164  15.124  1.00 41.74  ? 975  PHE A CG  1 
ATOM   91   C CD1 . PHE A 1 18  ? -3.927  10.965  16.292  1.00 40.86  ? 975  PHE A CD1 1 
ATOM   92   C CD2 . PHE A 1 18  ? -2.897  12.464  14.723  1.00 42.78  ? 975  PHE A CD2 1 
ATOM   93   C CE1 . PHE A 1 18  ? -4.386  12.046  17.037  1.00 43.09  ? 975  PHE A CE1 1 
ATOM   94   C CE2 . PHE A 1 18  ? -3.357  13.549  15.465  1.00 46.54  ? 975  PHE A CE2 1 
ATOM   95   C CZ  . PHE A 1 18  ? -4.106  13.340  16.620  1.00 43.77  ? 975  PHE A CZ  1 
ATOM   96   N N   . GLY A 1 19  ? -0.368  7.315   14.287  1.00 36.13  ? 976  GLY A N   1 
ATOM   97   C CA  . GLY A 1 19  ? 0.047   6.136   13.531  1.00 35.16  ? 976  GLY A CA  1 
ATOM   98   C C   . GLY A 1 19  ? -0.691  4.866   13.859  1.00 35.19  ? 976  GLY A C   1 
ATOM   99   O O   . GLY A 1 19  ? -1.386  4.324   13.008  1.00 37.44  ? 976  GLY A O   1 
ATOM   100  N N   . VAL A 1 20  ? -0.560  4.401   15.100  1.00 36.91  ? 977  VAL A N   1 
ATOM   101  C CA  . VAL A 1 20  ? -1.222  3.166   15.539  1.00 38.16  ? 977  VAL A CA  1 
ATOM   102  C C   . VAL A 1 20  ? -2.741  3.256   15.496  1.00 38.36  ? 977  VAL A C   1 
ATOM   103  O O   . VAL A 1 20  ? -3.407  2.329   15.015  1.00 41.41  ? 977  VAL A O   1 
ATOM   104  C CB  . VAL A 1 20  ? -0.737  2.738   16.941  1.00 38.59  ? 977  VAL A CB  1 
ATOM   105  C CG1 . VAL A 1 20  ? -1.276  1.369   17.310  1.00 38.81  ? 977  VAL A CG1 1 
ATOM   106  C CG2 . VAL A 1 20  ? 0.778   2.711   16.964  1.00 41.01  ? 977  VAL A CG2 1 
ATOM   107  N N   . LEU A 1 21  ? -3.287  4.375   15.976  1.00 40.09  ? 978  LEU A N   1 
ATOM   108  C CA  . LEU A 1 21  ? -4.741  4.594   15.962  1.00 39.91  ? 978  LEU A CA  1 
ATOM   109  C C   . LEU A 1 21  ? -5.347  4.627   14.574  1.00 37.94  ? 978  LEU A C   1 
ATOM   110  O O   . LEU A 1 21  ? -6.428  4.092   14.366  1.00 40.92  ? 978  LEU A O   1 
ATOM   111  C CB  . LEU A 1 21  ? -5.108  5.881   16.697  1.00 42.11  ? 978  LEU A CB  1 
ATOM   112  C CG  . LEU A 1 21  ? -5.225  5.887   18.221  1.00 43.82  ? 978  LEU A CG  1 
ATOM   113  C CD1 . LEU A 1 21  ? -5.577  7.294   18.673  1.00 44.24  ? 978  LEU A CD1 1 
ATOM   114  C CD2 . LEU A 1 21  ? -6.260  4.894   18.717  1.00 44.50  ? 978  LEU A CD2 1 
ATOM   115  N N   . ARG A 1 22  ? -4.664  5.272   13.628  1.00 38.83  ? 979  ARG A N   1 
ATOM   116  C CA  . ARG A 1 22  ? -5.157  5.336   12.244  1.00 43.32  ? 979  ARG A CA  1 
ATOM   117  C C   . ARG A 1 22  ? -5.157  3.957   11.613  1.00 40.71  ? 979  ARG A C   1 
ATOM   118  O O   . ARG A 1 22  ? -6.120  3.566   10.974  1.00 43.31  ? 979  ARG A O   1 
ATOM   119  C CB  . ARG A 1 22  ? -4.322  6.302   11.400  1.00 46.17  ? 979  ARG A CB  1 
ATOM   120  C CG  . ARG A 1 22  ? -4.991  7.644   11.142  1.00 50.64  ? 979  ARG A CG  1 
ATOM   121  C CD  . ARG A 1 22  ? -3.952  8.724   10.864  1.00 53.12  ? 979  ARG A CD  1 
ATOM   122  N NE  . ARG A 1 22  ? -3.853  9.272   9.492   1.00 59.27  ? 979  ARG A NE  1 
ATOM   123  C CZ  . ARG A 1 22  ? -4.353  8.765   8.356   1.00 60.47  ? 979  ARG A CZ  1 
ATOM   124  N NH1 . ARG A 1 22  ? -5.038  7.635   8.327   1.00 60.10  ? 979  ARG A NH1 1 
ATOM   125  N NH2 . ARG A 1 22  ? -4.150  9.414   7.218   1.00 61.00  ? 979  ARG A NH2 1 
ATOM   126  N N   . LEU A 1 23  ? -4.073  3.219   11.831  1.00 40.95  ? 980  LEU A N   1 
ATOM   127  C CA  . LEU A 1 23  ? -3.935  1.847   11.354  1.00 41.53  ? 980  LEU A CA  1 
ATOM   128  C C   . LEU A 1 23  ? -5.011  0.938   11.943  1.00 40.30  ? 980  LEU A C   1 
ATOM   129  O O   . LEU A 1 23  ? -5.611  0.144   11.224  1.00 38.29  ? 980  LEU A O   1 
ATOM   130  C CB  . LEU A 1 23  ? -2.535  1.335   11.684  1.00 44.66  ? 980  LEU A CB  1 
ATOM   131  C CG  . LEU A 1 23  ? -1.944  -0.030  11.304  1.00 50.98  ? 980  LEU A CG  1 
ATOM   132  C CD1 . LEU A 1 23  ? -2.607  -0.728  10.120  1.00 48.98  ? 980  LEU A CD1 1 
ATOM   133  C CD2 . LEU A 1 23  ? -0.448  0.153   11.054  1.00 51.08  ? 980  LEU A CD2 1 
ATOM   134  N N   . LYS A 1 24  ? -5.259  1.072   13.244  1.00 39.39  ? 981  LYS A N   1 
ATOM   135  C CA  . LYS A 1 24  ? -6.326  0.326   13.917  1.00 41.28  ? 981  LYS A CA  1 
ATOM   136  C C   . LYS A 1 24  ? -7.680  0.621   13.277  1.00 42.40  ? 981  LYS A C   1 
ATOM   137  O O   . LYS A 1 24  ? -8.436  -0.292  12.955  1.00 43.95  ? 981  LYS A O   1 
ATOM   138  C CB  . LYS A 1 24  ? -6.342  0.651   15.426  1.00 44.23  ? 981  LYS A CB  1 
ATOM   139  C CG  . LYS A 1 24  ? -7.536  0.112   16.209  1.00 49.24  ? 981  LYS A CG  1 
ATOM   140  C CD  . LYS A 1 24  ? -7.407  -1.379  16.505  1.00 53.41  ? 981  LYS A CD  1 
ATOM   141  C CE  . LYS A 1 24  ? -8.751  -2.089  16.377  1.00 56.90  ? 981  LYS A CE  1 
ATOM   142  N NZ  . LYS A 1 24  ? -8.705  -3.512  16.838  1.00 57.31  ? 981  LYS A NZ  1 
ATOM   143  N N   . CYS A 1 25  ? -7.953  1.906   13.059  1.00 42.76  ? 982  CYS A N   1 
ATOM   144  C CA  . CYS A 1 25  ? -9.210  2.357   12.495  1.00 41.64  ? 982  CYS A CA  1 
ATOM   145  C C   . CYS A 1 25  ? -9.423  1.844   11.070  1.00 41.98  ? 982  CYS A C   1 
ATOM   146  O O   . CYS A 1 25  ? -10.482 1.313   10.754  1.00 41.86  ? 982  CYS A O   1 
ATOM   147  C CB  . CYS A 1 25  ? -9.280  3.877   12.549  1.00 45.18  ? 982  CYS A CB  1 
ATOM   148  S SG  . CYS A 1 25  ? -10.897 4.543   12.111  1.00 56.57  ? 982  CYS A SG  1 
ATOM   149  N N   . HIS A 1 26  ? -8.409  1.985   10.218  1.00 42.53  ? 983  HIS A N   1 
ATOM   150  C CA  . HIS A 1 26  ? -8.490  1.474   8.850   1.00 39.67  ? 983  HIS A CA  1 
ATOM   151  C C   . HIS A 1 26  ? -8.705  -0.023  8.799   1.00 40.56  ? 983  HIS A C   1 
ATOM   152  O O   . HIS A 1 26  ? -9.437  -0.514  7.934   1.00 42.71  ? 983  HIS A O   1 
ATOM   153  C CB  . HIS A 1 26  ? -7.248  1.838   8.054   1.00 40.92  ? 983  HIS A CB  1 
ATOM   154  C CG  . HIS A 1 26  ? -7.145  3.292   7.737   1.00 41.37  ? 983  HIS A CG  1 
ATOM   155  N ND1 . HIS A 1 26  ? -8.137  3.978   7.070   1.00 41.77  ? 983  HIS A ND1 1 
ATOM   156  C CD2 . HIS A 1 26  ? -6.168  4.193   7.992   1.00 41.23  ? 983  HIS A CD2 1 
ATOM   157  C CE1 . HIS A 1 26  ? -7.777  5.242   6.935   1.00 42.87  ? 983  HIS A CE1 1 
ATOM   158  N NE2 . HIS A 1 26  ? -6.587  5.397   7.486   1.00 43.41  ? 983  HIS A NE2 1 
ATOM   159  N N   . SER A 1 27  ? -8.093  -0.744  9.740   1.00 38.98  ? 984  SER A N   1 
ATOM   160  C CA  . SER A 1 27  ? -8.186  -2.200  9.783   1.00 39.69  ? 984  SER A CA  1 
ATOM   161  C C   . SER A 1 27  ? -9.612  -2.692  10.062  1.00 41.65  ? 984  SER A C   1 
ATOM   162  O O   . SER A 1 27  ? -9.913  -3.874  9.870   1.00 42.16  ? 984  SER A O   1 
ATOM   163  C CB  . SER A 1 27  ? -7.204  -2.779  10.810  1.00 39.31  ? 984  SER A CB  1 
ATOM   164  O OG  . SER A 1 27  ? -7.772  -2.792  12.113  1.00 39.69  ? 984  SER A OG  1 
ATOM   165  N N   . LEU A 1 28  ? -10.483 -1.784  10.504  1.00 41.70  ? 985  LEU A N   1 
ATOM   166  C CA  . LEU A 1 28  ? -11.851 -2.141  10.885  1.00 42.55  ? 985  LEU A CA  1 
ATOM   167  C C   . LEU A 1 28  ? -12.799 -2.072  9.691   1.00 42.93  ? 985  LEU A C   1 
ATOM   168  O O   . LEU A 1 28  ? -13.963 -2.464  9.785   1.00 45.11  ? 985  LEU A O   1 
ATOM   169  C CB  . LEU A 1 28  ? -12.343 -1.256  12.043  1.00 45.74  ? 985  LEU A CB  1 
ATOM   170  C CG  . LEU A 1 28  ? -11.575 -1.323  13.376  1.00 45.59  ? 985  LEU A CG  1 
ATOM   171  C CD1 . LEU A 1 28  ? -12.087 -0.284  14.362  1.00 45.28  ? 985  LEU A CD1 1 
ATOM   172  C CD2 . LEU A 1 28  ? -11.637 -2.714  13.993  1.00 47.49  ? 985  LEU A CD2 1 
ATOM   173  N N   . PHE A 1 29  ? -12.277 -1.602  8.558   1.00 42.30  ? 986  PHE A N   1 
ATOM   174  C CA  . PHE A 1 29  ? -13.062 -1.402  7.354   1.00 39.61  ? 986  PHE A CA  1 
ATOM   175  C C   . PHE A 1 29  ? -12.538 -2.226  6.172   1.00 42.05  ? 986  PHE A C   1 
ATOM   176  O O   . PHE A 1 29  ? -12.580 -1.777  5.019   1.00 43.71  ? 986  PHE A O   1 
ATOM   177  C CB  . PHE A 1 29  ? -13.105 0.090   7.004   1.00 41.15  ? 986  PHE A CB  1 
ATOM   178  C CG  . PHE A 1 29  ? -13.848 0.929   8.011   1.00 41.80  ? 986  PHE A CG  1 
ATOM   179  C CD1 . PHE A 1 29  ? -15.233 1.084   7.923   1.00 44.15  ? 986  PHE A CD1 1 
ATOM   180  C CD2 . PHE A 1 29  ? -13.171 1.572   9.046   1.00 40.64  ? 986  PHE A CD2 1 
ATOM   181  C CE1 . PHE A 1 29  ? -15.929 1.864   8.845   1.00 43.53  ? 986  PHE A CE1 1 
ATOM   182  C CE2 . PHE A 1 29  ? -13.862 2.345   9.979   1.00 43.44  ? 986  PHE A CE2 1 
ATOM   183  C CZ  . PHE A 1 29  ? -15.244 2.493   9.875   1.00 43.09  ? 986  PHE A CZ  1 
ATOM   184  N N   . LEU A 1 30  ? -12.063 -3.437  6.461   1.00 40.50  ? 987  LEU A N   1 
ATOM   185  C CA  . LEU A 1 30  ? -11.456 -4.300  5.441   1.00 41.38  ? 987  LEU A CA  1 
ATOM   186  C C   . LEU A 1 30  ? -12.311 -5.536  5.128   1.00 44.44  ? 987  LEU A C   1 
ATOM   187  O O   . LEU A 1 30  ? -11.948 -6.355  4.274   1.00 45.02  ? 987  LEU A O   1 
ATOM   188  C CB  . LEU A 1 30  ? -10.037 -4.720  5.870   1.00 40.63  ? 987  LEU A CB  1 
ATOM   189  C CG  . LEU A 1 30  ? -8.996  -3.632  6.159   1.00 40.37  ? 987  LEU A CG  1 
ATOM   190  C CD1 . LEU A 1 30  ? -7.650  -4.256  6.500   1.00 38.95  ? 987  LEU A CD1 1 
ATOM   191  C CD2 . LEU A 1 30  ? -8.840  -2.649  5.001   1.00 38.52  ? 987  LEU A CD2 1 
ATOM   192  N N   . ASP A 1 31  ? -13.459 -5.641  5.799   1.00 45.51  ? 988  ASP A N   1 
ATOM   193  C CA  . ASP A 1 31  ? -14.319 -6.823  5.732   1.00 48.08  ? 988  ASP A CA  1 
ATOM   194  C C   . ASP A 1 31  ? -15.376 -6.660  4.640   1.00 48.69  ? 988  ASP A C   1 
ATOM   195  O O   . ASP A 1 31  ? -16.372 -5.949  4.830   1.00 49.92  ? 988  ASP A O   1 
ATOM   196  C CB  . ASP A 1 31  ? -14.976 -7.065  7.101   1.00 50.89  ? 988  ASP A CB  1 
ATOM   197  C CG  . ASP A 1 31  ? -15.800 -8.352  7.159   1.00 54.33  ? 988  ASP A CG  1 
ATOM   198  O OD1 . ASP A 1 31  ? -15.798 -9.150  6.188   1.00 54.60  ? 988  ASP A OD1 1 
ATOM   199  O OD2 . ASP A 1 31  ? -16.451 -8.567  8.204   1.00 54.80  ? 988  ASP A OD2 1 
ATOM   200  N N   . LEU A 1 32  ? -15.152 -7.341  3.513   1.00 46.97  ? 989  LEU A N   1 
ATOM   201  C CA  . LEU A 1 32  ? -16.027 -7.294  2.334   1.00 46.95  ? 989  LEU A CA  1 
ATOM   202  C C   . LEU A 1 32  ? -17.425 -7.872  2.563   1.00 51.35  ? 989  LEU A C   1 
ATOM   203  O O   . LEU A 1 32  ? -18.334 -7.643  1.760   1.00 52.96  ? 989  LEU A O   1 
ATOM   204  C CB  . LEU A 1 32  ? -15.371 -8.020  1.155   1.00 48.08  ? 989  LEU A CB  1 
ATOM   205  C CG  . LEU A 1 32  ? -14.231 -7.316  0.415   1.00 47.34  ? 989  LEU A CG  1 
ATOM   206  C CD1 . LEU A 1 32  ? -13.366 -8.332  -0.316  1.00 47.28  ? 989  LEU A CD1 1 
ATOM   207  C CD2 . LEU A 1 32  ? -14.781 -6.299  -0.567  1.00 47.88  ? 989  LEU A CD2 1 
ATOM   208  N N   . GLN A 1 33  ? -17.589 -8.633  3.643   1.00 51.24  ? 990  GLN A N   1 
ATOM   209  C CA  . GLN A 1 33  ? -18.900 -9.115  4.059   1.00 54.51  ? 990  GLN A CA  1 
ATOM   210  C C   . GLN A 1 33  ? -19.841 -7.945  4.380   1.00 58.55  ? 990  GLN A C   1 
ATOM   211  O O   . GLN A 1 33  ? -21.029 -7.994  4.041   1.00 59.42  ? 990  GLN A O   1 
ATOM   212  C CB  . GLN A 1 33  ? -18.761 -10.058 5.264   1.00 53.85  ? 990  GLN A CB  1 
ATOM   213  C CG  . GLN A 1 33  ? -20.053 -10.720 5.743   1.00 54.01  ? 990  GLN A CG  1 
ATOM   214  C CD  . GLN A 1 33  ? -20.651 -11.707 4.745   1.00 53.92  ? 990  GLN A CD  1 
ATOM   215  O OE1 . GLN A 1 33  ? -19.948 -12.306 3.931   1.00 53.37  ? 990  GLN A OE1 1 
ATOM   216  N NE2 . GLN A 1 33  ? -21.960 -11.896 4.828   1.00 52.01  ? 990  GLN A NE2 1 
ATOM   217  N N   . VAL A 1 34  ? -19.286 -6.892  4.990   1.00 57.83  ? 991  VAL A N   1 
ATOM   218  C CA  . VAL A 1 34  ? -20.067 -5.775  5.548   1.00 61.03  ? 991  VAL A CA  1 
ATOM   219  C C   . VAL A 1 34  ? -19.769 -4.432  4.847   1.00 61.06  ? 991  VAL A C   1 
ATOM   220  O O   . VAL A 1 34  ? -20.543 -3.478  4.956   1.00 66.67  ? 991  VAL A O   1 
ATOM   221  C CB  . VAL A 1 34  ? -19.842 -5.638  7.083   1.00 62.36  ? 991  VAL A CB  1 
ATOM   222  C CG1 . VAL A 1 34  ? -20.845 -4.670  7.704   1.00 65.56  ? 991  VAL A CG1 1 
ATOM   223  C CG2 . VAL A 1 34  ? -19.955 -6.995  7.775   1.00 64.19  ? 991  VAL A CG2 1 
ATOM   224  N N   . ASN A 1 35  ? -18.660 -4.367  4.117   1.00 58.00  ? 992  ASN A N   1 
ATOM   225  C CA  . ASN A 1 35  ? -18.232 -3.120  3.484   1.00 56.53  ? 992  ASN A CA  1 
ATOM   226  C C   . ASN A 1 35  ? -18.197 -3.273  1.980   1.00 56.03  ? 992  ASN A C   1 
ATOM   227  O O   . ASN A 1 35  ? -18.033 -4.380  1.471   1.00 55.73  ? 992  ASN A O   1 
ATOM   228  C CB  . ASN A 1 35  ? -16.843 -2.710  3.989   1.00 51.28  ? 992  ASN A CB  1 
ATOM   229  C CG  . ASN A 1 35  ? -16.818 -2.470  5.479   1.00 51.80  ? 992  ASN A CG  1 
ATOM   230  O OD1 . ASN A 1 35  ? -17.113 -1.369  5.947   1.00 55.70  ? 992  ASN A OD1 1 
ATOM   231  N ND2 . ASN A 1 35  ? -16.466 -3.501  6.238   1.00 48.17  ? 992  ASN A ND2 1 
ATOM   232  N N   . SER A 1 36  ? -18.339 -2.156  1.272   1.00 57.38  ? 993  SER A N   1 
ATOM   233  C CA  . SER A 1 36  ? -18.171 -2.134  -0.176  1.00 57.28  ? 993  SER A CA  1 
ATOM   234  C C   . SER A 1 36  ? -16.722 -2.420  -0.549  1.00 59.98  ? 993  SER A C   1 
ATOM   235  O O   . SER A 1 36  ? -15.807 -2.199  0.253   1.00 61.01  ? 993  SER A O   1 
ATOM   236  C CB  . SER A 1 36  ? -18.594 -0.781  -0.740  1.00 58.35  ? 993  SER A CB  1 
ATOM   237  O OG  . SER A 1 36  ? -18.147 -0.617  -2.077  1.00 58.13  ? 993  SER A OG  1 
ATOM   238  N N   . LEU A 1 37  ? -16.529 -2.906  -1.772  1.00 58.07  ? 994  LEU A N   1 
ATOM   239  C CA  . LEU A 1 37  ? -15.206 -3.144  -2.323  1.00 58.76  ? 994  LEU A CA  1 
ATOM   240  C C   . LEU A 1 37  ? -14.391 -1.855  -2.421  1.00 61.01  ? 994  LEU A C   1 
ATOM   241  O O   . LEU A 1 37  ? -13.176 -1.866  -2.198  1.00 63.68  ? 994  LEU A O   1 
ATOM   242  C CB  . LEU A 1 37  ? -15.320 -3.817  -3.691  1.00 59.37  ? 994  LEU A CB  1 
ATOM   243  C CG  . LEU A 1 37  ? -14.056 -4.072  -4.514  1.00 57.97  ? 994  LEU A CG  1 
ATOM   244  C CD1 . LEU A 1 37  ? -13.332 -5.335  -4.063  1.00 57.04  ? 994  LEU A CD1 1 
ATOM   245  C CD2 . LEU A 1 37  ? -14.449 -4.170  -5.974  1.00 60.14  ? 994  LEU A CD2 1 
ATOM   246  N N   . GLN A 1 38  ? -15.064 -0.754  -2.743  1.00 61.11  ? 995  GLN A N   1 
ATOM   247  C CA  . GLN A 1 38  ? -14.421 0.553   -2.831  1.00 62.50  ? 995  GLN A CA  1 
ATOM   248  C C   . GLN A 1 38  ? -13.862 1.001   -1.483  1.00 58.93  ? 995  GLN A C   1 
ATOM   249  O O   . GLN A 1 38  ? -12.763 1.551   -1.418  1.00 57.73  ? 995  GLN A O   1 
ATOM   250  C CB  . GLN A 1 38  ? -15.392 1.599   -3.392  1.00 66.19  ? 995  GLN A CB  1 
ATOM   251  C CG  . GLN A 1 38  ? -14.726 2.877   -3.904  1.00 74.34  ? 995  GLN A CG  1 
ATOM   252  C CD  . GLN A 1 38  ? -13.695 2.635   -5.004  1.00 77.97  ? 995  GLN A CD  1 
ATOM   253  O OE1 . GLN A 1 38  ? -13.823 1.714   -5.817  1.00 81.47  ? 995  GLN A OE1 1 
ATOM   254  N NE2 . GLN A 1 38  ? -12.668 3.477   -5.037  1.00 83.60  ? 995  GLN A NE2 1 
ATOM   255  N N   . THR A 1 39  ? -14.626 0.745   -0.422  1.00 55.06  ? 996  THR A N   1 
ATOM   256  C CA  . THR A 1 39  ? -14.242 1.065   0.950   1.00 49.89  ? 996  THR A CA  1 
ATOM   257  C C   . THR A 1 39  ? -13.024 0.227   1.375   1.00 50.12  ? 996  THR A C   1 
ATOM   258  O O   . THR A 1 39  ? -12.033 0.767   1.865   1.00 49.23  ? 996  THR A O   1 
ATOM   259  C CB  . THR A 1 39  ? -15.434 0.839   1.908   1.00 49.86  ? 996  THR A CB  1 
ATOM   260  O OG1 . THR A 1 39  ? -16.564 1.572   1.428   1.00 49.90  ? 996  THR A OG1 1 
ATOM   261  C CG2 . THR A 1 39  ? -15.116 1.308   3.315   1.00 48.60  ? 996  THR A CG2 1 
ATOM   262  N N   . VAL A 1 40  ? -13.097 -1.079  1.126   1.00 49.05  ? 997  VAL A N   1 
ATOM   263  C CA  . VAL A 1 40  ? -12.026 -2.015  1.461   1.00 46.93  ? 997  VAL A CA  1 
ATOM   264  C C   . VAL A 1 40  ? -10.719 -1.648  0.754   1.00 47.41  ? 997  VAL A C   1 
ATOM   265  O O   . VAL A 1 40  ? -9.650  -1.668  1.371   1.00 44.75  ? 997  VAL A O   1 
ATOM   266  C CB  . VAL A 1 40  ? -12.454 -3.473  1.153   1.00 44.39  ? 997  VAL A CB  1 
ATOM   267  C CG1 . VAL A 1 40  ? -11.268 -4.429  1.181   1.00 42.92  ? 997  VAL A CG1 1 
ATOM   268  C CG2 . VAL A 1 40  ? -13.521 -3.916  2.137   1.00 40.66  ? 997  VAL A CG2 1 
ATOM   269  N N   . CYS A 1 41  ? -10.825 -1.280  -0.526  1.00 47.96  ? 998  CYS A N   1 
ATOM   270  C CA  . CYS A 1 41  ? -9.667  -0.875  -1.329  1.00 49.82  ? 998  CYS A CA  1 
ATOM   271  C C   . CYS A 1 41  ? -9.067  0.448   -0.877  1.00 50.51  ? 998  CYS A C   1 
ATOM   272  O O   . CYS A 1 41  ? -7.848  0.596   -0.865  1.00 47.04  ? 998  CYS A O   1 
ATOM   273  C CB  . CYS A 1 41  ? -10.025 -0.814  -2.813  1.00 54.60  ? 998  CYS A CB  1 
ATOM   274  S SG  . CYS A 1 41  ? -10.258 -2.444  -3.556  1.00 59.26  ? 998  CYS A SG  1 
ATOM   275  N N   . THR A 1 42  ? -9.927  1.400   -0.507  1.00 52.79  ? 999  THR A N   1 
ATOM   276  C CA  . THR A 1 42  ? -9.497  2.708   0.009   1.00 52.26  ? 999  THR A CA  1 
ATOM   277  C C   . THR A 1 42  ? -8.752  2.554   1.345   1.00 50.33  ? 999  THR A C   1 
ATOM   278  O O   . THR A 1 42  ? -7.664  3.111   1.527   1.00 50.51  ? 999  THR A O   1 
ATOM   279  C CB  . THR A 1 42  ? -10.700 3.683   0.141   1.00 56.56  ? 999  THR A CB  1 
ATOM   280  O OG1 . THR A 1 42  ? -11.274 3.905   -1.154  1.00 57.32  ? 999  THR A OG1 1 
ATOM   281  C CG2 . THR A 1 42  ? -10.278 5.032   0.725   1.00 57.18  ? 999  THR A CG2 1 
ATOM   282  N N   . ASN A 1 43  ? -9.310  1.752   2.248   1.00 47.57  ? 1000 ASN A N   1 
ATOM   283  C CA  . ASN A 1 43  ? -8.748  1.605   3.588   1.00 47.47  ? 1000 ASN A CA  1 
ATOM   284  C C   . ASN A 1 43  ? -7.445  0.812   3.640   1.00 46.46  ? 1000 ASN A C   1 
ATOM   285  O O   . ASN A 1 43  ? -6.556  1.143   4.426   1.00 46.82  ? 1000 ASN A O   1 
ATOM   286  C CB  . ASN A 1 43  ? -9.778  1.039   4.550   1.00 45.97  ? 1000 ASN A CB  1 
ATOM   287  C CG  . ASN A 1 43  ? -10.876 2.030   4.859   1.00 45.37  ? 1000 ASN A CG  1 
ATOM   288  O OD1 . ASN A 1 43  ? -10.783 2.802   5.812   1.00 46.19  ? 1000 ASN A OD1 1 
ATOM   289  N ND2 . ASN A 1 43  ? -11.914 2.028   4.043   1.00 42.78  ? 1000 ASN A ND2 1 
ATOM   290  N N   . ILE A 1 44  ? -7.320  -0.215  2.804   1.00 44.50  ? 1001 ILE A N   1 
ATOM   291  C CA  . ILE A 1 44  ? -6.047  -0.924  2.679   1.00 46.24  ? 1001 ILE A CA  1 
ATOM   292  C C   . ILE A 1 44  ? -4.979  -0.032  2.025   1.00 46.29  ? 1001 ILE A C   1 
ATOM   293  O O   . ILE A 1 44  ? -3.808  -0.090  2.389   1.00 46.57  ? 1001 ILE A O   1 
ATOM   294  C CB  . ILE A 1 44  ? -6.186  -2.310  1.975   1.00 48.90  ? 1001 ILE A CB  1 
ATOM   295  C CG1 . ILE A 1 44  ? -4.966  -3.207  2.263   1.00 51.58  ? 1001 ILE A CG1 1 
ATOM   296  C CG2 . ILE A 1 44  ? -6.386  -2.167  0.476   1.00 47.28  ? 1001 ILE A CG2 1 
ATOM   297  C CD1 . ILE A 1 44  ? -4.903  -3.756  3.680   1.00 50.33  ? 1001 ILE A CD1 1 
ATOM   298  N N   . TYR A 1 45  ? -5.401  0.809   1.085   1.00 44.75  ? 1002 TYR A N   1 
ATOM   299  C CA  . TYR A 1 45  ? -4.499  1.739   0.426   1.00 43.58  ? 1002 TYR A CA  1 
ATOM   300  C C   . TYR A 1 45  ? -3.999  2.799   1.397   1.00 42.76  ? 1002 TYR A C   1 
ATOM   301  O O   . TYR A 1 45  ? -2.820  3.124   1.397   1.00 46.47  ? 1002 TYR A O   1 
ATOM   302  C CB  . TYR A 1 45  ? -5.174  2.387   -0.786  1.00 43.46  ? 1002 TYR A CB  1 
ATOM   303  C CG  . TYR A 1 45  ? -4.420  3.562   -1.347  1.00 43.52  ? 1002 TYR A CG  1 
ATOM   304  C CD1 . TYR A 1 45  ? -3.347  3.374   -2.214  1.00 41.58  ? 1002 TYR A CD1 1 
ATOM   305  C CD2 . TYR A 1 45  ? -4.772  4.874   -0.996  1.00 44.07  ? 1002 TYR A CD2 1 
ATOM   306  C CE1 . TYR A 1 45  ? -2.644  4.459   -2.722  1.00 42.86  ? 1002 TYR A CE1 1 
ATOM   307  C CE2 . TYR A 1 45  ? -4.077  5.962   -1.500  1.00 42.35  ? 1002 TYR A CE2 1 
ATOM   308  C CZ  . TYR A 1 45  ? -3.023  5.751   -2.369  1.00 44.39  ? 1002 TYR A CZ  1 
ATOM   309  O OH  . TYR A 1 45  ? -2.332  6.838   -2.867  1.00 51.45  ? 1002 TYR A OH  1 
ATOM   310  N N   . LYS A 1 46  ? -4.903  3.331   2.214   1.00 43.62  ? 1003 LYS A N   1 
ATOM   311  C CA  . LYS A 1 46  ? -4.547  4.309   3.233   1.00 44.51  ? 1003 LYS A CA  1 
ATOM   312  C C   . LYS A 1 46  ? -3.608  3.727   4.288   1.00 42.97  ? 1003 LYS A C   1 
ATOM   313  O O   . LYS A 1 46  ? -2.760  4.443   4.824   1.00 44.63  ? 1003 LYS A O   1 
ATOM   314  C CB  . LYS A 1 46  ? -5.805  4.899   3.878   1.00 49.16  ? 1003 LYS A CB  1 
ATOM   315  C CG  . LYS A 1 46  ? -6.493  5.947   3.019   1.00 51.01  ? 1003 LYS A CG  1 
ATOM   316  C CD  . LYS A 1 46  ? -7.743  6.476   3.695   1.00 59.24  ? 1003 LYS A CD  1 
ATOM   317  C CE  . LYS A 1 46  ? -8.259  7.737   3.019   1.00 62.12  ? 1003 LYS A CE  1 
ATOM   318  N NZ  . LYS A 1 46  ? -9.447  8.265   3.748   1.00 67.61  ? 1003 LYS A NZ  1 
ATOM   319  N N   . ILE A 1 47  ? -3.756  2.430   4.564   1.00 41.09  ? 1004 ILE A N   1 
ATOM   320  C CA  . ILE A 1 47  ? -2.799  1.683   5.387   1.00 38.72  ? 1004 ILE A CA  1 
ATOM   321  C C   . ILE A 1 47  ? -1.429  1.637   4.719   1.00 38.45  ? 1004 ILE A C   1 
ATOM   322  O O   . ILE A 1 47  ? -0.419  1.895   5.365   1.00 40.07  ? 1004 ILE A O   1 
ATOM   323  C CB  . ILE A 1 47  ? -3.296  0.247   5.705   1.00 38.02  ? 1004 ILE A CB  1 
ATOM   324  C CG1 . ILE A 1 47  ? -4.355  0.283   6.800   1.00 36.10  ? 1004 ILE A CG1 1 
ATOM   325  C CG2 . ILE A 1 47  ? -2.157  -0.653  6.184   1.00 40.65  ? 1004 ILE A CG2 1 
ATOM   326  C CD1 . ILE A 1 47  ? -5.148  -1.008  6.937   1.00 33.06  ? 1004 ILE A CD1 1 
ATOM   327  N N   . LEU A 1 48  ? -1.404  1.328   3.419   1.00 39.67  ? 1005 LEU A N   1 
ATOM   328  C CA  . LEU A 1 48  ? -0.146  1.163   2.693   1.00 38.34  ? 1005 LEU A CA  1 
ATOM   329  C C   . LEU A 1 48  ? 0.580   2.493   2.512   1.00 38.38  ? 1005 LEU A C   1 
ATOM   330  O O   . LEU A 1 48  ? 1.814   2.535   2.494   1.00 36.23  ? 1005 LEU A O   1 
ATOM   331  C CB  . LEU A 1 48  ? -0.374  0.481   1.340   1.00 38.98  ? 1005 LEU A CB  1 
ATOM   332  C CG  . LEU A 1 48  ? -0.819  -0.989  1.327   1.00 38.46  ? 1005 LEU A CG  1 
ATOM   333  C CD1 . LEU A 1 48  ? -1.628  -1.296  0.076   1.00 38.38  ? 1005 LEU A CD1 1 
ATOM   334  C CD2 . LEU A 1 48  ? 0.358   -1.945  1.452   1.00 40.47  ? 1005 LEU A CD2 1 
ATOM   335  N N   . LEU A 1 49  ? -0.195  3.571   2.386   1.00 37.77  ? 1006 LEU A N   1 
ATOM   336  C CA  . LEU A 1 49  ? 0.349   4.909   2.253   1.00 41.00  ? 1006 LEU A CA  1 
ATOM   337  C C   . LEU A 1 49  ? 0.974   5.373   3.561   1.00 41.24  ? 1006 LEU A C   1 
ATOM   338  O O   . LEU A 1 49  ? 2.042   5.983   3.569   1.00 44.36  ? 1006 LEU A O   1 
ATOM   339  C CB  . LEU A 1 49  ? -0.735  5.896   1.806   1.00 43.15  ? 1006 LEU A CB  1 
ATOM   340  C CG  . LEU A 1 49  ? -0.211  7.267   1.368   1.00 46.15  ? 1006 LEU A CG  1 
ATOM   341  C CD1 . LEU A 1 49  ? 0.800   7.147   0.229   1.00 45.06  ? 1006 LEU A CD1 1 
ATOM   342  C CD2 . LEU A 1 49  ? -1.356  8.192   0.987   1.00 47.09  ? 1006 LEU A CD2 1 
ATOM   343  N N   . LEU A 1 50  ? 0.293   5.076   4.659   1.00 41.08  ? 1007 LEU A N   1 
ATOM   344  C CA  . LEU A 1 50  ? 0.803   5.303   5.998   1.00 41.18  ? 1007 LEU A CA  1 
ATOM   345  C C   . LEU A 1 50  ? 2.137   4.580   6.170   1.00 40.55  ? 1007 LEU A C   1 
ATOM   346  O O   . LEU A 1 50  ? 3.096   5.144   6.678   1.00 39.62  ? 1007 LEU A O   1 
ATOM   347  C CB  . LEU A 1 50  ? -0.219  4.780   7.008   1.00 44.20  ? 1007 LEU A CB  1 
ATOM   348  C CG  . LEU A 1 50  ? -0.411  5.383   8.403   1.00 49.38  ? 1007 LEU A CG  1 
ATOM   349  C CD1 . LEU A 1 50  ? -0.314  6.902   8.424   1.00 49.83  ? 1007 LEU A CD1 1 
ATOM   350  C CD2 . LEU A 1 50  ? -1.765  4.932   8.942   1.00 47.19  ? 1007 LEU A CD2 1 
ATOM   351  N N   . GLN A 1 51  ? 2.186   3.337   5.705   1.00 39.20  ? 1008 GLN A N   1 
ATOM   352  C CA  . GLN A 1 51  ? 3.393   2.540   5.727   1.00 39.96  ? 1008 GLN A CA  1 
ATOM   353  C C   . GLN A 1 51  ? 4.548   3.137   4.889   1.00 40.75  ? 1008 GLN A C   1 
ATOM   354  O O   . GLN A 1 51  ? 5.705   3.128   5.325   1.00 40.46  ? 1008 GLN A O   1 
ATOM   355  C CB  . GLN A 1 51  ? 3.050   1.119   5.308   1.00 43.02  ? 1008 GLN A CB  1 
ATOM   356  C CG  . GLN A 1 51  ? 3.880   0.044   5.987   1.00 49.41  ? 1008 GLN A CG  1 
ATOM   357  C CD  . GLN A 1 51  ? 3.765   0.004   7.507   1.00 48.94  ? 1008 GLN A CD  1 
ATOM   358  O OE1 . GLN A 1 51  ? 2.797   0.492   8.109   1.00 47.03  ? 1008 GLN A OE1 1 
ATOM   359  N NE2 . GLN A 1 51  ? 4.752   -0.618  8.132   1.00 47.73  ? 1008 GLN A NE2 1 
ATOM   360  N N   . ALA A 1 52  ? 4.212   3.709   3.730   1.00 39.86  ? 1009 ALA A N   1 
ATOM   361  C CA  . ALA A 1 52  ? 5.183   4.404   2.859   1.00 39.33  ? 1009 ALA A CA  1 
ATOM   362  C C   . ALA A 1 52  ? 5.813   5.633   3.509   1.00 40.04  ? 1009 ALA A C   1 
ATOM   363  O O   . ALA A 1 52  ? 6.994   5.938   3.271   1.00 38.99  ? 1009 ALA A O   1 
ATOM   364  C CB  . ALA A 1 52  ? 4.522   4.789   1.534   1.00 41.05  ? 1009 ALA A CB  1 
ATOM   365  N N   . TYR A 1 53  ? 5.026   6.347   4.314   1.00 40.92  ? 1010 TYR A N   1 
ATOM   366  C CA  . TYR A 1 53  ? 5.530   7.496   5.061   1.00 41.20  ? 1010 TYR A CA  1 
ATOM   367  C C   . TYR A 1 53  ? 6.466   7.055   6.167   1.00 40.45  ? 1010 TYR A C   1 
ATOM   368  O O   . TYR A 1 53  ? 7.487   7.697   6.415   1.00 41.54  ? 1010 TYR A O   1 
ATOM   369  C CB  . TYR A 1 53  ? 4.379   8.314   5.644   1.00 45.06  ? 1010 TYR A CB  1 
ATOM   370  C CG  . TYR A 1 53  ? 3.841   9.371   4.707   1.00 49.05  ? 1010 TYR A CG  1 
ATOM   371  C CD1 . TYR A 1 53  ? 2.854   9.062   3.767   1.00 52.10  ? 1010 TYR A CD1 1 
ATOM   372  C CD2 . TYR A 1 53  ? 4.310   10.685  4.764   1.00 50.73  ? 1010 TYR A CD2 1 
ATOM   373  C CE1 . TYR A 1 53  ? 2.351   10.031  2.905   1.00 53.70  ? 1010 TYR A CE1 1 
ATOM   374  C CE2 . TYR A 1 53  ? 3.813   11.663  3.908   1.00 55.26  ? 1010 TYR A CE2 1 
ATOM   375  C CZ  . TYR A 1 53  ? 2.832   11.330  2.983   1.00 55.90  ? 1010 TYR A CZ  1 
ATOM   376  O OH  . TYR A 1 53  ? 2.337   12.293  2.129   1.00 59.87  ? 1010 TYR A OH  1 
ATOM   377  N N   . ARG A 1 54  ? 6.117   5.954   6.829   1.00 40.29  ? 1011 ARG A N   1 
ATOM   378  C CA  . ARG A 1 54  ? 6.971   5.385   7.867   1.00 40.34  ? 1011 ARG A CA  1 
ATOM   379  C C   . ARG A 1 54  ? 8.273   4.896   7.239   1.00 39.62  ? 1011 ARG A C   1 
ATOM   380  O O   . ARG A 1 54  ? 9.343   5.089   7.804   1.00 40.38  ? 1011 ARG A O   1 
ATOM   381  C CB  . ARG A 1 54  ? 6.257   4.255   8.616   1.00 39.91  ? 1011 ARG A CB  1 
ATOM   382  C CG  . ARG A 1 54  ? 4.954   4.682   9.288   1.00 44.07  ? 1011 ARG A CG  1 
ATOM   383  C CD  . ARG A 1 54  ? 4.473   3.685   10.329  1.00 47.21  ? 1011 ARG A CD  1 
ATOM   384  N NE  . ARG A 1 54  ? 5.485   3.465   11.366  1.00 50.42  ? 1011 ARG A NE  1 
ATOM   385  C CZ  . ARG A 1 54  ? 6.050   2.294   11.644  1.00 50.72  ? 1011 ARG A CZ  1 
ATOM   386  N NH1 . ARG A 1 54  ? 5.687   1.201   10.986  1.00 54.72  ? 1011 ARG A NH1 1 
ATOM   387  N NH2 . ARG A 1 54  ? 6.973   2.216   12.590  1.00 52.08  ? 1011 ARG A NH2 1 
ATOM   388  N N   . PHE A 1 55  ? 8.160   4.310   6.042   1.00 39.65  ? 1012 PHE A N   1 
ATOM   389  C CA  . PHE A 1 55  ? 9.301   3.836   5.256   1.00 40.45  ? 1012 PHE A CA  1 
ATOM   390  C C   . PHE A 1 55  ? 10.302  4.963   4.999   1.00 40.58  ? 1012 PHE A C   1 
ATOM   391  O O   . PHE A 1 55  ? 11.487  4.834   5.318   1.00 36.67  ? 1012 PHE A O   1 
ATOM   392  C CB  . PHE A 1 55  ? 8.785   3.236   3.944   1.00 41.85  ? 1012 PHE A CB  1 
ATOM   393  C CG  . PHE A 1 55  ? 9.859   2.838   2.970   1.00 42.74  ? 1012 PHE A CG  1 
ATOM   394  C CD1 . PHE A 1 55  ? 10.276  3.723   1.971   1.00 43.06  ? 1012 PHE A CD1 1 
ATOM   395  C CD2 . PHE A 1 55  ? 10.409  1.554   3.003   1.00 42.09  ? 1012 PHE A CD2 1 
ATOM   396  C CE1 . PHE A 1 55  ? 11.244  3.347   1.043   1.00 43.05  ? 1012 PHE A CE1 1 
ATOM   397  C CE2 . PHE A 1 55  ? 11.368  1.171   2.074   1.00 44.38  ? 1012 PHE A CE2 1 
ATOM   398  C CZ  . PHE A 1 55  ? 11.787  2.070   1.091   1.00 43.44  ? 1012 PHE A CZ  1 
ATOM   399  N N   . HIS A 1 56  ? 9.793   6.071   4.457   1.00 41.90  ? 1013 HIS A N   1 
ATOM   400  C CA  . HIS A 1 56  ? 10.592  7.243   4.144   1.00 42.66  ? 1013 HIS A CA  1 
ATOM   401  C C   . HIS A 1 56  ? 11.247  7.843   5.374   1.00 44.66  ? 1013 HIS A C   1 
ATOM   402  O O   . HIS A 1 56  ? 12.423  8.206   5.329   1.00 45.79  ? 1013 HIS A O   1 
ATOM   403  C CB  . HIS A 1 56  ? 9.756   8.303   3.411   1.00 44.12  ? 1013 HIS A CB  1 
ATOM   404  C CG  . HIS A 1 56  ? 10.502  9.574   3.149   1.00 45.28  ? 1013 HIS A CG  1 
ATOM   405  N ND1 . HIS A 1 56  ? 11.665  9.612   2.408   1.00 46.14  ? 1013 HIS A ND1 1 
ATOM   406  C CD2 . HIS A 1 56  ? 10.274  10.844  3.559   1.00 42.65  ? 1013 HIS A CD2 1 
ATOM   407  C CE1 . HIS A 1 56  ? 12.108  10.857  2.355   1.00 46.90  ? 1013 HIS A CE1 1 
ATOM   408  N NE2 . HIS A 1 56  ? 11.279  11.624  3.042   1.00 45.33  ? 1013 HIS A NE2 1 
ATOM   409  N N   . ALA A 1 57  ? 10.499  7.934   6.475   1.00 46.00  ? 1014 ALA A N   1 
ATOM   410  C CA  . ALA A 1 57  ? 11.073  8.364   7.752   1.00 43.96  ? 1014 ALA A CA  1 
ATOM   411  C C   . ALA A 1 57  ? 12.270  7.488   8.154   1.00 45.24  ? 1014 ALA A C   1 
ATOM   412  O O   . ALA A 1 57  ? 13.341  8.017   8.467   1.00 43.46  ? 1014 ALA A O   1 
ATOM   413  C CB  . ALA A 1 57  ? 10.015  8.387   8.848   1.00 47.13  ? 1014 ALA A CB  1 
ATOM   414  N N   . CYS A 1 58  ? 12.091  6.162   8.091   1.00 45.62  ? 1015 CYS A N   1 
ATOM   415  C CA  . CYS A 1 58  ? 13.145  5.182   8.422   1.00 44.74  ? 1015 CYS A CA  1 
ATOM   416  C C   . CYS A 1 58  ? 14.381  5.266   7.521   1.00 45.75  ? 1015 CYS A C   1 
ATOM   417  O O   . CYS A 1 58  ? 15.508  5.039   7.981   1.00 43.68  ? 1015 CYS A O   1 
ATOM   418  C CB  . CYS A 1 58  ? 12.592  3.760   8.387   1.00 48.00  ? 1015 CYS A CB  1 
ATOM   419  S SG  . CYS A 1 58  ? 11.418  3.365   9.700   1.00 59.86  ? 1015 CYS A SG  1 
ATOM   420  N N   . VAL A 1 59  ? 14.163  5.592   6.245   1.00 44.09  ? 1016 VAL A N   1 
ATOM   421  C CA  . VAL A 1 59  ? 15.260  5.754   5.278   1.00 44.47  ? 1016 VAL A CA  1 
ATOM   422  C C   . VAL A 1 59  ? 16.081  7.021   5.562   1.00 45.28  ? 1016 VAL A C   1 
ATOM   423  O O   . VAL A 1 59  ? 17.321  6.993   5.521   1.00 44.43  ? 1016 VAL A O   1 
ATOM   424  C CB  . VAL A 1 59  ? 14.743  5.743   3.815   1.00 42.92  ? 1016 VAL A CB  1 
ATOM   425  C CG1 . VAL A 1 59  ? 15.849  6.106   2.829   1.00 41.14  ? 1016 VAL A CG1 1 
ATOM   426  C CG2 . VAL A 1 59  ? 14.161  4.385   3.467   1.00 40.17  ? 1016 VAL A CG2 1 
ATOM   427  N N   . LEU A 1 60  ? 15.388  8.120   5.859   1.00 46.67  ? 1017 LEU A N   1 
ATOM   428  C CA  . LEU A 1 60  ? 16.034  9.393   6.191   1.00 44.91  ? 1017 LEU A CA  1 
ATOM   429  C C   . LEU A 1 60  ? 17.007  9.282   7.359   1.00 45.79  ? 1017 LEU A C   1 
ATOM   430  O O   . LEU A 1 60  ? 17.976  10.045  7.436   1.00 47.20  ? 1017 LEU A O   1 
ATOM   431  C CB  . LEU A 1 60  ? 14.995  10.484  6.477   1.00 45.18  ? 1017 LEU A CB  1 
ATOM   432  C CG  . LEU A 1 60  ? 14.262  11.158  5.309   1.00 48.01  ? 1017 LEU A CG  1 
ATOM   433  C CD1 . LEU A 1 60  ? 13.331  12.236  5.846   1.00 47.33  ? 1017 LEU A CD1 1 
ATOM   434  C CD2 . LEU A 1 60  ? 15.213  11.753  4.272   1.00 45.97  ? 1017 LEU A CD2 1 
ATOM   435  N N   . GLN A 1 61  ? 16.766  8.327   8.257   1.00 46.68  ? 1018 GLN A N   1 
ATOM   436  C CA  . GLN A 1 61  ? 17.667  8.127   9.392   1.00 48.33  ? 1018 GLN A CA  1 
ATOM   437  C C   . GLN A 1 61  ? 18.667  6.967   9.261   1.00 48.44  ? 1018 GLN A C   1 
ATOM   438  O O   . GLN A 1 61  ? 19.315  6.588   10.246  1.00 52.78  ? 1018 GLN A O   1 
ATOM   439  C CB  . GLN A 1 61  ? 16.918  8.130   10.742  1.00 52.44  ? 1018 GLN A CB  1 
ATOM   440  C CG  . GLN A 1 61  ? 15.767  7.157   10.894  1.00 60.71  ? 1018 GLN A CG  1 
ATOM   441  C CD  . GLN A 1 61  ? 15.081  7.282   12.251  1.00 67.53  ? 1018 GLN A CD  1 
ATOM   442  O OE1 . GLN A 1 61  ? 14.723  8.381   12.684  1.00 70.87  ? 1018 GLN A OE1 1 
ATOM   443  N NE2 . GLN A 1 61  ? 14.894  6.151   12.928  1.00 65.47  ? 1018 GLN A NE2 1 
ATOM   444  N N   . LEU A 1 62  ? 18.810  6.423   8.050   1.00 46.07  ? 1019 LEU A N   1 
ATOM   445  C CA  . LEU A 1 62  ? 19.905  5.487   7.745   1.00 43.95  ? 1019 LEU A CA  1 
ATOM   446  C C   . LEU A 1 62  ? 21.230  6.250   7.651   1.00 43.22  ? 1019 LEU A C   1 
ATOM   447  O O   . LEU A 1 62  ? 21.228  7.421   7.265   1.00 37.80  ? 1019 LEU A O   1 
ATOM   448  C CB  . LEU A 1 62  ? 19.656  4.772   6.419   1.00 43.59  ? 1019 LEU A CB  1 
ATOM   449  C CG  . LEU A 1 62  ? 18.534  3.743   6.283   1.00 44.41  ? 1019 LEU A CG  1 
ATOM   450  C CD1 . LEU A 1 62  ? 18.326  3.444   4.810   1.00 42.89  ? 1019 LEU A CD1 1 
ATOM   451  C CD2 . LEU A 1 62  ? 18.825  2.467   7.072   1.00 43.55  ? 1019 LEU A CD2 1 
ATOM   452  N N   . PRO A 1 63  ? 22.373  5.586   7.970   1.00 46.16  ? 1020 PRO A N   1 
ATOM   453  C CA  . PRO A 1 63  ? 23.684  6.252   7.792   1.00 45.05  ? 1020 PRO A CA  1 
ATOM   454  C C   . PRO A 1 63  ? 23.918  6.759   6.370   1.00 46.84  ? 1020 PRO A C   1 
ATOM   455  O O   . PRO A 1 63  ? 23.414  6.170   5.409   1.00 47.10  ? 1020 PRO A O   1 
ATOM   456  C CB  . PRO A 1 63  ? 24.682  5.155   8.144   1.00 43.98  ? 1020 PRO A CB  1 
ATOM   457  C CG  . PRO A 1 63  ? 23.949  4.304   9.128   1.00 47.75  ? 1020 PRO A CG  1 
ATOM   458  C CD  . PRO A 1 63  ? 22.514  4.297   8.682   1.00 43.71  ? 1020 PRO A CD  1 
ATOM   459  N N   . PHE A 1 64  ? 24.682  7.848   6.248   1.00 50.85  ? 1021 PHE A N   1 
ATOM   460  C CA  . PHE A 1 64  ? 24.903  8.535   4.960   1.00 52.82  ? 1021 PHE A CA  1 
ATOM   461  C C   . PHE A 1 64  ? 25.454  7.621   3.859   1.00 53.01  ? 1021 PHE A C   1 
ATOM   462  O O   . PHE A 1 64  ? 25.200  7.847   2.666   1.00 53.01  ? 1021 PHE A O   1 
ATOM   463  C CB  . PHE A 1 64  ? 25.823  9.759   5.146   1.00 53.72  ? 1021 PHE A CB  1 
ATOM   464  C CG  . PHE A 1 64  ? 27.262  9.406   5.427   1.00 54.53  ? 1021 PHE A CG  1 
ATOM   465  C CD1 . PHE A 1 64  ? 28.180  9.281   4.380   1.00 56.08  ? 1021 PHE A CD1 1 
ATOM   466  C CD2 . PHE A 1 64  ? 27.701  9.183   6.736   1.00 54.34  ? 1021 PHE A CD2 1 
ATOM   467  C CE1 . PHE A 1 64  ? 29.503  8.935   4.629   1.00 58.41  ? 1021 PHE A CE1 1 
ATOM   468  C CE2 . PHE A 1 64  ? 29.026  8.850   6.991   1.00 60.55  ? 1021 PHE A CE2 1 
ATOM   469  C CZ  . PHE A 1 64  ? 29.929  8.724   5.936   1.00 60.01  ? 1021 PHE A CZ  1 
ATOM   470  N N   . HIS A 1 65  ? 26.223  6.612   4.268   1.00 55.15  ? 1022 HIS A N   1 
ATOM   471  C CA  . HIS A 1 65  ? 26.827  5.654   3.336   1.00 60.21  ? 1022 HIS A CA  1 
ATOM   472  C C   . HIS A 1 65  ? 25.860  4.550   2.896   1.00 61.93  ? 1022 HIS A C   1 
ATOM   473  O O   . HIS A 1 65  ? 26.116  3.858   1.910   1.00 62.02  ? 1022 HIS A O   1 
ATOM   474  C CB  . HIS A 1 65  ? 28.119  5.053   3.913   1.00 58.36  ? 1022 HIS A CB  1 
ATOM   475  C CG  . HIS A 1 65  ? 27.923  4.286   5.183   1.00 59.59  ? 1022 HIS A CG  1 
ATOM   476  N ND1 . HIS A 1 65  ? 28.184  4.825   6.425   1.00 62.92  ? 1022 HIS A ND1 1 
ATOM   477  C CD2 . HIS A 1 65  ? 27.510  3.015   5.404   1.00 60.95  ? 1022 HIS A CD2 1 
ATOM   478  C CE1 . HIS A 1 65  ? 27.938  3.921   7.356   1.00 61.59  ? 1022 HIS A CE1 1 
ATOM   479  N NE2 . HIS A 1 65  ? 27.523  2.815   6.764   1.00 60.75  ? 1022 HIS A NE2 1 
ATOM   480  N N   . GLN A 1 66  ? 24.745  4.403   3.616   1.00 62.04  ? 1023 GLN A N   1 
ATOM   481  C CA  . GLN A 1 66  ? 23.729  3.397   3.277   1.00 61.09  ? 1023 GLN A CA  1 
ATOM   482  C C   . GLN A 1 66  ? 22.755  3.895   2.199   1.00 59.59  ? 1023 GLN A C   1 
ATOM   483  O O   . GLN A 1 66  ? 21.533  3.775   2.351   1.00 58.46  ? 1023 GLN A O   1 
ATOM   484  C CB  . GLN A 1 66  ? 22.968  2.944   4.535   1.00 61.80  ? 1023 GLN A CB  1 
ATOM   485  C CG  . GLN A 1 66  ? 23.839  2.355   5.644   1.00 67.66  ? 1023 GLN A CG  1 
ATOM   486  C CD  . GLN A 1 66  ? 24.315  0.942   5.352   1.00 71.75  ? 1023 GLN A CD  1 
ATOM   487  O OE1 . GLN A 1 66  ? 23.731  0.225   4.535   1.00 79.13  ? 1023 GLN A OE1 1 
ATOM   488  N NE2 . GLN A 1 66  ? 25.380  0.532   6.030   1.00 72.00  ? 1023 GLN A NE2 1 
ATOM   489  N N   . GLN A 1 67  ? 23.301  4.425   1.102   1.00 59.50  ? 1024 GLN A N   1 
ATOM   490  C CA  . GLN A 1 67  ? 22.493  4.957   -0.008  1.00 64.51  ? 1024 GLN A CA  1 
ATOM   491  C C   . GLN A 1 67  ? 21.522  3.925   -0.601  1.00 65.19  ? 1024 GLN A C   1 
ATOM   492  O O   . GLN A 1 67  ? 21.725  2.715   -0.465  1.00 67.36  ? 1024 GLN A O   1 
ATOM   493  C CB  . GLN A 1 67  ? 23.384  5.534   -1.116  1.00 69.80  ? 1024 GLN A CB  1 
ATOM   494  C CG  . GLN A 1 67  ? 24.036  6.874   -0.784  1.00 72.95  ? 1024 GLN A CG  1 
ATOM   495  C CD  . GLN A 1 67  ? 25.548  6.779   -0.667  1.00 76.63  ? 1024 GLN A CD  1 
ATOM   496  O OE1 . GLN A 1 67  ? 26.075  5.964   0.087   1.00 78.84  ? 1024 GLN A OE1 1 
ATOM   497  N NE2 . GLN A 1 67  ? 26.254  7.624   -1.413  1.00 73.74  ? 1024 GLN A NE2 1 
ATOM   498  N N   . VAL A 1 68  ? 20.469  4.422   -1.249  1.00 62.67  ? 1025 VAL A N   1 
ATOM   499  C CA  . VAL A 1 68  ? 19.393  3.579   -1.779  1.00 65.03  ? 1025 VAL A CA  1 
ATOM   500  C C   . VAL A 1 68  ? 19.844  2.749   -2.994  1.00 67.49  ? 1025 VAL A C   1 
ATOM   501  O O   . VAL A 1 68  ? 19.493  1.566   -3.103  1.00 65.10  ? 1025 VAL A O   1 
ATOM   502  C CB  . VAL A 1 68  ? 18.109  4.403   -2.073  1.00 65.91  ? 1025 VAL A CB  1 
ATOM   503  C CG1 . VAL A 1 68  ? 17.034  3.554   -2.738  1.00 61.55  ? 1025 VAL A CG1 1 
ATOM   504  C CG2 . VAL A 1 68  ? 17.563  5.023   -0.787  1.00 66.61  ? 1025 VAL A CG2 1 
ATOM   505  N N   . TRP A 1 69  ? 20.642  3.363   -3.878  1.00 68.13  ? 1026 TRP A N   1 
ATOM   506  C CA  . TRP A 1 69  ? 21.245  2.666   -5.032  1.00 70.64  ? 1026 TRP A CA  1 
ATOM   507  C C   . TRP A 1 69  ? 22.279  1.603   -4.647  1.00 67.36  ? 1026 TRP A C   1 
ATOM   508  O O   . TRP A 1 69  ? 22.684  0.799   -5.487  1.00 66.97  ? 1026 TRP A O   1 
ATOM   509  C CB  . TRP A 1 69  ? 21.853  3.661   -6.046  1.00 75.21  ? 1026 TRP A CB  1 
ATOM   510  C CG  . TRP A 1 69  ? 22.850  4.652   -5.476  1.00 77.75  ? 1026 TRP A CG  1 
ATOM   511  C CD1 . TRP A 1 69  ? 22.620  5.970   -5.189  1.00 78.64  ? 1026 TRP A CD1 1 
ATOM   512  C CD2 . TRP A 1 69  ? 24.235  4.411   -5.159  1.00 80.86  ? 1026 TRP A CD2 1 
ATOM   513  N NE1 . TRP A 1 69  ? 23.764  6.560   -4.702  1.00 80.37  ? 1026 TRP A NE1 1 
ATOM   514  C CE2 . TRP A 1 69  ? 24.770  5.629   -4.670  1.00 81.47  ? 1026 TRP A CE2 1 
ATOM   515  C CE3 . TRP A 1 69  ? 25.074  3.284   -5.232  1.00 81.41  ? 1026 TRP A CE3 1 
ATOM   516  C CZ2 . TRP A 1 69  ? 26.107  5.754   -4.251  1.00 81.06  ? 1026 TRP A CZ2 1 
ATOM   517  C CZ3 . TRP A 1 69  ? 26.407  3.407   -4.810  1.00 80.21  ? 1026 TRP A CZ3 1 
ATOM   518  C CH2 . TRP A 1 69  ? 26.906  4.635   -4.330  1.00 81.19  ? 1026 TRP A CH2 1 
ATOM   519  N N   . LYS A 1 70  ? 22.708  1.623   -3.387  1.00 65.19  ? 1027 LYS A N   1 
ATOM   520  C CA  . LYS A 1 70  ? 23.722  0.708   -2.875  1.00 62.41  ? 1027 LYS A CA  1 
ATOM   521  C C   . LYS A 1 70  ? 23.178  -0.697  -2.631  1.00 65.20  ? 1027 LYS A C   1 
ATOM   522  O O   . LYS A 1 70  ? 23.871  -1.688  -2.877  1.00 65.86  ? 1027 LYS A O   1 
ATOM   523  C CB  . LYS A 1 70  ? 24.295  1.261   -1.583  1.00 64.32  ? 1027 LYS A CB  1 
ATOM   524  C CG  . LYS A 1 70  ? 25.752  0.938   -1.347  1.00 66.11  ? 1027 LYS A CG  1 
ATOM   525  C CD  . LYS A 1 70  ? 26.481  2.203   -0.952  1.00 66.66  ? 1027 LYS A CD  1 
ATOM   526  C CE  . LYS A 1 70  ? 27.766  1.902   -0.206  1.00 69.06  ? 1027 LYS A CE  1 
ATOM   527  N NZ  . LYS A 1 70  ? 28.377  3.173   0.276   1.00 63.54  ? 1027 LYS A NZ  1 
ATOM   528  N N   . ASN A 1 71  ? 21.948  -0.780  -2.127  1.00 63.06  ? 1028 ASN A N   1 
ATOM   529  C CA  . ASN A 1 71  ? 21.307  -2.062  -1.872  1.00 59.54  ? 1028 ASN A CA  1 
ATOM   530  C C   . ASN A 1 71  ? 19.815  -2.004  -2.195  1.00 58.82  ? 1028 ASN A C   1 
ATOM   531  O O   . ASN A 1 71  ? 18.979  -2.077  -1.287  1.00 60.30  ? 1028 ASN A O   1 
ATOM   532  C CB  . ASN A 1 71  ? 21.539  -2.506  -0.420  1.00 58.31  ? 1028 ASN A CB  1 
ATOM   533  C CG  . ASN A 1 71  ? 21.194  -3.971  -0.185  1.00 58.81  ? 1028 ASN A CG  1 
ATOM   534  O OD1 . ASN A 1 71  ? 21.620  -4.554  0.805   1.00 62.52  ? 1028 ASN A OD1 1 
ATOM   535  N ND2 . ASN A 1 71  ? 20.410  -4.565  -1.085  1.00 56.32  ? 1028 ASN A ND2 1 
ATOM   536  N N   . PRO A 1 72  ? 19.473  -1.904  -3.501  1.00 54.85  ? 1029 PRO A N   1 
ATOM   537  C CA  . PRO A 1 72  ? 18.070  -1.753  -3.869  1.00 51.46  ? 1029 PRO A CA  1 
ATOM   538  C C   . PRO A 1 72  ? 17.191  -2.998  -3.665  1.00 53.53  ? 1029 PRO A C   1 
ATOM   539  O O   . PRO A 1 72  ? 15.971  -2.858  -3.627  1.00 53.09  ? 1029 PRO A O   1 
ATOM   540  C CB  . PRO A 1 72  ? 18.138  -1.392  -5.352  1.00 52.68  ? 1029 PRO A CB  1 
ATOM   541  C CG  . PRO A 1 72  ? 19.390  -2.041  -5.834  1.00 52.04  ? 1029 PRO A CG  1 
ATOM   542  C CD  . PRO A 1 72  ? 20.351  -1.893  -4.697  1.00 54.84  ? 1029 PRO A CD  1 
ATOM   543  N N   . THR A 1 73  ? 17.788  -4.191  -3.551  1.00 50.45  ? 1030 THR A N   1 
ATOM   544  C CA  . THR A 1 73  ? 17.006  -5.411  -3.274  1.00 47.97  ? 1030 THR A CA  1 
ATOM   545  C C   . THR A 1 73  ? 16.402  -5.334  -1.876  1.00 45.73  ? 1030 THR A C   1 
ATOM   546  O O   . THR A 1 73  ? 15.263  -5.721  -1.671  1.00 48.48  ? 1030 THR A O   1 
ATOM   547  C CB  . THR A 1 73  ? 17.843  -6.714  -3.404  1.00 46.63  ? 1030 THR A CB  1 
ATOM   548  O OG1 . THR A 1 73  ? 18.412  -6.794  -4.709  1.00 48.80  ? 1030 THR A OG1 1 
ATOM   549  C CG2 . THR A 1 73  ? 16.961  -7.956  -3.188  1.00 46.78  ? 1030 THR A CG2 1 
ATOM   550  N N   . PHE A 1 74  ? 17.178  -4.826  -0.925  1.00 46.17  ? 1031 PHE A N   1 
ATOM   551  C CA  . PHE A 1 74  ? 16.701  -4.671  0.432   1.00 46.19  ? 1031 PHE A CA  1 
ATOM   552  C C   . PHE A 1 74  ? 15.422  -3.829  0.487   1.00 43.94  ? 1031 PHE A C   1 
ATOM   553  O O   . PHE A 1 74  ? 14.440  -4.239  1.097   1.00 44.81  ? 1031 PHE A O   1 
ATOM   554  C CB  . PHE A 1 74  ? 17.784  -4.078  1.351   1.00 44.24  ? 1031 PHE A CB  1 
ATOM   555  C CG  . PHE A 1 74  ? 17.275  -3.754  2.725   1.00 47.46  ? 1031 PHE A CG  1 
ATOM   556  C CD1 . PHE A 1 74  ? 17.146  -4.759  3.691   1.00 46.35  ? 1031 PHE A CD1 1 
ATOM   557  C CD2 . PHE A 1 74  ? 16.847  -2.459  3.038   1.00 47.64  ? 1031 PHE A CD2 1 
ATOM   558  C CE1 . PHE A 1 74  ? 16.629  -4.472  4.947   1.00 46.79  ? 1031 PHE A CE1 1 
ATOM   559  C CE2 . PHE A 1 74  ? 16.328  -2.167  4.292   1.00 47.19  ? 1031 PHE A CE2 1 
ATOM   560  C CZ  . PHE A 1 74  ? 16.220  -3.174  5.247   1.00 46.81  ? 1031 PHE A CZ  1 
ATOM   561  N N   . PHE A 1 75  ? 15.441  -2.666  -0.167  1.00 43.23  ? 1032 PHE A N   1 
ATOM   562  C CA  . PHE A 1 75  ? 14.306  -1.738  -0.128  1.00 44.47  ? 1032 PHE A CA  1 
ATOM   563  C C   . PHE A 1 75  ? 13.084  -2.266  -0.859  1.00 44.89  ? 1032 PHE A C   1 
ATOM   564  O O   . PHE A 1 75  ? 11.961  -2.148  -0.368  1.00 44.67  ? 1032 PHE A O   1 
ATOM   565  C CB  . PHE A 1 75  ? 14.702  -0.354  -0.654  1.00 45.24  ? 1032 PHE A CB  1 
ATOM   566  C CG  . PHE A 1 75  ? 15.791  0.305   0.146   1.00 45.95  ? 1032 PHE A CG  1 
ATOM   567  C CD1 . PHE A 1 75  ? 15.524  0.855   1.405   1.00 46.92  ? 1032 PHE A CD1 1 
ATOM   568  C CD2 . PHE A 1 75  ? 17.093  0.368   -0.348  1.00 48.23  ? 1032 PHE A CD2 1 
ATOM   569  C CE1 . PHE A 1 75  ? 16.537  1.454   2.152   1.00 48.97  ? 1032 PHE A CE1 1 
ATOM   570  C CE2 . PHE A 1 75  ? 18.111  0.958   0.402   1.00 49.96  ? 1032 PHE A CE2 1 
ATOM   571  C CZ  . PHE A 1 75  ? 17.831  1.503   1.650   1.00 47.46  ? 1032 PHE A CZ  1 
ATOM   572  N N   . LEU A 1 76  ? 13.306  -2.860  -2.029  1.00 44.90  ? 1033 LEU A N   1 
ATOM   573  C CA  . LEU A 1 76  ? 12.222  -3.451  -2.800  1.00 43.31  ? 1033 LEU A CA  1 
ATOM   574  C C   . LEU A 1 76  ? 11.550  -4.595  -2.051  1.00 41.09  ? 1033 LEU A C   1 
ATOM   575  O O   . LEU A 1 76  ? 10.329  -4.712  -2.068  1.00 37.10  ? 1033 LEU A O   1 
ATOM   576  C CB  . LEU A 1 76  ? 12.711  -3.905  -4.182  1.00 45.65  ? 1033 LEU A CB  1 
ATOM   577  C CG  . LEU A 1 76  ? 13.061  -2.766  -5.157  1.00 48.94  ? 1033 LEU A CG  1 
ATOM   578  C CD1 . LEU A 1 76  ? 13.897  -3.295  -6.312  1.00 47.20  ? 1033 LEU A CD1 1 
ATOM   579  C CD2 . LEU A 1 76  ? 11.810  -2.047  -5.662  1.00 48.32  ? 1033 LEU A CD2 1 
ATOM   580  N N   . ARG A 1 77  ? 12.352  -5.408  -1.365  1.00 42.78  ? 1034 ARG A N   1 
ATOM   581  C CA  . ARG A 1 77  ? 11.830  -6.522  -0.565  1.00 45.57  ? 1034 ARG A CA  1 
ATOM   582  C C   . ARG A 1 77  ? 11.007  -6.024  0.622   1.00 42.89  ? 1034 ARG A C   1 
ATOM   583  O O   . ARG A 1 77  ? 9.984   -6.614  0.948   1.00 46.96  ? 1034 ARG A O   1 
ATOM   584  C CB  . ARG A 1 77  ? 12.967  -7.433  -0.085  1.00 50.47  ? 1034 ARG A CB  1 
ATOM   585  C CG  . ARG A 1 77  ? 12.494  -8.697  0.622   1.00 55.26  ? 1034 ARG A CG  1 
ATOM   586  C CD  . ARG A 1 77  ? 13.660  -9.513  1.155   1.00 61.64  ? 1034 ARG A CD  1 
ATOM   587  N NE  . ARG A 1 77  ? 14.329  -10.277 0.095   1.00 70.16  ? 1034 ARG A NE  1 
ATOM   588  C CZ  . ARG A 1 77  ? 15.576  -10.070 -0.331  1.00 69.10  ? 1034 ARG A CZ  1 
ATOM   589  N NH1 . ARG A 1 77  ? 16.334  -9.120  0.211   1.00 69.89  ? 1034 ARG A NH1 1 
ATOM   590  N NH2 . ARG A 1 77  ? 16.073  -10.828 -1.300  1.00 71.44  ? 1034 ARG A NH2 1 
ATOM   591  N N   . VAL A 1 78  ? 11.457  -4.941  1.261   1.00 41.46  ? 1035 VAL A N   1 
ATOM   592  C CA  . VAL A 1 78  ? 10.676  -4.279  2.313   1.00 42.12  ? 1035 VAL A CA  1 
ATOM   593  C C   . VAL A 1 78  ? 9.297   -3.869  1.776   1.00 41.52  ? 1035 VAL A C   1 
ATOM   594  O O   . VAL A 1 78  ? 8.275   -4.105  2.427   1.00 40.41  ? 1035 VAL A O   1 
ATOM   595  C CB  . VAL A 1 78  ? 11.428  -3.066  2.924   1.00 40.31  ? 1035 VAL A CB  1 
ATOM   596  C CG1 . VAL A 1 78  ? 10.470  -2.111  3.632   1.00 40.14  ? 1035 VAL A CG1 1 
ATOM   597  C CG2 . VAL A 1 78  ? 12.502  -3.537  3.884   1.00 38.19  ? 1035 VAL A CG2 1 
ATOM   598  N N   . ILE A 1 79  ? 9.287   -3.289  0.576   1.00 39.13  ? 1036 ILE A N   1 
ATOM   599  C CA  . ILE A 1 79  ? 8.055   -2.880  -0.100  1.00 39.43  ? 1036 ILE A CA  1 
ATOM   600  C C   . ILE A 1 79  ? 7.158   -4.087  -0.389  1.00 40.30  ? 1036 ILE A C   1 
ATOM   601  O O   . ILE A 1 79  ? 5.962   -4.056  -0.096  1.00 40.17  ? 1036 ILE A O   1 
ATOM   602  C CB  . ILE A 1 79  ? 8.359   -2.043  -1.382  1.00 38.35  ? 1036 ILE A CB  1 
ATOM   603  C CG1 . ILE A 1 79  ? 8.992   -0.704  -0.982  1.00 39.25  ? 1036 ILE A CG1 1 
ATOM   604  C CG2 . ILE A 1 79  ? 7.109   -1.838  -2.230  1.00 38.51  ? 1036 ILE A CG2 1 
ATOM   605  C CD1 . ILE A 1 79  ? 9.400   0.201   -2.132  1.00 40.11  ? 1036 ILE A CD1 1 
ATOM   606  N N   . SER A 1 80  ? 7.749   -5.157  -0.923  1.00 41.92  ? 1037 SER A N   1 
ATOM   607  C CA  . SER A 1 80  ? 7.016   -6.393  -1.213  1.00 42.24  ? 1037 SER A CA  1 
ATOM   608  C C   . SER A 1 80  ? 6.456   -7.047  0.053   1.00 40.82  ? 1037 SER A C   1 
ATOM   609  O O   . SER A 1 80  ? 5.321   -7.496  0.069   1.00 43.71  ? 1037 SER A O   1 
ATOM   610  C CB  . SER A 1 80  ? 7.907   -7.381  -1.975  1.00 42.01  ? 1037 SER A CB  1 
ATOM   611  O OG  . SER A 1 80  ? 7.208   -8.595  -2.196  1.00 45.89  ? 1037 SER A OG  1 
ATOM   612  N N   . ASP A 1 81  ? 7.266   -7.091  1.108   1.00 42.02  ? 1038 ASP A N   1 
ATOM   613  C CA  . ASP A 1 81  ? 6.851   -7.647  2.405   1.00 41.42  ? 1038 ASP A CA  1 
ATOM   614  C C   . ASP A 1 81  ? 5.688   -6.897  3.040   1.00 40.06  ? 1038 ASP A C   1 
ATOM   615  O O   . ASP A 1 81  ? 4.881   -7.486  3.752   1.00 43.46  ? 1038 ASP A O   1 
ATOM   616  C CB  . ASP A 1 81  ? 8.036   -7.686  3.370   1.00 42.18  ? 1038 ASP A CB  1 
ATOM   617  C CG  . ASP A 1 81  ? 8.959   -8.872  3.123   1.00 44.91  ? 1038 ASP A CG  1 
ATOM   618  O OD1 . ASP A 1 81  ? 8.584   -9.775  2.347   1.00 43.90  ? 1038 ASP A OD1 1 
ATOM   619  O OD2 . ASP A 1 81  ? 10.063  -8.903  3.720   1.00 47.40  ? 1038 ASP A OD2 1 
ATOM   620  N N   . THR A 1 82  ? 5.626   -5.594  2.791   1.00 38.46  ? 1039 THR A N   1 
ATOM   621  C CA  . THR A 1 82  ? 4.514   -4.756  3.228   1.00 37.81  ? 1039 THR A CA  1 
ATOM   622  C C   . THR A 1 82  ? 3.198   -5.175  2.556   1.00 39.21  ? 1039 THR A C   1 
ATOM   623  O O   . THR A 1 82  ? 2.157   -5.271  3.222   1.00 38.78  ? 1039 THR A O   1 
ATOM   624  C CB  . THR A 1 82  ? 4.816   -3.278  2.932   1.00 38.54  ? 1039 THR A CB  1 
ATOM   625  O OG1 . THR A 1 82  ? 6.045   -2.912  3.573   1.00 38.01  ? 1039 THR A OG1 1 
ATOM   626  C CG2 . THR A 1 82  ? 3.695   -2.380  3.420   1.00 40.28  ? 1039 THR A CG2 1 
ATOM   627  N N   . ALA A 1 83  ? 3.255   -5.428  1.246   1.00 39.20  ? 1040 ALA A N   1 
ATOM   628  C CA  . ALA A 1 83  ? 2.093   -5.895  0.486   1.00 39.79  ? 1040 ALA A CA  1 
ATOM   629  C C   . ALA A 1 83  ? 1.638   -7.247  1.001   1.00 38.98  ? 1040 ALA A C   1 
ATOM   630  O O   . ALA A 1 83  ? 0.461   -7.434  1.267   1.00 40.03  ? 1040 ALA A O   1 
ATOM   631  C CB  . ALA A 1 83  ? 2.404   -5.959  -1.007  1.00 37.47  ? 1040 ALA A CB  1 
ATOM   632  N N   . SER A 1 84  ? 2.586   -8.171  1.169   1.00 42.60  ? 1041 SER A N   1 
ATOM   633  C CA  . SER A 1 84  ? 2.310   -9.509  1.719   1.00 44.80  ? 1041 SER A CA  1 
ATOM   634  C C   . SER A 1 84  ? 1.614   -9.471  3.082   1.00 44.37  ? 1041 SER A C   1 
ATOM   635  O O   . SER A 1 84  ? 0.663   -10.224 3.328   1.00 44.66  ? 1041 SER A O   1 
ATOM   636  C CB  . SER A 1 84  ? 3.606   -10.315 1.831   1.00 46.16  ? 1041 SER A CB  1 
ATOM   637  O OG  . SER A 1 84  ? 4.151   -10.568 0.553   1.00 48.99  ? 1041 SER A OG  1 
ATOM   638  N N   . LEU A 1 85  ? 2.088   -8.583  3.955   1.00 43.53  ? 1042 LEU A N   1 
ATOM   639  C CA  . LEU A 1 85  ? 1.566   -8.479  5.321   1.00 43.83  ? 1042 LEU A CA  1 
ATOM   640  C C   . LEU A 1 85  ? 0.170   -7.875  5.349   1.00 42.13  ? 1042 LEU A C   1 
ATOM   641  O O   . LEU A 1 85  ? -0.700  -8.339  6.087   1.00 42.93  ? 1042 LEU A O   1 
ATOM   642  C CB  . LEU A 1 85  ? 2.529   -7.665  6.195   1.00 42.78  ? 1042 LEU A CB  1 
ATOM   643  C CG  . LEU A 1 85  ? 2.661   -7.995  7.686   1.00 46.29  ? 1042 LEU A CG  1 
ATOM   644  C CD1 . LEU A 1 85  ? 2.461   -9.476  8.015   1.00 42.04  ? 1042 LEU A CD1 1 
ATOM   645  C CD2 . LEU A 1 85  ? 4.017   -7.513  8.178   1.00 39.96  ? 1042 LEU A CD2 1 
ATOM   646  N N   . CYS A 1 86  ? -0.047  -6.847  4.532   1.00 42.91  ? 1043 CYS A N   1 
ATOM   647  C CA  . CYS A 1 86  ? -1.365  -6.232  4.410   1.00 42.78  ? 1043 CYS A CA  1 
ATOM   648  C C   . CYS A 1 86  ? -2.354  -7.163  3.756   1.00 42.50  ? 1043 CYS A C   1 
ATOM   649  O O   . CYS A 1 86  ? -3.534  -7.147  4.090   1.00 40.18  ? 1043 CYS A O   1 
ATOM   650  C CB  . CYS A 1 86  ? -1.279  -4.937  3.628   1.00 42.02  ? 1043 CYS A CB  1 
ATOM   651  S SG  . CYS A 1 86  ? -0.518  -3.657  4.622   1.00 45.29  ? 1043 CYS A SG  1 
ATOM   652  N N   . TYR A 1 87  ? -1.860  -7.970  2.819   1.00 43.91  ? 1044 TYR A N   1 
ATOM   653  C CA  . TYR A 1 87  ? -2.674  -8.978  2.180   1.00 47.15  ? 1044 TYR A CA  1 
ATOM   654  C C   . TYR A 1 87  ? -3.087  -10.083 3.155   1.00 48.60  ? 1044 TYR A C   1 
ATOM   655  O O   . TYR A 1 87  ? -4.245  -10.500 3.145   1.00 50.08  ? 1044 TYR A O   1 
ATOM   656  C CB  . TYR A 1 87  ? -1.973  -9.562  0.946   1.00 50.79  ? 1044 TYR A CB  1 
ATOM   657  C CG  . TYR A 1 87  ? -2.704  -10.745 0.361   1.00 51.03  ? 1044 TYR A CG  1 
ATOM   658  C CD1 . TYR A 1 87  ? -3.960  -10.588 -0.238  1.00 49.37  ? 1044 TYR A CD1 1 
ATOM   659  C CD2 . TYR A 1 87  ? -2.161  -12.030 0.438   1.00 53.73  ? 1044 TYR A CD2 1 
ATOM   660  C CE1 . TYR A 1 87  ? -4.647  -11.674 -0.759  1.00 52.78  ? 1044 TYR A CE1 1 
ATOM   661  C CE2 . TYR A 1 87  ? -2.837  -13.127 -0.086  1.00 55.03  ? 1044 TYR A CE2 1 
ATOM   662  C CZ  . TYR A 1 87  ? -4.080  -12.943 -0.681  1.00 56.38  ? 1044 TYR A CZ  1 
ATOM   663  O OH  . TYR A 1 87  ? -4.762  -14.025 -1.198  1.00 59.22  ? 1044 TYR A OH  1 
ATOM   664  N N   . SER A 1 88  ? -2.150  -10.537 3.999   1.00 47.30  ? 1045 SER A N   1 
ATOM   665  C CA  . SER A 1 88  ? -2.452  -11.533 5.050   1.00 45.23  ? 1045 SER A CA  1 
ATOM   666  C C   . SER A 1 88  ? -3.495  -11.033 6.056   1.00 45.13  ? 1045 SER A C   1 
ATOM   667  O O   . SER A 1 88  ? -4.394  -11.779 6.451   1.00 44.03  ? 1045 SER A O   1 
ATOM   668  C CB  . SER A 1 88  ? -1.189  -11.960 5.790   1.00 44.46  ? 1045 SER A CB  1 
ATOM   669  O OG  . SER A 1 88  ? -0.303  -12.659 4.935   1.00 47.17  ? 1045 SER A OG  1 
ATOM   670  N N   . ILE A 1 89  ? -3.361  -9.773  6.466   1.00 44.86  ? 1046 ILE A N   1 
ATOM   671  C CA  . ILE A 1 89  ? -4.357  -9.109  7.309   1.00 41.79  ? 1046 ILE A CA  1 
ATOM   672  C C   . ILE A 1 89  ? -5.730  -9.133  6.613   1.00 44.42  ? 1046 ILE A C   1 
ATOM   673  O O   . ILE A 1 89  ? -6.715  -9.604  7.194   1.00 41.68  ? 1046 ILE A O   1 
ATOM   674  C CB  . ILE A 1 89  ? -3.903  -7.680  7.696   1.00 42.89  ? 1046 ILE A CB  1 
ATOM   675  C CG1 . ILE A 1 89  ? -2.763  -7.765  8.726   1.00 43.30  ? 1046 ILE A CG1 1 
ATOM   676  C CG2 . ILE A 1 89  ? -5.064  -6.848  8.257   1.00 46.20  ? 1046 ILE A CG2 1 
ATOM   677  C CD1 . ILE A 1 89  ? -1.923  -6.514  8.858   1.00 39.92  ? 1046 ILE A CD1 1 
ATOM   678  N N   . LEU A 1 90  ? -5.758  -8.708  5.349   1.00 44.22  ? 1047 LEU A N   1 
ATOM   679  C CA  . LEU A 1 90  ? -6.988  -8.675  4.551   1.00 46.33  ? 1047 LEU A CA  1 
ATOM   680  C C   . LEU A 1 90  ? -7.662  -10.041 4.397   1.00 45.95  ? 1047 LEU A C   1 
ATOM   681  O O   . LEU A 1 90  ? -8.881  -10.148 4.537   1.00 47.34  ? 1047 LEU A O   1 
ATOM   682  C CB  . LEU A 1 90  ? -6.719  -8.034  3.181   1.00 48.11  ? 1047 LEU A CB  1 
ATOM   683  C CG  . LEU A 1 90  ? -7.907  -7.657  2.289   1.00 49.81  ? 1047 LEU A CG  1 
ATOM   684  C CD1 . LEU A 1 90  ? -8.639  -6.434  2.821   1.00 49.57  ? 1047 LEU A CD1 1 
ATOM   685  C CD2 . LEU A 1 90  ? -7.430  -7.407  0.868   1.00 50.35  ? 1047 LEU A CD2 1 
ATOM   686  N N   . LYS A 1 91  ? -6.862  -11.075 4.133   1.00 49.65  ? 1048 LYS A N   1 
ATOM   687  C CA  . LYS A 1 91  ? -7.332  -12.467 4.063   1.00 49.79  ? 1048 LYS A CA  1 
ATOM   688  C C   . LYS A 1 91  ? -8.031  -12.918 5.339   1.00 49.40  ? 1048 LYS A C   1 
ATOM   689  O O   . LYS A 1 91  ? -9.165  -13.409 5.292   1.00 47.85  ? 1048 LYS A O   1 
ATOM   690  C CB  . LYS A 1 91  ? -6.165  -13.414 3.799   1.00 54.58  ? 1048 LYS A CB  1 
ATOM   691  C CG  . LYS A 1 91  ? -5.855  -13.685 2.340   1.00 60.65  ? 1048 LYS A CG  1 
ATOM   692  C CD  . LYS A 1 91  ? -4.918  -14.881 2.215   1.00 65.00  ? 1048 LYS A CD  1 
ATOM   693  C CE  . LYS A 1 91  ? -5.651  -16.200 2.430   1.00 63.83  ? 1048 LYS A CE  1 
ATOM   694  N NZ  . LYS A 1 91  ? -4.723  -17.259 2.917   1.00 66.30  ? 1048 LYS A NZ  1 
ATOM   695  N N   . ALA A 1 92  ? -7.335  -12.767 6.470   1.00 47.08  ? 1049 ALA A N   1 
ATOM   696  C CA  . ALA A 1 92  ? -7.857  -13.146 7.785   1.00 47.56  ? 1049 ALA A CA  1 
ATOM   697  C C   . ALA A 1 92  ? -9.168  -12.430 8.101   1.00 49.48  ? 1049 ALA A C   1 
ATOM   698  O O   . ALA A 1 92  ? -10.108 -13.051 8.606   1.00 53.07  ? 1049 ALA A O   1 
ATOM   699  C CB  . ALA A 1 92  ? -6.825  -12.866 8.864   1.00 48.92  ? 1049 ALA A CB  1 
ATOM   700  N N   . LYS A 1 93  ? -9.225  -11.137 7.770   1.00 48.85  ? 1050 LYS A N   1 
ATOM   701  C CA  . LYS A 1 93  ? -10.410 -10.292 7.989   1.00 50.48  ? 1050 LYS A CA  1 
ATOM   702  C C   . LYS A 1 93  ? -11.608 -10.724 7.129   1.00 53.41  ? 1050 LYS A C   1 
ATOM   703  O O   . LYS A 1 93  ? -12.762 -10.421 7.456   1.00 55.10  ? 1050 LYS A O   1 
ATOM   704  C CB  . LYS A 1 93  ? -10.076 -8.822  7.704   1.00 49.49  ? 1050 LYS A CB  1 
ATOM   705  C CG  . LYS A 1 93  ? -9.244  -8.127  8.781   1.00 50.80  ? 1050 LYS A CG  1 
ATOM   706  C CD  . LYS A 1 93  ? -10.131 -7.464  9.827   1.00 51.39  ? 1050 LYS A CD  1 
ATOM   707  C CE  . LYS A 1 93  ? -9.319  -6.982  11.020  1.00 51.00  ? 1050 LYS A CE  1 
ATOM   708  N NZ  . LYS A 1 93  ? -10.199 -6.606  12.167  1.00 49.74  ? 1050 LYS A NZ  1 
ATOM   709  N N   . ASN A 1 94  ? -11.323 -11.438 6.041   1.00 50.02  ? 1051 ASN A N   1 
ATOM   710  C CA  . ASN A 1 94  ? -12.338 -11.849 5.083   1.00 52.29  ? 1051 ASN A CA  1 
ATOM   711  C C   . ASN A 1 94  ? -12.553 -13.369 5.037   1.00 51.35  ? 1051 ASN A C   1 
ATOM   712  O O   . ASN A 1 94  ? -13.192 -13.878 4.121   1.00 50.94  ? 1051 ASN A O   1 
ATOM   713  C CB  . ASN A 1 94  ? -11.984 -11.311 3.692   1.00 53.70  ? 1051 ASN A CB  1 
ATOM   714  C CG  . ASN A 1 94  ? -12.358 -9.856  3.522   1.00 56.69  ? 1051 ASN A CG  1 
ATOM   715  O OD1 . ASN A 1 94  ? -13.530 -9.525  3.349   1.00 58.40  ? 1051 ASN A OD1 1 
ATOM   716  N ND2 . ASN A 1 94  ? -11.362 -8.977  3.574   1.00 55.70  ? 1051 ASN A ND2 1 
ATOM   717  N N   . ALA A 1 95  ? -12.036 -14.070 6.049   1.00 52.15  ? 1052 ALA A N   1 
ATOM   718  C CA  . ALA A 1 95  ? -12.067 -15.537 6.114   1.00 52.52  ? 1052 ALA A CA  1 
ATOM   719  C C   . ALA A 1 95  ? -13.483 -16.126 6.176   1.00 54.51  ? 1052 ALA A C   1 
ATOM   720  O O   . ALA A 1 95  ? -13.758 -17.141 5.533   1.00 51.76  ? 1052 ALA A O   1 
ATOM   721  C CB  . ALA A 1 95  ? -11.244 -16.024 7.296   1.00 53.48  ? 1052 ALA A CB  1 
ATOM   722  N N   . GLY A 1 96  ? -14.366 -15.477 6.943   1.00 55.28  ? 1053 GLY A N   1 
ATOM   723  C CA  . GLY A 1 96  ? -15.744 -15.949 7.159   1.00 57.40  ? 1053 GLY A CA  1 
ATOM   724  C C   . GLY A 1 96  ? -16.754 -15.423 6.149   1.00 58.94  ? 1053 GLY A C   1 
ATOM   725  O O   . GLY A 1 96  ? -17.969 -15.455 6.391   1.00 60.29  ? 1053 GLY A O   1 
ATOM   726  N N   . MET A 1 97  ? -16.241 -14.956 5.011   1.00 55.36  ? 1054 MET A N   1 
ATOM   727  C CA  . MET A 1 97  ? -17.045 -14.404 3.927   1.00 52.23  ? 1054 MET A CA  1 
ATOM   728  C C   . MET A 1 97  ? -18.004 -15.454 3.375   1.00 51.81  ? 1054 MET A C   1 
ATOM   729  O O   . MET A 1 97  ? -17.625 -16.623 3.205   1.00 51.38  ? 1054 MET A O   1 
ATOM   730  C CB  . MET A 1 97  ? -16.114 -13.933 2.819   1.00 52.52  ? 1054 MET A CB  1 
ATOM   731  C CG  . MET A 1 97  ? -16.605 -12.750 2.027   1.00 56.65  ? 1054 MET A CG  1 
ATOM   732  S SD  . MET A 1 97  ? -15.257 -12.066 1.054   1.00 55.68  ? 1054 MET A SD  1 
ATOM   733  C CE  . MET A 1 97  ? -16.149 -11.477 -0.383  1.00 54.53  ? 1054 MET A CE  1 
ATOM   734  N N   . SER A 1 98  ? -19.241 -15.034 3.100   1.00 46.57  ? 1055 SER A N   1 
ATOM   735  C CA  . SER A 1 98  ? -20.248 -15.917 2.513   1.00 43.63  ? 1055 SER A CA  1 
ATOM   736  C C   . SER A 1 98  ? -20.679 -15.439 1.119   1.00 43.95  ? 1055 SER A C   1 
ATOM   737  O O   . SER A 1 98  ? -20.241 -14.370 0.660   1.00 44.94  ? 1055 SER A O   1 
ATOM   738  C CB  . SER A 1 98  ? -21.439 -16.078 3.465   1.00 43.08  ? 1055 SER A CB  1 
ATOM   739  O OG  . SER A 1 98  ? -22.097 -14.845 3.686   1.00 46.58  ? 1055 SER A OG  1 
ATOM   740  N N   . LEU A 1 99  ? -21.519 -16.227 0.440   1.00 43.23  ? 1056 LEU A N   1 
ATOM   741  C CA  . LEU A 1 99  ? -21.953 -15.905 -0.942  1.00 42.07  ? 1056 LEU A CA  1 
ATOM   742  C C   . LEU A 1 99  ? -22.746 -14.585 -1.071  1.00 43.43  ? 1056 LEU A C   1 
ATOM   743  O O   . LEU A 1 99  ? -22.794 -13.984 -2.148  1.00 43.47  ? 1056 LEU A O   1 
ATOM   744  C CB  . LEU A 1 99  ? -22.755 -17.065 -1.557  1.00 39.26  ? 1056 LEU A CB  1 
ATOM   745  C CG  . LEU A 1 99  ? -22.034 -18.317 -2.092  1.00 39.62  ? 1056 LEU A CG  1 
ATOM   746  C CD1 . LEU A 1 99  ? -23.037 -19.405 -2.452  1.00 34.71  ? 1056 LEU A CD1 1 
ATOM   747  C CD2 . LEU A 1 99  ? -21.141 -18.014 -3.293  1.00 38.42  ? 1056 LEU A CD2 1 
ATOM   748  N N   . GLY A 1 100 ? -23.373 -14.153 0.024   1.00 46.39  ? 1057 GLY A N   1 
ATOM   749  C CA  . GLY A 1 100 ? -24.118 -12.890 0.042   1.00 47.26  ? 1057 GLY A CA  1 
ATOM   750  C C   . GLY A 1 100 ? -23.337 -11.740 0.658   1.00 52.44  ? 1057 GLY A C   1 
ATOM   751  O O   . GLY A 1 100 ? -23.918 -10.892 1.342   1.00 52.32  ? 1057 GLY A O   1 
ATOM   752  N N   . ALA A 1 101 ? -22.017 -11.722 0.438   1.00 52.92  ? 1058 ALA A N   1 
ATOM   753  C CA  . ALA A 1 101 ? -21.161 -10.639 0.938   1.00 52.78  ? 1058 ALA A CA  1 
ATOM   754  C C   . ALA A 1 101 ? -21.440 -9.359  0.168   1.00 53.41  ? 1058 ALA A C   1 
ATOM   755  O O   . ALA A 1 101 ? -21.574 -9.384  -1.059  1.00 52.44  ? 1058 ALA A O   1 
ATOM   756  C CB  . ALA A 1 101 ? -19.698 -11.013 0.820   1.00 53.30  ? 1058 ALA A CB  1 
ATOM   757  N N   . LYS A 1 102 ? -21.545 -8.248  0.897   1.00 55.90  ? 1059 LYS A N   1 
ATOM   758  C CA  . LYS A 1 102 ? -21.812 -6.934  0.300   1.00 58.70  ? 1059 LYS A CA  1 
ATOM   759  C C   . LYS A 1 102 ? -20.724 -6.509  -0.702  1.00 61.80  ? 1059 LYS A C   1 
ATOM   760  O O   . LYS A 1 102 ? -21.031 -6.026  -1.796  1.00 62.84  ? 1059 LYS A O   1 
ATOM   761  C CB  . LYS A 1 102 ? -21.970 -5.872  1.396   1.00 59.11  ? 1059 LYS A CB  1 
ATOM   762  C CG  . LYS A 1 102 ? -22.528 -4.545  0.905   1.00 65.27  ? 1059 LYS A CG  1 
ATOM   763  C CD  . LYS A 1 102 ? -22.261 -3.424  1.899   1.00 66.46  ? 1059 LYS A CD  1 
ATOM   764  C CE  . LYS A 1 102 ? -22.594 -2.068  1.296   1.00 66.72  ? 1059 LYS A CE  1 
ATOM   765  N NZ  . LYS A 1 102 ? -22.652 -1.004  2.334   1.00 70.86  ? 1059 LYS A NZ  1 
ATOM   766  N N   . GLY A 1 103 ? -19.464 -6.726  -0.328  1.00 62.87  ? 1060 GLY A N   1 
ATOM   767  C CA  . GLY A 1 103 ? -18.319 -6.156  -1.034  1.00 71.50  ? 1060 GLY A CA  1 
ATOM   768  C C   . GLY A 1 103 ? -18.155 -6.566  -2.478  1.00 74.28  ? 1060 GLY A C   1 
ATOM   769  O O   . GLY A 1 103 ? -18.238 -5.727  -3.379  1.00 77.55  ? 1060 GLY A O   1 
ATOM   770  N N   . ALA A 1 104 ? -17.908 -7.857  -2.692  1.00 77.48  ? 1061 ALA A N   1 
ATOM   771  C CA  . ALA A 1 104 ? -17.683 -8.398  -4.030  1.00 79.97  ? 1061 ALA A CA  1 
ATOM   772  C C   . ALA A 1 104 ? -18.001 -9.886  -4.078  1.00 83.43  ? 1061 ALA A C   1 
ATOM   773  O O   . ALA A 1 104 ? -18.151 -10.537 -3.035  1.00 82.78  ? 1061 ALA A O   1 
ATOM   774  C CB  . ALA A 1 104 ? -16.242 -8.149  -4.468  1.00 76.73  ? 1061 ALA A CB  1 
ATOM   775  N N   . ALA A 1 105 ? -18.109 -10.414 -5.299  1.00 85.15  ? 1062 ALA A N   1 
ATOM   776  C CA  . ALA A 1 105 ? -18.177 -11.856 -5.526  1.00 87.18  ? 1062 ALA A CA  1 
ATOM   777  C C   . ALA A 1 105 ? -16.851 -12.516 -5.137  1.00 88.12  ? 1062 ALA A C   1 
ATOM   778  O O   . ALA A 1 105 ? -16.833 -13.628 -4.597  1.00 89.46  ? 1062 ALA A O   1 
ATOM   779  C CB  . ALA A 1 105 ? -18.521 -12.151 -6.979  1.00 87.60  ? 1062 ALA A CB  1 
ATOM   780  N N   . GLY A 1 106 ? -15.750 -11.807 -5.392  1.00 85.92  ? 1063 GLY A N   1 
ATOM   781  C CA  . GLY A 1 106 ? -14.414 -12.296 -5.075  1.00 84.25  ? 1063 GLY A CA  1 
ATOM   782  C C   . GLY A 1 106 ? -13.679 -11.425 -4.067  1.00 79.18  ? 1063 GLY A C   1 
ATOM   783  O O   . GLY A 1 106 ? -13.596 -10.203 -4.253  1.00 79.39  ? 1063 GLY A O   1 
ATOM   784  N N   . PRO A 1 107 ? -13.152 -12.047 -2.983  1.00 72.71  ? 1064 PRO A N   1 
ATOM   785  C CA  . PRO A 1 107 ? -12.195 -11.374 -2.095  1.00 70.18  ? 1064 PRO A CA  1 
ATOM   786  C C   . PRO A 1 107 ? -10.914 -11.031 -2.849  1.00 69.27  ? 1064 PRO A C   1 
ATOM   787  O O   . PRO A 1 107 ? -10.481 -11.805 -3.713  1.00 65.41  ? 1064 PRO A O   1 
ATOM   788  C CB  . PRO A 1 107 ? -11.920 -12.420 -1.003  1.00 67.91  ? 1064 PRO A CB  1 
ATOM   789  C CG  . PRO A 1 107 ? -12.322 -13.723 -1.596  1.00 69.03  ? 1064 PRO A CG  1 
ATOM   790  C CD  . PRO A 1 107 ? -13.466 -13.409 -2.510  1.00 72.13  ? 1064 PRO A CD  1 
ATOM   791  N N   . LEU A 1 108 ? -10.327 -9.877  -2.528  1.00 67.74  ? 1065 LEU A N   1 
ATOM   792  C CA  . LEU A 1 108 ? -9.223  -9.310  -3.304  1.00 61.75  ? 1065 LEU A CA  1 
ATOM   793  C C   . LEU A 1 108 ? -8.044  -10.266 -3.478  1.00 59.95  ? 1065 LEU A C   1 
ATOM   794  O O   . LEU A 1 108 ? -7.554  -10.831 -2.492  1.00 60.69  ? 1065 LEU A O   1 
ATOM   795  C CB  . LEU A 1 108 ? -8.742  -7.996  -2.686  1.00 62.77  ? 1065 LEU A CB  1 
ATOM   796  C CG  . LEU A 1 108 ? -9.574  -6.732  -2.911  1.00 65.81  ? 1065 LEU A CG  1 
ATOM   797  C CD1 . LEU A 1 108 ? -8.942  -5.577  -2.153  1.00 62.38  ? 1065 LEU A CD1 1 
ATOM   798  C CD2 . LEU A 1 108 ? -9.701  -6.390  -4.394  1.00 64.04  ? 1065 LEU A CD2 1 
ATOM   799  N N   . PRO A 1 109 ? -7.596  -10.465 -4.737  1.00 54.96  ? 1066 PRO A N   1 
ATOM   800  C CA  . PRO A 1 109 ? -6.366  -11.214 -4.967  1.00 54.77  ? 1066 PRO A CA  1 
ATOM   801  C C   . PRO A 1 109 ? -5.157  -10.398 -4.506  1.00 54.84  ? 1066 PRO A C   1 
ATOM   802  O O   . PRO A 1 109 ? -5.235  -9.162  -4.438  1.00 52.02  ? 1066 PRO A O   1 
ATOM   803  C CB  . PRO A 1 109 ? -6.348  -11.400 -6.490  1.00 54.76  ? 1066 PRO A CB  1 
ATOM   804  C CG  . PRO A 1 109 ? -7.120  -10.242 -7.024  1.00 53.26  ? 1066 PRO A CG  1 
ATOM   805  C CD  . PRO A 1 109 ? -8.186  -9.967  -5.998  1.00 55.64  ? 1066 PRO A CD  1 
ATOM   806  N N   . SER A 1 110 ? -4.063  -11.091 -4.184  1.00 56.15  ? 1067 SER A N   1 
ATOM   807  C CA  . SER A 1 110 ? -2.813  -10.451 -3.754  1.00 59.32  ? 1067 SER A CA  1 
ATOM   808  C C   . SER A 1 110 ? -2.252  -9.472  -4.789  1.00 59.81  ? 1067 SER A C   1 
ATOM   809  O O   . SER A 1 110 ? -1.481  -8.577  -4.441  1.00 59.74  ? 1067 SER A O   1 
ATOM   810  C CB  . SER A 1 110 ? -1.761  -11.505 -3.404  1.00 62.33  ? 1067 SER A CB  1 
ATOM   811  O OG  . SER A 1 110 ? -1.564  -12.397 -4.486  1.00 71.02  ? 1067 SER A OG  1 
ATOM   812  N N   . GLU A 1 111 ? -2.654  -9.656  -6.050  1.00 56.80  ? 1068 GLU A N   1 
ATOM   813  C CA  . GLU A 1 111 ? -2.276  -8.783  -7.166  1.00 54.02  ? 1068 GLU A CA  1 
ATOM   814  C C   . GLU A 1 111 ? -2.788  -7.354  -6.998  1.00 50.00  ? 1068 GLU A C   1 
ATOM   815  O O   . GLU A 1 111 ? -2.112  -6.402  -7.382  1.00 51.31  ? 1068 GLU A O   1 
ATOM   816  C CB  . GLU A 1 111 ? -2.812  -9.349  -8.488  1.00 53.52  ? 1068 GLU A CB  1 
ATOM   817  C CG  . GLU A 1 111 ? -1.991  -10.476 -9.096  1.00 55.38  ? 1068 GLU A CG  1 
ATOM   818  C CD  . GLU A 1 111 ? -2.298  -11.837 -8.493  1.00 55.67  ? 1068 GLU A CD  1 
ATOM   819  O OE1 . GLU A 1 111 ? -3.452  -12.082 -8.078  1.00 57.18  ? 1068 GLU A OE1 1 
ATOM   820  O OE2 . GLU A 1 111 ? -1.375  -12.667 -8.434  1.00 58.11  ? 1068 GLU A OE2 1 
ATOM   821  N N   . ALA A 1 112 ? -3.995  -7.228  -6.455  1.00 46.81  ? 1069 ALA A N   1 
ATOM   822  C CA  . ALA A 1 112 ? -4.639  -5.941  -6.223  1.00 47.26  ? 1069 ALA A CA  1 
ATOM   823  C C   . ALA A 1 112 ? -4.020  -5.197  -5.029  1.00 49.70  ? 1069 ALA A C   1 
ATOM   824  O O   . ALA A 1 112 ? -3.816  -3.978  -5.091  1.00 51.17  ? 1069 ALA A O   1 
ATOM   825  C CB  . ALA A 1 112 ? -6.136  -6.134  -6.015  1.00 42.26  ? 1069 ALA A CB  1 
ATOM   826  N N   . VAL A 1 113 ? -3.734  -5.935  -3.951  1.00 48.12  ? 1070 VAL A N   1 
ATOM   827  C CA  . VAL A 1 113 ? -3.062  -5.379  -2.768  1.00 48.79  ? 1070 VAL A CA  1 
ATOM   828  C C   . VAL A 1 113 ? -1.649  -4.940  -3.152  1.00 48.62  ? 1070 VAL A C   1 
ATOM   829  O O   . VAL A 1 113 ? -1.202  -3.849  -2.768  1.00 44.96  ? 1070 VAL A O   1 
ATOM   830  C CB  . VAL A 1 113 ? -3.017  -6.394  -1.592  1.00 49.00  ? 1070 VAL A CB  1 
ATOM   831  C CG1 . VAL A 1 113 ? -2.318  -5.798  -0.375  1.00 47.46  ? 1070 VAL A CG1 1 
ATOM   832  C CG2 . VAL A 1 113 ? -4.419  -6.849  -1.225  1.00 46.83  ? 1070 VAL A CG2 1 
ATOM   833  N N   . GLN A 1 114 ? -0.969  -5.793  -3.928  1.00 48.55  ? 1071 GLN A N   1 
ATOM   834  C CA  . GLN A 1 114 ? 0.328   -5.479  -4.521  1.00 52.11  ? 1071 GLN A CA  1 
ATOM   835  C C   . GLN A 1 114 ? 0.274   -4.209  -5.361  1.00 51.39  ? 1071 GLN A C   1 
ATOM   836  O O   . GLN A 1 114 ? 1.167   -3.369  -5.264  1.00 49.27  ? 1071 GLN A O   1 
ATOM   837  C CB  . GLN A 1 114 ? 0.807   -6.627  -5.403  1.00 55.09  ? 1071 GLN A CB  1 
ATOM   838  C CG  . GLN A 1 114 ? 1.721   -7.629  -4.731  1.00 57.23  ? 1071 GLN A CG  1 
ATOM   839  C CD  . GLN A 1 114 ? 2.106   -8.765  -5.667  1.00 59.84  ? 1071 GLN A CD  1 
ATOM   840  O OE1 . GLN A 1 114 ? 1.244   -9.427  -6.244  1.00 64.44  ? 1071 GLN A OE1 1 
ATOM   841  N NE2 . GLN A 1 114 ? 3.403   -8.990  -5.824  1.00 61.07  ? 1071 GLN A NE2 1 
ATOM   842  N N   . TRP A 1 115 ? -0.776  -4.076  -6.180  1.00 51.64  ? 1072 TRP A N   1 
ATOM   843  C CA  . TRP A 1 115 ? -0.934  -2.898  -7.031  1.00 52.34  ? 1072 TRP A CA  1 
ATOM   844  C C   . TRP A 1 115 ? -1.099  -1.648  -6.194  1.00 48.86  ? 1072 TRP A C   1 
ATOM   845  O O   . TRP A 1 115 ? -0.453  -0.642  -6.458  1.00 50.24  ? 1072 TRP A O   1 
ATOM   846  C CB  . TRP A 1 115 ? -2.109  -3.037  -8.009  1.00 53.77  ? 1072 TRP A CB  1 
ATOM   847  C CG  . TRP A 1 115 ? -2.099  -1.953  -9.051  1.00 55.65  ? 1072 TRP A CG  1 
ATOM   848  C CD1 . TRP A 1 115 ? -1.457  -1.983  -10.257 1.00 58.47  ? 1072 TRP A CD1 1 
ATOM   849  C CD2 . TRP A 1 115 ? -2.708  -0.657  -8.953  1.00 58.61  ? 1072 TRP A CD2 1 
ATOM   850  N NE1 . TRP A 1 115 ? -1.643  -0.795  -10.928 1.00 57.90  ? 1072 TRP A NE1 1 
ATOM   851  C CE2 . TRP A 1 115 ? -2.407  0.037   -10.152 1.00 59.21  ? 1072 TRP A CE2 1 
ATOM   852  C CE3 . TRP A 1 115 ? -3.486  -0.014  -7.974  1.00 59.81  ? 1072 TRP A CE3 1 
ATOM   853  C CZ2 . TRP A 1 115 ? -2.861  1.342   -10.401 1.00 60.62  ? 1072 TRP A CZ2 1 
ATOM   854  C CZ3 . TRP A 1 115 ? -3.932  1.289   -8.218  1.00 61.55  ? 1072 TRP A CZ3 1 
ATOM   855  C CH2 . TRP A 1 115 ? -3.618  1.951   -9.425  1.00 61.21  ? 1072 TRP A CH2 1 
ATOM   856  N N   . LEU A 1 116 ? -1.972  -1.717  -5.195  1.00 48.31  ? 1073 LEU A N   1 
ATOM   857  C CA  . LEU A 1 116 ? -2.168  -0.606  -4.265  1.00 47.55  ? 1073 LEU A CA  1 
ATOM   858  C C   . LEU A 1 116 ? -0.883  -0.252  -3.506  1.00 46.42  ? 1073 LEU A C   1 
ATOM   859  O O   . LEU A 1 116 ? -0.567  0.931   -3.340  1.00 45.52  ? 1073 LEU A O   1 
ATOM   860  C CB  . LEU A 1 116 ? -3.324  -0.894  -3.306  1.00 48.13  ? 1073 LEU A CB  1 
ATOM   861  C CG  . LEU A 1 116 ? -4.729  -0.843  -3.919  1.00 50.47  ? 1073 LEU A CG  1 
ATOM   862  C CD1 . LEU A 1 116 ? -5.716  -1.606  -3.053  1.00 46.60  ? 1073 LEU A CD1 1 
ATOM   863  C CD2 . LEU A 1 116 ? -5.203  0.594   -4.151  1.00 48.44  ? 1073 LEU A CD2 1 
ATOM   864  N N   . CYS A 1 117 ? -0.126  -1.276  -3.101  1.00 46.05  ? 1074 CYS A N   1 
ATOM   865  C CA  . CYS A 1 117 ? 1.167   -1.078  -2.430  1.00 47.07  ? 1074 CYS A CA  1 
ATOM   866  C C   . CYS A 1 117 ? 2.161   -0.303  -3.288  1.00 51.78  ? 1074 CYS A C   1 
ATOM   867  O O   . CYS A 1 117 ? 2.739   0.682   -2.828  1.00 50.27  ? 1074 CYS A O   1 
ATOM   868  C CB  . CYS A 1 117 ? 1.774   -2.406  -2.000  1.00 44.08  ? 1074 CYS A CB  1 
ATOM   869  S SG  . CYS A 1 117 ? 3.255   -2.233  -0.981  1.00 42.82  ? 1074 CYS A SG  1 
ATOM   870  N N   . HIS A 1 118 ? 2.352   -0.748  -4.532  1.00 54.22  ? 1075 HIS A N   1 
ATOM   871  C CA  . HIS A 1 118 ? 3.271   -0.077  -5.458  1.00 55.68  ? 1075 HIS A CA  1 
ATOM   872  C C   . HIS A 1 118 ? 2.812   1.348   -5.758  1.00 54.26  ? 1075 HIS A C   1 
ATOM   873  O O   . HIS A 1 118 ? 3.629   2.257   -5.872  1.00 54.78  ? 1075 HIS A O   1 
ATOM   874  C CB  . HIS A 1 118 ? 3.426   -0.871  -6.757  1.00 55.43  ? 1075 HIS A CB  1 
ATOM   875  C CG  . HIS A 1 118 ? 3.997   -2.244  -6.568  1.00 56.93  ? 1075 HIS A CG  1 
ATOM   876  N ND1 . HIS A 1 118 ? 3.475   -3.356  -7.194  1.00 56.90  ? 1075 HIS A ND1 1 
ATOM   877  C CD2 . HIS A 1 118 ? 5.044   -2.685  -5.829  1.00 57.45  ? 1075 HIS A CD2 1 
ATOM   878  C CE1 . HIS A 1 118 ? 4.173   -4.424  -6.846  1.00 56.69  ? 1075 HIS A CE1 1 
ATOM   879  N NE2 . HIS A 1 118 ? 5.128   -4.044  -6.016  1.00 55.82  ? 1075 HIS A NE2 1 
ATOM   880  N N   . GLN A 1 119 ? 1.498   1.526   -5.862  1.00 54.43  ? 1076 GLN A N   1 
ATOM   881  C CA  . GLN A 1 119 ? 0.889   2.836   -6.082  1.00 55.72  ? 1076 GLN A CA  1 
ATOM   882  C C   . GLN A 1 119 ? 1.169   3.814   -4.943  1.00 53.82  ? 1076 GLN A C   1 
ATOM   883  O O   . GLN A 1 119 ? 1.539   4.967   -5.191  1.00 55.21  ? 1076 GLN A O   1 
ATOM   884  C CB  . GLN A 1 119 ? -0.624  2.690   -6.305  1.00 55.86  ? 1076 GLN A CB  1 
ATOM   885  C CG  . GLN A 1 119 ? -1.309  3.904   -6.934  1.00 57.28  ? 1076 GLN A CG  1 
ATOM   886  C CD  . GLN A 1 119 ? -0.743  4.301   -8.297  1.00 57.81  ? 1076 GLN A CD  1 
ATOM   887  O OE1 . GLN A 1 119 ? -0.062  3.519   -8.969  1.00 59.91  ? 1076 GLN A OE1 1 
ATOM   888  N NE2 . GLN A 1 119 ? -1.032  5.524   -8.710  1.00 57.49  ? 1076 GLN A NE2 1 
ATOM   889  N N   . ALA A 1 120 ? 0.999   3.343   -3.705  1.00 52.47  ? 1077 ALA A N   1 
ATOM   890  C CA  . ALA A 1 120 ? 1.162   4.180   -2.518  1.00 49.79  ? 1077 ALA A CA  1 
ATOM   891  C C   . ALA A 1 120 ? 2.617   4.584   -2.340  1.00 50.27  ? 1077 ALA A C   1 
ATOM   892  O O   . ALA A 1 120 ? 2.915   5.745   -2.029  1.00 49.47  ? 1077 ALA A O   1 
ATOM   893  C CB  . ALA A 1 120 ? 0.639   3.464   -1.281  1.00 48.66  ? 1077 ALA A CB  1 
ATOM   894  N N   . PHE A 1 121 ? 3.520   3.627   -2.558  1.00 45.99  ? 1078 PHE A N   1 
ATOM   895  C CA  . PHE A 1 121 ? 4.945   3.881   -2.480  1.00 47.51  ? 1078 PHE A CA  1 
ATOM   896  C C   . PHE A 1 121 ? 5.462   4.799   -3.587  1.00 53.52  ? 1078 PHE A C   1 
ATOM   897  O O   . PHE A 1 121 ? 6.351   5.610   -3.345  1.00 54.44  ? 1078 PHE A O   1 
ATOM   898  C CB  . PHE A 1 121 ? 5.728   2.570   -2.433  1.00 45.35  ? 1078 PHE A CB  1 
ATOM   899  C CG  . PHE A 1 121 ? 5.905   2.020   -1.039  1.00 42.64  ? 1078 PHE A CG  1 
ATOM   900  C CD1 . PHE A 1 121 ? 4.908   1.240   -0.448  1.00 42.16  ? 1078 PHE A CD1 1 
ATOM   901  C CD2 . PHE A 1 121 ? 7.060   2.294   -0.309  1.00 39.67  ? 1078 PHE A CD2 1 
ATOM   902  C CE1 . PHE A 1 121 ? 5.062   0.740   0.843   1.00 41.23  ? 1078 PHE A CE1 1 
ATOM   903  C CE2 . PHE A 1 121 ? 7.225   1.793   0.980   1.00 40.41  ? 1078 PHE A CE2 1 
ATOM   904  C CZ  . PHE A 1 121 ? 6.223   1.016   1.559   1.00 38.65  ? 1078 PHE A CZ  1 
ATOM   905  N N   . LEU A 1 122 ? 4.895   4.688   -4.788  1.00 54.99  ? 1079 LEU A N   1 
ATOM   906  C CA  . LEU A 1 122 ? 5.299   5.553   -5.901  1.00 58.03  ? 1079 LEU A CA  1 
ATOM   907  C C   . LEU A 1 122 ? 4.953   7.011   -5.630  1.00 58.96  ? 1079 LEU A C   1 
ATOM   908  O O   . LEU A 1 122 ? 5.820   7.882   -5.714  1.00 62.66  ? 1079 LEU A O   1 
ATOM   909  C CB  . LEU A 1 122 ? 4.698   5.081   -7.232  1.00 56.81  ? 1079 LEU A CB  1 
ATOM   910  C CG  . LEU A 1 122 ? 5.440   3.951   -7.960  1.00 55.00  ? 1079 LEU A CG  1 
ATOM   911  C CD1 . LEU A 1 122 ? 4.585   3.400   -9.086  1.00 54.09  ? 1079 LEU A CD1 1 
ATOM   912  C CD2 . LEU A 1 122 ? 6.792   4.407   -8.488  1.00 53.15  ? 1079 LEU A CD2 1 
ATOM   913  N N   . LEU A 1 123 ? 3.696   7.252   -5.264  1.00 59.40  ? 1080 LEU A N   1 
ATOM   914  C CA  . LEU A 1 123 ? 3.204   8.573   -4.872  1.00 59.89  ? 1080 LEU A CA  1 
ATOM   915  C C   . LEU A 1 123 ? 4.132   9.286   -3.869  1.00 61.72  ? 1080 LEU A C   1 
ATOM   916  O O   . LEU A 1 123 ? 4.473   10.459  -4.057  1.00 62.70  ? 1080 LEU A O   1 
ATOM   917  C CB  . LEU A 1 123 ? 1.778   8.443   -4.320  1.00 63.01  ? 1080 LEU A CB  1 
ATOM   918  C CG  . LEU A 1 123 ? 0.989   9.691   -3.919  1.00 66.26  ? 1080 LEU A CG  1 
ATOM   919  C CD1 . LEU A 1 123 ? -0.426  9.620   -4.472  1.00 68.69  ? 1080 LEU A CD1 1 
ATOM   920  C CD2 . LEU A 1 123 ? 0.973   9.865   -2.406  1.00 65.81  ? 1080 LEU A CD2 1 
ATOM   921  N N   . LYS A 1 124 ? 4.552   8.563   -2.829  1.00 58.47  ? 1081 LYS A N   1 
ATOM   922  C CA  . LYS A 1 124 ? 5.478   9.096   -1.823  1.00 54.77  ? 1081 LYS A CA  1 
ATOM   923  C C   . LYS A 1 124 ? 6.931   9.169   -2.305  1.00 53.38  ? 1081 LYS A C   1 
ATOM   924  O O   . LYS A 1 124 ? 7.623   10.157  -2.047  1.00 51.64  ? 1081 LYS A O   1 
ATOM   925  C CB  . LYS A 1 124 ? 5.376   8.300   -0.508  1.00 52.02  ? 1081 LYS A CB  1 
ATOM   926  C CG  . LYS A 1 124 ? 6.315   8.752   0.615   1.00 51.63  ? 1081 LYS A CG  1 
ATOM   927  C CD  . LYS A 1 124 ? 6.074   10.200  1.019   1.00 51.44  ? 1081 LYS A CD  1 
ATOM   928  C CE  . LYS A 1 124 ? 6.975   10.621  2.166   1.00 52.52  ? 1081 LYS A CE  1 
ATOM   929  N NZ  . LYS A 1 124 ? 6.967   12.105  2.343   1.00 55.00  ? 1081 LYS A NZ  1 
ATOM   930  N N   . LEU A 1 125 ? 7.389   8.125   -2.990  1.00 52.41  ? 1082 LEU A N   1 
ATOM   931  C CA  . LEU A 1 125 ? 8.795   8.025   -3.393  1.00 53.71  ? 1082 LEU A CA  1 
ATOM   932  C C   . LEU A 1 125 ? 9.175   8.915   -4.583  1.00 59.20  ? 1082 LEU A C   1 
ATOM   933  O O   . LEU A 1 125 ? 10.350  9.256   -4.742  1.00 62.53  ? 1082 LEU A O   1 
ATOM   934  C CB  . LEU A 1 125 ? 9.192   6.560   -3.642  1.00 50.81  ? 1082 LEU A CB  1 
ATOM   935  C CG  . LEU A 1 125 ? 9.734   5.717   -2.469  1.00 48.96  ? 1082 LEU A CG  1 
ATOM   936  C CD1 . LEU A 1 125 ? 8.932   5.847   -1.175  1.00 48.68  ? 1082 LEU A CD1 1 
ATOM   937  C CD2 . LEU A 1 125 ? 9.864   4.254   -2.873  1.00 45.80  ? 1082 LEU A CD2 1 
ATOM   938  N N   . THR A 1 126 ? 8.190   9.294   -5.406  1.00 63.11  ? 1083 THR A N   1 
ATOM   939  C CA  . THR A 1 126 ? 8.413   10.267  -6.499  1.00 67.49  ? 1083 THR A CA  1 
ATOM   940  C C   . THR A 1 126 ? 8.614   11.698  -5.985  1.00 69.37  ? 1083 THR A C   1 
ATOM   941  O O   . THR A 1 126 ? 9.096   12.567  -6.720  1.00 68.10  ? 1083 THR A O   1 
ATOM   942  C CB  . THR A 1 126 ? 7.275   10.277  -7.553  1.00 67.73  ? 1083 THR A CB  1 
ATOM   943  O OG1 . THR A 1 126 ? 6.001   10.361  -6.901  1.00 69.38  ? 1083 THR A OG1 1 
ATOM   944  C CG2 . THR A 1 126 ? 7.329   9.036   -8.442  1.00 67.88  ? 1083 THR A CG2 1 
ATOM   945  N N   . ARG A 1 127 ? 8.240   11.935  -4.726  1.00 67.29  ? 1084 ARG A N   1 
ATOM   946  C CA  . ARG A 1 127 ? 8.443   13.235  -4.085  1.00 65.94  ? 1084 ARG A CA  1 
ATOM   947  C C   . ARG A 1 127 ? 9.905   13.440  -3.678  1.00 64.55  ? 1084 ARG A C   1 
ATOM   948  O O   . ARG A 1 127 ? 10.315  14.557  -3.353  1.00 62.97  ? 1084 ARG A O   1 
ATOM   949  C CB  . ARG A 1 127 ? 7.518   13.395  -2.873  1.00 66.70  ? 1084 ARG A CB  1 
ATOM   950  C CG  . ARG A 1 127 ? 6.042   13.403  -3.227  1.00 66.38  ? 1084 ARG A CG  1 
ATOM   951  C CD  . ARG A 1 127 ? 5.186   13.969  -2.108  1.00 71.51  ? 1084 ARG A CD  1 
ATOM   952  N NE  . ARG A 1 127 ? 3.787   14.102  -2.526  1.00 75.46  ? 1084 ARG A NE  1 
ATOM   953  C CZ  . ARG A 1 127 ? 3.262   15.186  -3.104  1.00 80.87  ? 1084 ARG A CZ  1 
ATOM   954  N NH1 . ARG A 1 127 ? 4.009   16.264  -3.341  1.00 82.10  ? 1084 ARG A NH1 1 
ATOM   955  N NH2 . ARG A 1 127 ? 1.980   15.190  -3.452  1.00 80.71  ? 1084 ARG A NH2 1 
ATOM   956  N N   . HIS A 1 128 ? 10.682  12.357  -3.698  1.00 60.97  ? 1085 HIS A N   1 
ATOM   957  C CA  . HIS A 1 128 ? 12.091  12.403  -3.321  1.00 58.75  ? 1085 HIS A CA  1 
ATOM   958  C C   . HIS A 1 128 ? 12.934  11.598  -4.320  1.00 61.04  ? 1085 HIS A C   1 
ATOM   959  O O   . HIS A 1 128 ? 13.611  10.628  -3.948  1.00 57.29  ? 1085 HIS A O   1 
ATOM   960  C CB  . HIS A 1 128 ? 12.281  11.906  -1.875  1.00 55.82  ? 1085 HIS A CB  1 
ATOM   961  C CG  . HIS A 1 128 ? 11.193  12.338  -0.936  1.00 54.83  ? 1085 HIS A CG  1 
ATOM   962  N ND1 . HIS A 1 128 ? 11.211  13.548  -0.277  1.00 52.90  ? 1085 HIS A ND1 1 
ATOM   963  C CD2 . HIS A 1 128 ? 10.039  11.729  -0.569  1.00 54.76  ? 1085 HIS A CD2 1 
ATOM   964  C CE1 . HIS A 1 128 ? 10.125  13.662  0.466   1.00 52.38  ? 1085 HIS A CE1 1 
ATOM   965  N NE2 . HIS A 1 128 ? 9.397   12.570  0.309   1.00 53.26  ? 1085 HIS A NE2 1 
ATOM   966  N N   . ARG A 1 129 ? 12.888  12.029  -5.586  1.00 67.46  ? 1086 ARG A N   1 
ATOM   967  C CA  . ARG A 1 129 ? 13.555  11.346  -6.712  1.00 73.72  ? 1086 ARG A CA  1 
ATOM   968  C C   . ARG A 1 129 ? 15.073  11.229  -6.552  1.00 74.88  ? 1086 ARG A C   1 
ATOM   969  O O   . ARG A 1 129 ? 15.655  10.196  -6.886  1.00 76.10  ? 1086 ARG A O   1 
ATOM   970  C CB  . ARG A 1 129 ? 13.227  12.033  -8.044  1.00 76.94  ? 1086 ARG A CB  1 
ATOM   971  C CG  . ARG A 1 129 ? 11.816  11.782  -8.565  1.00 81.40  ? 1086 ARG A CG  1 
ATOM   972  C CD  . ARG A 1 129 ? 11.764  11.893  -10.083 1.00 85.57  ? 1086 ARG A CD  1 
ATOM   973  N NE  . ARG A 1 129 ? 12.189  10.650  -10.736 1.00 90.47  ? 1086 ARG A NE  1 
ATOM   974  C CZ  . ARG A 1 129 ? 12.764  10.574  -11.937 1.00 93.04  ? 1086 ARG A CZ  1 
ATOM   975  N NH1 . ARG A 1 129 ? 13.012  11.672  -12.645 1.00 92.80  ? 1086 ARG A NH1 1 
ATOM   976  N NH2 . ARG A 1 129 ? 13.108  9.389   -12.430 1.00 91.60  ? 1086 ARG A NH2 1 
ATOM   977  N N   . VAL A 1 130 ? 15.698  12.287  -6.036  1.00 77.76  ? 1087 VAL A N   1 
ATOM   978  C CA  . VAL A 1 130 ? 17.147  12.301  -5.750  1.00 79.96  ? 1087 VAL A CA  1 
ATOM   979  C C   . VAL A 1 130 ? 17.581  11.165  -4.807  1.00 77.09  ? 1087 VAL A C   1 
ATOM   980  O O   . VAL A 1 130 ? 18.732  10.721  -4.840  1.00 76.51  ? 1087 VAL A O   1 
ATOM   981  C CB  . VAL A 1 130 ? 17.624  13.675  -5.198  1.00 82.14  ? 1087 VAL A CB  1 
ATOM   982  C CG1 . VAL A 1 130 ? 17.654  14.720  -6.306  1.00 84.27  ? 1087 VAL A CG1 1 
ATOM   983  C CG2 . VAL A 1 130 ? 16.757  14.145  -4.028  1.00 85.87  ? 1087 VAL A CG2 1 
ATOM   984  N N   . THR A 1 131 ? 16.642  10.698  -3.987  1.00 74.68  ? 1088 THR A N   1 
ATOM   985  C CA  . THR A 1 131 ? 16.879  9.600   -3.059  1.00 71.70  ? 1088 THR A CA  1 
ATOM   986  C C   . THR A 1 131 ? 16.438  8.248   -3.646  1.00 67.30  ? 1088 THR A C   1 
ATOM   987  O O   . THR A 1 131 ? 17.076  7.226   -3.388  1.00 69.39  ? 1088 THR A O   1 
ATOM   988  C CB  . THR A 1 131 ? 16.171  9.845   -1.703  1.00 73.13  ? 1088 THR A CB  1 
ATOM   989  O OG1 . THR A 1 131 ? 16.220  11.242  -1.371  1.00 73.39  ? 1088 THR A OG1 1 
ATOM   990  C CG2 . THR A 1 131 ? 16.835  9.041   -0.585  1.00 72.12  ? 1088 THR A CG2 1 
ATOM   991  N N   . TYR A 1 132 ? 15.377  8.254   -4.456  1.00 63.55  ? 1089 TYR A N   1 
ATOM   992  C CA  . TYR A 1 132 ? 14.652  7.015   -4.802  1.00 64.51  ? 1089 TYR A CA  1 
ATOM   993  C C   . TYR A 1 132 ? 14.573  6.630   -6.280  1.00 65.72  ? 1089 TYR A C   1 
ATOM   994  O O   . TYR A 1 132 ? 13.884  5.667   -6.635  1.00 68.80  ? 1089 TYR A O   1 
ATOM   995  C CB  . TYR A 1 132 ? 13.243  7.040   -4.211  1.00 59.21  ? 1089 TYR A CB  1 
ATOM   996  C CG  . TYR A 1 132 ? 13.204  7.016   -2.710  1.00 55.52  ? 1089 TYR A CG  1 
ATOM   997  C CD1 . TYR A 1 132 ? 13.670  5.906   -1.987  1.00 53.35  ? 1089 TYR A CD1 1 
ATOM   998  C CD2 . TYR A 1 132 ? 12.668  8.090   -2.004  1.00 51.93  ? 1089 TYR A CD2 1 
ATOM   999  C CE1 . TYR A 1 132 ? 13.616  5.887   -0.600  1.00 51.51  ? 1089 TYR A CE1 1 
ATOM   1000 C CE2 . TYR A 1 132 ? 12.608  8.082   -0.625  1.00 47.79  ? 1089 TYR A CE2 1 
ATOM   1001 C CZ  . TYR A 1 132 ? 13.081  6.988   0.072   1.00 48.11  ? 1089 TYR A CZ  1 
ATOM   1002 O OH  . TYR A 1 132 ? 13.004  7.000   1.435   1.00 46.75  ? 1089 TYR A OH  1 
ATOM   1003 N N   . VAL A 1 133 ? 15.303  7.350   -7.131  1.00 69.15  ? 1090 VAL A N   1 
ATOM   1004 C CA  . VAL A 1 133 ? 15.441  6.998   -8.560  1.00 66.73  ? 1090 VAL A CA  1 
ATOM   1005 C C   . VAL A 1 133 ? 15.889  5.520   -8.863  1.00 60.91  ? 1090 VAL A C   1 
ATOM   1006 O O   . VAL A 1 133 ? 15.485  4.965   -9.887  1.00 60.62  ? 1090 VAL A O   1 
ATOM   1007 C CB  . VAL A 1 133 ? 16.259  8.085   -9.344  1.00 70.92  ? 1090 VAL A CB  1 
ATOM   1008 C CG1 . VAL A 1 133 ? 17.683  8.227   -8.811  1.00 70.84  ? 1090 VAL A CG1 1 
ATOM   1009 C CG2 . VAL A 1 133 ? 16.240  7.850   -10.852 1.00 72.07  ? 1090 VAL A CG2 1 
ATOM   1010 N N   . PRO A 1 134 ? 16.669  4.870   -7.954  1.00 56.95  ? 1091 PRO A N   1 
ATOM   1011 C CA  . PRO A 1 134 ? 16.982  3.435   -8.175  1.00 58.81  ? 1091 PRO A CA  1 
ATOM   1012 C C   . PRO A 1 134 ? 15.779  2.482   -8.082  1.00 62.19  ? 1091 PRO A C   1 
ATOM   1013 O O   . PRO A 1 134 ? 15.821  1.382   -8.650  1.00 61.23  ? 1091 PRO A O   1 
ATOM   1014 C CB  . PRO A 1 134 ? 17.965  3.101   -7.043  1.00 57.88  ? 1091 PRO A CB  1 
ATOM   1015 C CG  . PRO A 1 134 ? 18.457  4.408   -6.537  1.00 54.94  ? 1091 PRO A CG  1 
ATOM   1016 C CD  . PRO A 1 134 ? 17.365  5.392   -6.760  1.00 54.79  ? 1091 PRO A CD  1 
ATOM   1017 N N   . LEU A 1 135 ? 14.734  2.887   -7.361  1.00 61.47  ? 1092 LEU A N   1 
ATOM   1018 C CA  . LEU A 1 135 ? 13.599  2.002   -7.095  1.00 61.38  ? 1092 LEU A CA  1 
ATOM   1019 C C   . LEU A 1 135 ? 12.457  2.228   -8.059  1.00 66.27  ? 1092 LEU A C   1 
ATOM   1020 O O   . LEU A 1 135 ? 11.778  1.278   -8.451  1.00 68.65  ? 1092 LEU A O   1 
ATOM   1021 C CB  . LEU A 1 135 ? 13.091  2.171   -5.658  1.00 57.55  ? 1092 LEU A CB  1 
ATOM   1022 C CG  . LEU A 1 135 ? 14.029  1.980   -4.463  1.00 54.88  ? 1092 LEU A CG  1 
ATOM   1023 C CD1 . LEU A 1 135 ? 13.230  2.137   -3.178  1.00 53.66  ? 1092 LEU A CD1 1 
ATOM   1024 C CD2 . LEU A 1 135 ? 14.763  0.645   -4.480  1.00 52.07  ? 1092 LEU A CD2 1 
ATOM   1025 N N   . LEU A 1 136 ? 12.257  3.491   -8.437  1.00 71.77  ? 1093 LEU A N   1 
ATOM   1026 C CA  . LEU A 1 136 ? 11.122  3.908   -9.263  1.00 73.88  ? 1093 LEU A CA  1 
ATOM   1027 C C   . LEU A 1 136 ? 11.041  3.156   -10.593 1.00 78.98  ? 1093 LEU A C   1 
ATOM   1028 O O   . LEU A 1 136 ? 9.952   2.991   -11.144 1.00 79.64  ? 1093 LEU A O   1 
ATOM   1029 C CB  . LEU A 1 136 ? 11.142  5.427   -9.498  1.00 73.03  ? 1093 LEU A CB  1 
ATOM   1030 C CG  . LEU A 1 136 ? 11.123  6.356   -8.267  1.00 73.43  ? 1093 LEU A CG  1 
ATOM   1031 C CD1 . LEU A 1 136 ? 11.650  7.744   -8.607  1.00 69.77  ? 1093 LEU A CD1 1 
ATOM   1032 C CD2 . LEU A 1 136 ? 9.744   6.443   -7.628  1.00 67.66  ? 1093 LEU A CD2 1 
ATOM   1033 N N   . GLY A 1 137 ? 12.190  2.688   -11.083 1.00 81.92  ? 1094 GLY A N   1 
ATOM   1034 C CA  . GLY A 1 137 ? 12.252  1.825   -12.263 1.00 85.80  ? 1094 GLY A CA  1 
ATOM   1035 C C   . GLY A 1 137 ? 11.474  0.533   -12.074 1.00 85.74  ? 1094 GLY A C   1 
ATOM   1036 O O   . GLY A 1 137 ? 10.487  0.286   -12.778 1.00 86.13  ? 1094 GLY A O   1 
ATOM   1037 N N   . SER A 1 138 ? 11.900  -0.267  -11.095 1.00 81.40  ? 1095 SER A N   1 
ATOM   1038 C CA  . SER A 1 138 ? 11.292  -1.573  -10.804 1.00 79.13  ? 1095 SER A CA  1 
ATOM   1039 C C   . SER A 1 138 ? 9.808   -1.505  -10.410 1.00 78.59  ? 1095 SER A C   1 
ATOM   1040 O O   . SER A 1 138 ? 9.017   -2.369  -10.808 1.00 79.48  ? 1095 SER A O   1 
ATOM   1041 C CB  . SER A 1 138 ? 12.095  -2.304  -9.726  1.00 77.48  ? 1095 SER A CB  1 
ATOM   1042 O OG  . SER A 1 138 ? 13.450  -2.459  -10.119 1.00 75.59  ? 1095 SER A OG  1 
ATOM   1043 N N   . LEU A 1 139 ? 9.439   -0.477  -9.643  1.00 74.36  ? 1096 LEU A N   1 
ATOM   1044 C CA  . LEU A 1 139 ? 8.050   -0.293  -9.189  1.00 72.38  ? 1096 LEU A CA  1 
ATOM   1045 C C   . LEU A 1 139 ? 7.099   0.093   -10.323 1.00 72.41  ? 1096 LEU A C   1 
ATOM   1046 O O   . LEU A 1 139 ? 5.959   -0.390  -10.373 1.00 73.71  ? 1096 LEU A O   1 
ATOM   1047 C CB  . LEU A 1 139 ? 7.968   0.743   -8.053  1.00 69.27  ? 1096 LEU A CB  1 
ATOM   1048 C CG  . LEU A 1 139 ? 8.758   0.503   -6.755  1.00 70.36  ? 1096 LEU A CG  1 
ATOM   1049 C CD1 . LEU A 1 139 ? 8.963   1.808   -6.001  1.00 67.80  ? 1096 LEU A CD1 1 
ATOM   1050 C CD2 . LEU A 1 139 ? 8.095   -0.537  -5.855  1.00 66.96  ? 1096 LEU A CD2 1 
ATOM   1051 N N   . ARG A 1 140 ? 7.569   0.962   -11.223 1.00 76.80  ? 1097 ARG A N   1 
ATOM   1052 C CA  . ARG A 1 140 ? 6.764   1.446   -12.357 1.00 76.87  ? 1097 ARG A CA  1 
ATOM   1053 C C   . ARG A 1 140 ? 6.419   0.342   -13.354 1.00 75.31  ? 1097 ARG A C   1 
ATOM   1054 O O   . ARG A 1 140 ? 5.311   0.329   -13.901 1.00 76.84  ? 1097 ARG A O   1 
ATOM   1055 C CB  . ARG A 1 140 ? 7.447   2.624   -13.072 1.00 80.34  ? 1097 ARG A CB  1 
ATOM   1056 C CG  . ARG A 1 140 ? 7.166   3.986   -12.441 1.00 80.83  ? 1097 ARG A CG  1 
ATOM   1057 C CD  . ARG A 1 140 ? 7.748   5.142   -13.251 1.00 84.43  ? 1097 ARG A CD  1 
ATOM   1058 N NE  . ARG A 1 140 ? 9.209   5.251   -13.145 1.00 85.22  ? 1097 ARG A NE  1 
ATOM   1059 C CZ  . ARG A 1 140 ? 9.896   6.394   -13.209 1.00 86.95  ? 1097 ARG A CZ  1 
ATOM   1060 N NH1 . ARG A 1 140 ? 9.271   7.556   -13.361 1.00 87.94  ? 1097 ARG A NH1 1 
ATOM   1061 N NH2 . ARG A 1 140 ? 11.219  6.377   -13.106 1.00 87.38  ? 1097 ARG A NH2 1 
ATOM   1062 N N   . THR A 1 141 ? 7.360   -0.577  -13.587 1.00 72.40  ? 1098 THR A N   1 
ATOM   1063 C CA  . THR A 1 141 ? 7.104   -1.748  -14.437 1.00 75.37  ? 1098 THR A CA  1 
ATOM   1064 C C   . THR A 1 141 ? 6.101   -2.675  -13.755 1.00 75.18  ? 1098 THR A C   1 
ATOM   1065 O O   . THR A 1 141 ? 5.109   -3.074  -14.368 1.00 67.59  ? 1098 THR A O   1 
ATOM   1066 C CB  . THR A 1 141 ? 8.387   -2.549  -14.813 1.00 76.04  ? 1098 THR A CB  1 
ATOM   1067 O OG1 . THR A 1 141 ? 8.804   -3.367  -13.711 1.00 78.37  ? 1098 THR A OG1 1 
ATOM   1068 C CG2 . THR A 1 141 ? 9.528   -1.626  -15.227 1.00 76.17  ? 1098 THR A CG2 1 
ATOM   1069 N N   . ALA A 1 142 ? 6.357   -2.977  -12.475 1.00 74.73  ? 1099 ALA A N   1 
ATOM   1070 C CA  . ALA A 1 142 ? 5.488   -3.832  -11.659 1.00 70.69  ? 1099 ALA A CA  1 
ATOM   1071 C C   . ALA A 1 142 ? 4.028   -3.406  -11.759 1.00 73.45  ? 1099 ALA A C   1 
ATOM   1072 O O   . ALA A 1 142 ? 3.132   -4.250  -11.772 1.00 72.32  ? 1099 ALA A O   1 
ATOM   1073 C CB  . ALA A 1 142 ? 5.948   -3.833  -10.211 1.00 74.11  ? 1099 ALA A CB  1 
ATOM   1074 N N   . GLN A 1 143 ? 3.805   -2.095  -11.860 1.00 75.66  ? 1100 GLN A N   1 
ATOM   1075 C CA  . GLN A 1 143 ? 2.477   -1.538  -12.110 1.00 77.91  ? 1100 GLN A CA  1 
ATOM   1076 C C   . GLN A 1 143 ? 1.848   -2.034  -13.411 1.00 82.98  ? 1100 GLN A C   1 
ATOM   1077 O O   . GLN A 1 143 ? 0.692   -2.452  -13.413 1.00 82.69  ? 1100 GLN A O   1 
ATOM   1078 C CB  . GLN A 1 143 ? 2.507   -0.003  -12.071 1.00 77.11  ? 1100 GLN A CB  1 
ATOM   1079 C CG  . GLN A 1 143 ? 2.640   0.593   -10.675 1.00 70.70  ? 1100 GLN A CG  1 
ATOM   1080 C CD  . GLN A 1 143 ? 1.577   0.096   -9.716  1.00 66.33  ? 1100 GLN A CD  1 
ATOM   1081 O OE1 . GLN A 1 143 ? 1.591   -1.062  -9.304  1.00 67.43  ? 1100 GLN A OE1 1 
ATOM   1082 N NE2 . GLN A 1 143 ? 0.655   0.973   -9.352  1.00 66.84  ? 1100 GLN A NE2 1 
ATOM   1083 N N   . THR A 1 144 ? 2.617   -1.996  -14.501 1.00 90.67  ? 1101 THR A N   1 
ATOM   1084 C CA  . THR A 1 144 ? 2.165   -2.514  -15.799 1.00 93.69  ? 1101 THR A CA  1 
ATOM   1085 C C   . THR A 1 144 ? 2.289   -4.042  -15.872 1.00 95.79  ? 1101 THR A C   1 
ATOM   1086 O O   . THR A 1 144 ? 1.461   -4.699  -16.502 1.00 102.75 ? 1101 THR A O   1 
ATOM   1087 C CB  . THR A 1 144 ? 2.900   -1.847  -16.987 1.00 93.34  ? 1101 THR A CB  1 
ATOM   1088 O OG1 . THR A 1 144 ? 3.133   -0.463  -16.697 1.00 89.37  ? 1101 THR A OG1 1 
ATOM   1089 C CG2 . THR A 1 144 ? 2.064   -1.949  -18.269 1.00 94.34  ? 1101 THR A CG2 1 
ATOM   1090 N N   . GLN A 1 145 ? 3.319   -4.594  -15.222 1.00 95.56  ? 1102 GLN A N   1 
ATOM   1091 C CA  . GLN A 1 145 ? 3.469   -6.047  -15.028 1.00 97.77  ? 1102 GLN A CA  1 
ATOM   1092 C C   . GLN A 1 145 ? 2.216   -6.638  -14.375 1.00 97.94  ? 1102 GLN A C   1 
ATOM   1093 O O   . GLN A 1 145 ? 1.784   -7.733  -14.734 1.00 102.41 ? 1102 GLN A O   1 
ATOM   1094 C CB  . GLN A 1 145 ? 4.712   -6.350  -14.178 1.00 101.86 ? 1102 GLN A CB  1 
ATOM   1095 C CG  . GLN A 1 145 ? 4.989   -7.825  -13.902 1.00 106.54 ? 1102 GLN A CG  1 
ATOM   1096 C CD  . GLN A 1 145 ? 5.877   -8.470  -14.951 1.00 109.97 ? 1102 GLN A CD  1 
ATOM   1097 O OE1 . GLN A 1 145 ? 5.419   -9.288  -15.749 1.00 112.37 ? 1102 GLN A OE1 1 
ATOM   1098 N NE2 . GLN A 1 145 ? 7.157   -8.104  -14.953 1.00 111.12 ? 1102 GLN A NE2 1 
ATOM   1099 N N   . LEU A 1 146 ? 1.643   -5.896  -13.426 1.00 97.16  ? 1103 LEU A N   1 
ATOM   1100 C CA  . LEU A 1 146 ? 0.369   -6.247  -12.800 1.00 93.99  ? 1103 LEU A CA  1 
ATOM   1101 C C   . LEU A 1 146 ? -0.825  -5.753  -13.613 1.00 98.12  ? 1103 LEU A C   1 
ATOM   1102 O O   . LEU A 1 146 ? -1.896  -6.361  -13.575 1.00 96.67  ? 1103 LEU A O   1 
ATOM   1103 C CB  . LEU A 1 146 ? 0.299   -5.701  -11.368 1.00 94.75  ? 1103 LEU A CB  1 
ATOM   1104 C CG  . LEU A 1 146 ? 0.806   -6.530  -10.174 1.00 94.64  ? 1103 LEU A CG  1 
ATOM   1105 C CD1 . LEU A 1 146 ? 2.227   -7.074  -10.335 1.00 94.84  ? 1103 LEU A CD1 1 
ATOM   1106 C CD2 . LEU A 1 146 ? 0.721   -5.677  -8.921  1.00 95.50  ? 1103 LEU A CD2 1 
ATOM   1107 N N   . SER A 1 147 ? -0.641  -4.654  -14.351 1.00 102.06 ? 1104 SER A N   1 
ATOM   1108 C CA  . SER A 1 147 ? -1.690  -4.139  -15.247 1.00 107.06 ? 1104 SER A CA  1 
ATOM   1109 C C   . SER A 1 147 ? -1.845  -4.974  -16.519 1.00 108.54 ? 1104 SER A C   1 
ATOM   1110 O O   . SER A 1 147 ? -2.849  -4.853  -17.222 1.00 110.48 ? 1104 SER A O   1 
ATOM   1111 C CB  . SER A 1 147 ? -1.471  -2.660  -15.587 1.00 106.65 ? 1104 SER A CB  1 
ATOM   1112 O OG  . SER A 1 147 ? -1.698  -1.836  -14.455 1.00 106.35 ? 1104 SER A OG  1 
ATOM   1113 N N   . ARG A 1 148 ? -0.838  -5.798  -16.818 1.00 108.67 ? 1105 ARG A N   1 
ATOM   1114 C CA  . ARG A 1 148 ? -0.950  -6.793  -17.882 1.00 110.69 ? 1105 ARG A CA  1 
ATOM   1115 C C   . ARG A 1 148 ? -1.255  -8.184  -17.309 1.00 111.35 ? 1105 ARG A C   1 
ATOM   1116 O O   . ARG A 1 148 ? -1.625  -9.097  -18.052 1.00 116.35 ? 1105 ARG A O   1 
ATOM   1117 C CB  . ARG A 1 148 ? 0.302   -6.801  -18.782 1.00 109.17 ? 1105 ARG A CB  1 
ATOM   1118 C CG  . ARG A 1 148 ? 1.479   -7.637  -18.277 1.00 108.75 ? 1105 ARG A CG  1 
ATOM   1119 C CD  . ARG A 1 148 ? 2.379   -8.080  -19.423 1.00 110.67 ? 1105 ARG A CD  1 
ATOM   1120 N NE  . ARG A 1 148 ? 1.704   -9.013  -20.332 1.00 109.56 ? 1105 ARG A NE  1 
ATOM   1121 C CZ  . ARG A 1 148 ? 2.142   -9.349  -21.546 1.00 107.65 ? 1105 ARG A CZ  1 
ATOM   1122 N NH1 . ARG A 1 148 ? 3.268   -8.835  -22.029 1.00 105.76 ? 1105 ARG A NH1 1 
ATOM   1123 N NH2 . ARG A 1 148 ? 1.444   -10.202 -22.285 1.00 105.99 ? 1105 ARG A NH2 1 
ATOM   1124 N N   . LYS A 1 149 ? -1.099  -8.329  -15.992 1.00 109.64 ? 1106 LYS A N   1 
ATOM   1125 C CA  . LYS A 1 149 ? -1.425  -9.577  -15.297 1.00 108.45 ? 1106 LYS A CA  1 
ATOM   1126 C C   . LYS A 1 149 ? -2.925  -9.692  -15.035 1.00 109.20 ? 1106 LYS A C   1 
ATOM   1127 O O   . LYS A 1 149 ? -3.501  -10.769 -15.214 1.00 111.35 ? 1106 LYS A O   1 
ATOM   1128 C CB  . LYS A 1 149 ? -0.632  -9.696  -13.991 1.00 107.10 ? 1106 LYS A CB  1 
ATOM   1129 C CG  . LYS A 1 149 ? -0.387  -11.125 -13.523 1.00 105.29 ? 1106 LYS A CG  1 
ATOM   1130 C CD  . LYS A 1 149 ? 0.724   -11.159 -12.478 1.00 104.97 ? 1106 LYS A CD  1 
ATOM   1131 C CE  . LYS A 1 149 ? 0.767   -12.511 -11.763 1.00 103.76 ? 1106 LYS A CE  1 
ATOM   1132 N NZ  . LYS A 1 149 ? 1.839   -12.541 -10.729 1.00 101.94 ? 1106 LYS A NZ  1 
ATOM   1133 N N   . LEU A 1 150 ? -3.545  -8.578  -14.606 1.00 111.23 ? 1107 LEU A N   1 
ATOM   1134 C CA  . LEU A 1 150 ? -4.993  -8.547  -14.338 1.00 116.42 ? 1107 LEU A CA  1 
ATOM   1135 C C   . LEU A 1 150 ? -5.644  -7.155  -14.529 1.00 118.70 ? 1107 LEU A C   1 
ATOM   1136 O O   . LEU A 1 150 ? -5.783  -6.385  -13.574 1.00 123.11 ? 1107 LEU A O   1 
ATOM   1137 C CB  . LEU A 1 150 ? -5.329  -9.175  -12.954 1.00 117.23 ? 1107 LEU A CB  1 
ATOM   1138 C CG  . LEU A 1 150 ? -4.983  -8.613  -11.547 1.00 119.25 ? 1107 LEU A CG  1 
ATOM   1139 C CD1 . LEU A 1 150 ? -3.721  -7.754  -11.455 1.00 116.48 ? 1107 LEU A CD1 1 
ATOM   1140 C CD2 . LEU A 1 150 ? -6.171  -7.920  -10.884 1.00 119.43 ? 1107 LEU A CD2 1 
ATOM   1141 N N   . PRO A 1 151 ? -6.025  -6.808  -15.798 1.00 119.63 ? 1108 PRO A N   1 
ATOM   1142 C CA  . PRO A 1 151 ? -7.005  -5.726  -15.968 1.00 119.95 ? 1108 PRO A CA  1 
ATOM   1143 C C   . PRO A 1 151 ? -8.432  -6.238  -15.758 1.00 121.14 ? 1108 PRO A C   1 
ATOM   1144 O O   . PRO A 1 151 ? -9.164  -6.468  -16.730 1.00 122.74 ? 1108 PRO A O   1 
ATOM   1145 C CB  . PRO A 1 151 ? -6.807  -5.277  -17.427 1.00 117.73 ? 1108 PRO A CB  1 
ATOM   1146 C CG  . PRO A 1 151 ? -5.480  -5.817  -17.833 1.00 116.61 ? 1108 PRO A CG  1 
ATOM   1147 C CD  . PRO A 1 151 ? -5.307  -7.094  -17.066 1.00 117.33 ? 1108 PRO A CD  1 
ATOM   1148 N N   . GLY A 1 152 ? -8.818  -6.422  -14.492 1.00 121.03 ? 1109 GLY A N   1 
ATOM   1149 C CA  . GLY A 1 152 ? -10.154 -6.915  -14.156 1.00 123.30 ? 1109 GLY A CA  1 
ATOM   1150 C C   . GLY A 1 152 ? -11.257 -5.870  -14.276 1.00 125.76 ? 1109 GLY A C   1 
ATOM   1151 O O   . GLY A 1 152 ? -12.340 -6.045  -13.704 1.00 122.57 ? 1109 GLY A O   1 
ATOM   1152 N N   . THR A 1 153 ? -10.996 -4.802  -15.021 1.00 126.69 ? 1110 THR A N   1 
ATOM   1153 C CA  . THR A 1 153 ? -11.838 -3.580  -15.096 1.00 127.17 ? 1110 THR A CA  1 
ATOM   1154 C C   . THR A 1 153 ? -11.541 -2.903  -13.745 1.00 127.28 ? 1110 THR A C   1 
ATOM   1155 O O   . THR A 1 153 ? -11.115 -1.747  -13.691 1.00 127.29 ? 1110 THR A O   1 
ATOM   1156 C CB  . THR A 1 153 ? -13.252 -3.848  -15.687 1.00 128.38 ? 1110 THR A CB  1 
ATOM   1157 O OG1 . THR A 1 153 ? -13.160 -4.800  -16.759 1.00 127.30 ? 1110 THR A OG1 1 
ATOM   1158 C CG2 . THR A 1 153 ? -13.871 -2.555  -16.226 1.00 126.81 ? 1110 THR A CG2 1 
ATOM   1159 N N   . THR A 1 154 ? -11.708 -3.677  -12.667 1.00 127.91 ? 1111 THR A N   1 
ATOM   1160 C CA  . THR A 1 154 ? -11.639 -3.194  -11.287 1.00 124.15 ? 1111 THR A CA  1 
ATOM   1161 C C   . THR A 1 154 ? -10.271 -2.527  -11.030 1.00 120.82 ? 1111 THR A C   1 
ATOM   1162 O O   . THR A 1 154 ? -10.045 -1.930  -9.969  1.00 119.79 ? 1111 THR A O   1 
ATOM   1163 C CB  . THR A 1 154 ? -11.896 -4.349  -10.276 1.00 125.14 ? 1111 THR A CB  1 
ATOM   1164 O OG1 . THR A 1 154 ? -12.950 -5.203  -10.761 1.00 124.19 ? 1111 THR A OG1 1 
ATOM   1165 C CG2 . THR A 1 154 ? -12.304 -3.808  -8.921  1.00 127.26 ? 1111 THR A CG2 1 
ATOM   1166 N N   . LEU A 1 155 ? -9.358  -2.602  -12.019 1.00 114.50 ? 1112 LEU A N   1 
ATOM   1167 C CA  . LEU A 1 155 ? -8.074  -1.894  -12.037 1.00 107.82 ? 1112 LEU A CA  1 
ATOM   1168 C C   . LEU A 1 155 ? -8.297  -0.388  -11.933 1.00 107.20 ? 1112 LEU A C   1 
ATOM   1169 O O   . LEU A 1 155 ? -7.564  0.302   -11.225 1.00 110.02 ? 1112 LEU A O   1 
ATOM   1170 C CB  . LEU A 1 155 ? -7.301  -2.214  -13.326 1.00 106.08 ? 1112 LEU A CB  1 
ATOM   1171 C CG  . LEU A 1 155 ? -5.812  -1.838  -13.441 1.00 105.22 ? 1112 LEU A CG  1 
ATOM   1172 C CD1 . LEU A 1 155 ? -5.091  -2.823  -14.346 1.00 105.64 ? 1112 LEU A CD1 1 
ATOM   1173 C CD2 . LEU A 1 155 ? -5.602  -0.416  -13.943 1.00 105.41 ? 1112 LEU A CD2 1 
ATOM   1174 N N   . THR A 1 156 ? -9.324  0.094   -12.651 1.00 100.69 ? 1113 THR A N   1 
ATOM   1175 C CA  . THR A 1 156 ? -9.736  1.500   -12.585 1.00 94.71  ? 1113 THR A CA  1 
ATOM   1176 C C   . THR A 1 156 ? -10.517 1.813   -11.298 1.00 90.83  ? 1113 THR A C   1 
ATOM   1177 O O   . THR A 1 156 ? -10.572 2.967   -10.866 1.00 90.54  ? 1113 THR A O   1 
ATOM   1178 C CB  . THR A 1 156 ? -10.554 1.921   -13.830 1.00 94.53  ? 1113 THR A CB  1 
ATOM   1179 O OG1 . THR A 1 156 ? -11.574 0.949   -14.090 1.00 92.18  ? 1113 THR A OG1 1 
ATOM   1180 C CG2 . THR A 1 156 ? -9.650  2.041   -15.056 1.00 90.02  ? 1113 THR A CG2 1 
ATOM   1181 N N   . ALA A 1 157 ? -11.110 0.781   -10.691 1.00 85.95  ? 1114 ALA A N   1 
ATOM   1182 C CA  . ALA A 1 157 ? -11.746 0.913   -9.377  1.00 83.10  ? 1114 ALA A CA  1 
ATOM   1183 C C   . ALA A 1 157 ? -10.708 0.912   -8.248  1.00 83.31  ? 1114 ALA A C   1 
ATOM   1184 O O   . ALA A 1 157 ? -10.982 1.380   -7.139  1.00 81.47  ? 1114 ALA A O   1 
ATOM   1185 C CB  . ALA A 1 157 ? -12.769 -0.190  -9.167  1.00 86.84  ? 1114 ALA A CB  1 
ATOM   1186 N N   . LEU A 1 158 ? -9.525  0.370   -8.543  1.00 79.52  ? 1115 LEU A N   1 
ATOM   1187 C CA  . LEU A 1 158 ? -8.353  0.482   -7.676  1.00 75.67  ? 1115 LEU A CA  1 
ATOM   1188 C C   . LEU A 1 158 ? -7.716  1.866   -7.802  1.00 78.96  ? 1115 LEU A C   1 
ATOM   1189 O O   . LEU A 1 158 ? -7.303  2.457   -6.799  1.00 79.99  ? 1115 LEU A O   1 
ATOM   1190 C CB  . LEU A 1 158 ? -7.328  -0.605  -8.026  1.00 73.52  ? 1115 LEU A CB  1 
ATOM   1191 C CG  . LEU A 1 158 ? -7.201  -1.881  -7.175  1.00 71.77  ? 1115 LEU A CG  1 
ATOM   1192 C CD1 . LEU A 1 158 ? -8.517  -2.627  -6.996  1.00 70.92  ? 1115 LEU A CD1 1 
ATOM   1193 C CD2 . LEU A 1 158 ? -6.152  -2.794  -7.785  1.00 69.04  ? 1115 LEU A CD2 1 
ATOM   1194 N N   . GLU A 1 159 ? -7.646  2.374   -9.036  1.00 79.66  ? 1116 GLU A N   1 
ATOM   1195 C CA  . GLU A 1 159 ? -7.136  3.723   -9.325  1.00 76.16  ? 1116 GLU A CA  1 
ATOM   1196 C C   . GLU A 1 159 ? -7.996  4.804   -8.671  1.00 76.29  ? 1116 GLU A C   1 
ATOM   1197 O O   . GLU A 1 159 ? -7.490  5.860   -8.284  1.00 73.73  ? 1116 GLU A O   1 
ATOM   1198 C CB  . GLU A 1 159 ? -7.045  3.958   -10.839 1.00 78.97  ? 1116 GLU A CB  1 
ATOM   1199 C CG  . GLU A 1 159 ? -6.096  3.005   -11.553 1.00 83.34  ? 1116 GLU A CG  1 
ATOM   1200 C CD  . GLU A 1 159 ? -5.803  3.403   -12.984 1.00 83.96  ? 1116 GLU A CD  1 
ATOM   1201 O OE1 . GLU A 1 159 ? -6.727  3.349   -13.827 1.00 81.30  ? 1116 GLU A OE1 1 
ATOM   1202 O OE2 . GLU A 1 159 ? -4.633  3.743   -13.267 1.00 82.77  ? 1116 GLU A OE2 1 
ATOM   1203 N N   . ALA A 1 160 ? -9.292  4.519   -8.551  1.00 74.07  ? 1117 ALA A N   1 
ATOM   1204 C CA  . ALA A 1 160 ? -10.236 5.369   -7.829  1.00 74.85  ? 1117 ALA A CA  1 
ATOM   1205 C C   . ALA A 1 160 ? -9.932  5.439   -6.330  1.00 77.03  ? 1117 ALA A C   1 
ATOM   1206 O O   . ALA A 1 160 ? -10.057 6.501   -5.727  1.00 75.69  ? 1117 ALA A O   1 
ATOM   1207 C CB  . ALA A 1 160 ? -11.662 4.896   -8.063  1.00 73.56  ? 1117 ALA A CB  1 
ATOM   1208 N N   . ALA A 1 161 ? -9.533  4.307   -5.743  1.00 77.34  ? 1118 ALA A N   1 
ATOM   1209 C CA  . ALA A 1 161 ? -9.187  4.231   -4.314  1.00 78.49  ? 1118 ALA A CA  1 
ATOM   1210 C C   . ALA A 1 161 ? -7.874  4.950   -3.992  1.00 79.53  ? 1118 ALA A C   1 
ATOM   1211 O O   . ALA A 1 161 ? -7.672  5.420   -2.867  1.00 76.72  ? 1118 ALA A O   1 
ATOM   1212 C CB  . ALA A 1 161 ? -9.125  2.780   -3.857  1.00 78.41  ? 1118 ALA A CB  1 
ATOM   1213 N N   . ALA A 1 162 ? -6.993  5.028   -4.989  1.00 79.57  ? 1119 ALA A N   1 
ATOM   1214 C CA  . ALA A 1 162 ? -5.698  5.700   -4.861  1.00 79.90  ? 1119 ALA A CA  1 
ATOM   1215 C C   . ALA A 1 162 ? -5.773  7.201   -5.174  1.00 84.32  ? 1119 ALA A C   1 
ATOM   1216 O O   . ALA A 1 162 ? -4.763  7.913   -5.092  1.00 84.09  ? 1119 ALA A O   1 
ATOM   1217 C CB  . ALA A 1 162 ? -4.669  5.017   -5.750  1.00 76.29  ? 1119 ALA A CB  1 
ATOM   1218 N N   . ASN A 1 163 ? -6.975  7.675   -5.509  1.00 88.68  ? 1120 ASN A N   1 
ATOM   1219 C CA  . ASN A 1 163 ? -7.181  9.039   -6.005  1.00 90.80  ? 1120 ASN A CA  1 
ATOM   1220 C C   . ASN A 1 163 ? -7.627  10.095  -4.965  1.00 96.47  ? 1120 ASN A C   1 
ATOM   1221 O O   . ASN A 1 163 ? -7.106  11.215  -4.997  1.00 92.51  ? 1120 ASN A O   1 
ATOM   1222 C CB  . ASN A 1 163 ? -8.127  9.037   -7.215  1.00 91.18  ? 1120 ASN A CB  1 
ATOM   1223 C CG  . ASN A 1 163 ? -8.010  10.299  -8.052  1.00 91.53  ? 1120 ASN A CG  1 
ATOM   1224 O OD1 . ASN A 1 163 ? -8.642  11.315  -7.761  1.00 91.32  ? 1120 ASN A OD1 1 
ATOM   1225 N ND2 . ASN A 1 163 ? -7.205  10.235  -9.107  1.00 89.37  ? 1120 ASN A ND2 1 
ATOM   1226 N N   . PRO A 1 164 ? -8.584  9.755   -4.049  1.00 103.96 ? 1121 PRO A N   1 
ATOM   1227 C CA  . PRO A 1 164 ? -9.183  10.816  -3.210  1.00 108.90 ? 1121 PRO A CA  1 
ATOM   1228 C C   . PRO A 1 164 ? -8.165  11.564  -2.342  1.00 110.58 ? 1121 PRO A C   1 
ATOM   1229 O O   . PRO A 1 164 ? -7.266  10.946  -1.761  1.00 113.97 ? 1121 PRO A O   1 
ATOM   1230 C CB  . PRO A 1 164 ? -10.182 10.052  -2.324  1.00 110.17 ? 1121 PRO A CB  1 
ATOM   1231 C CG  . PRO A 1 164 ? -9.671  8.652   -2.295  1.00 110.03 ? 1121 PRO A CG  1 
ATOM   1232 C CD  . PRO A 1 164 ? -9.095  8.424   -3.663  1.00 107.39 ? 1121 PRO A CD  1 
ATOM   1233 N N   . ALA A 1 165 ? -8.311  12.888  -2.281  1.00 107.05 ? 1122 ALA A N   1 
ATOM   1234 C CA  . ALA A 1 165 ? -7.416  13.745  -1.506  1.00 105.94 ? 1122 ALA A CA  1 
ATOM   1235 C C   . ALA A 1 165 ? -7.876  13.861  -0.052  1.00 106.49 ? 1122 ALA A C   1 
ATOM   1236 O O   . ALA A 1 165 ? -8.297  12.875  0.560   1.00 101.49 ? 1122 ALA A O   1 
ATOM   1237 C CB  . ALA A 1 165 ? -7.317  15.123  -2.148  1.00 101.24 ? 1122 ALA A CB  1 
HETATM 1238 N N1  . GSH B 2 .   ? 7.926   8.877   12.407  1.00 84.40  ? 1201 GSH A N1  1 
HETATM 1239 C CA1 . GSH B 2 .   ? 7.039   8.128   11.535  1.00 84.54  ? 1201 GSH A CA1 1 
HETATM 1240 C C1  . GSH B 2 .   ? 6.438   9.036   10.485  1.00 84.38  ? 1201 GSH A C1  1 
HETATM 1241 O O11 . GSH B 2 .   ? 7.003   10.134  10.256  1.00 79.15  ? 1201 GSH A O11 1 
HETATM 1242 O O12 . GSH B 2 .   ? 5.413   8.666   9.857   1.00 77.98  ? 1201 GSH A O12 1 
HETATM 1243 C CB1 . GSH B 2 .   ? 5.975   7.460   12.404  1.00 87.85  ? 1201 GSH A CB1 1 
HETATM 1244 C CG1 . GSH B 2 .   ? 6.379   6.030   12.758  1.00 90.57  ? 1201 GSH A CG1 1 
HETATM 1245 C CD1 . GSH B 2 .   ? 7.154   5.933   14.056  1.00 94.48  ? 1201 GSH A CD1 1 
HETATM 1246 O OE1 . GSH B 2 .   ? 6.706   6.414   15.089  1.00 94.24  ? 1201 GSH A OE1 1 
HETATM 1247 N N2  . GSH B 2 .   ? 8.307   5.252   14.002  1.00 101.20 ? 1201 GSH A N2  1 
HETATM 1248 C CA2 . GSH B 2 .   ? 9.654   5.825   14.093  1.00 103.36 ? 1201 GSH A CA2 1 
HETATM 1249 C C2  . GSH B 2 .   ? 9.824   6.830   15.223  1.00 106.95 ? 1201 GSH A C2  1 
HETATM 1250 O O2  . GSH B 2 .   ? 9.734   6.444   16.381  1.00 110.09 ? 1201 GSH A O2  1 
HETATM 1251 C CB2 . GSH B 2 .   ? 10.121  6.345   12.732  1.00 99.52  ? 1201 GSH A CB2 1 
HETATM 1252 S SG2 . GSH B 2 .   ? 11.656  5.581   12.159  1.00 97.78  ? 1201 GSH A SG2 1 
HETATM 1253 N N3  . GSH B 2 .   ? 10.053  8.115   14.926  1.00 107.50 ? 1201 GSH A N3  1 
HETATM 1254 C CA3 . GSH B 2 .   ? 11.333  8.769   15.162  1.00 104.08 ? 1201 GSH A CA3 1 
HETATM 1255 C C3  . GSH B 2 .   ? 11.651  9.791   14.090  1.00 103.22 ? 1201 GSH A C3  1 
HETATM 1256 O O31 . GSH B 2 .   ? 12.219  10.854  14.431  1.00 104.01 ? 1201 GSH A O31 1 
HETATM 1257 O O32 . GSH B 2 .   ? 11.338  9.541   12.900  1.00 101.95 ? 1201 GSH A O32 1 
HETATM 1258 N N1  . GSH C 2 .   ? -12.856 4.962   7.043   1.00 87.11  ? 1202 GSH A N1  1 
HETATM 1259 C CA1 . GSH C 2 .   ? -14.275 5.116   7.324   1.00 87.47  ? 1202 GSH A CA1 1 
HETATM 1260 C C1  . GSH C 2 .   ? -15.051 4.890   6.052   1.00 87.41  ? 1202 GSH A C1  1 
HETATM 1261 O O11 . GSH C 2 .   ? -14.417 4.745   4.979   1.00 86.08  ? 1202 GSH A O11 1 
HETATM 1262 O O12 . GSH C 2 .   ? -16.303 4.847   6.102   1.00 87.82  ? 1202 GSH A O12 1 
HETATM 1263 C CB1 . GSH C 2 .   ? -14.567 6.508   7.897   1.00 85.05  ? 1202 GSH A CB1 1 
HETATM 1264 C CG1 . GSH C 2 .   ? -13.978 6.738   9.295   1.00 81.82  ? 1202 GSH A CG1 1 
HETATM 1265 C CD1 . GSH C 2 .   ? -12.892 7.801   9.257   1.00 81.96  ? 1202 GSH A CD1 1 
HETATM 1266 O OE1 . GSH C 2 .   ? -12.950 8.722   8.457   1.00 86.62  ? 1202 GSH A OE1 1 
HETATM 1267 N N2  . GSH C 2 .   ? -11.895 7.688   10.145  1.00 78.07  ? 1202 GSH A N2  1 
HETATM 1268 C CA2 . GSH C 2 .   ? -10.481 7.473   9.815   1.00 77.68  ? 1202 GSH A CA2 1 
HETATM 1269 C C2  . GSH C 2 .   ? -9.711  8.709   9.411   1.00 78.99  ? 1202 GSH A C2  1 
HETATM 1270 O O2  . GSH C 2 .   ? -8.556  8.837   9.787   1.00 76.81  ? 1202 GSH A O2  1 
HETATM 1271 C CB2 . GSH C 2 .   ? -10.282 6.412   8.738   1.00 75.11  ? 1202 GSH A CB2 1 
HETATM 1272 S SG2 . GSH C 2 .   ? -10.714 4.747   9.280   1.00 69.55  ? 1202 GSH A SG2 1 
HETATM 1273 N N3  . GSH C 2 .   ? -10.318 9.619   8.639   1.00 82.04  ? 1202 GSH A N3  1 
HETATM 1274 C CA3 . GSH C 2 .   ? -10.081 9.734   7.203   1.00 84.50  ? 1202 GSH A CA3 1 
HETATM 1275 C C3  . GSH C 2 .   ? -8.694  10.227  6.849   1.00 84.67  ? 1202 GSH A C3  1 
HETATM 1276 O O31 . GSH C 2 .   ? -8.120  11.025  7.624   1.00 85.37  ? 1202 GSH A O31 1 
HETATM 1277 O O32 . GSH C 2 .   ? -8.174  9.822   5.784   1.00 81.25  ? 1202 GSH A O32 1 
HETATM 1278 O O   . HOH D 3 .   ? -16.355 -3.539  8.731   1.00 55.70  ? 1301 HOH A O   1 
HETATM 1279 O O   . HOH D 3 .   ? 6.540   -0.527  4.460   1.00 68.87  ? 1302 HOH A O   1 
HETATM 1280 O O   . HOH D 3 .   ? 4.577   15.148  3.452   1.00 64.97  ? 1303 HOH A O   1 
HETATM 1281 O O   . HOH D 3 .   ? -1.419  6.009   17.563  1.00 44.98  ? 1304 HOH A O   1 
HETATM 1282 O O   . HOH D 3 .   ? -18.878 0.465   2.400   1.00 58.59  ? 1305 HOH A O   1 
HETATM 1283 O O   . HOH D 3 .   ? 14.327  -6.322  2.908   1.00 55.21  ? 1306 HOH A O   1 
HETATM 1284 O O   . HOH D 3 .   ? 13.978  6.326   -12.904 1.00 75.01  ? 1307 HOH A O   1 
HETATM 1285 O O   . HOH D 3 .   ? -8.882  -6.118  15.864  0.33 178.63 ? 1308 HOH A O   1 
HETATM 1286 O O   . HOH D 3 .   ? 4.256   -11.129 -7.438  1.00 64.04  ? 1309 HOH A O   1 
HETATM 1287 O O   . HOH D 3 .   ? 7.573   -5.472  -5.292  1.00 68.96  ? 1310 HOH A O   1 
HETATM 1288 O O   . HOH D 3 .   ? -8.389  -11.013 0.395   1.00 67.91  ? 1311 HOH A O   1 
HETATM 1289 O O   . HOH D 3 .   ? -2.995  -16.314 -2.324  1.00 63.64  ? 1312 HOH A O   1 
HETATM 1290 O O   . HOH D 3 .   ? -18.842 2.328   -1.257  1.00 70.69  ? 1313 HOH A O   1 
HETATM 1291 O O   . HOH D 3 .   ? -3.614  9.607   -2.107  1.00 72.23  ? 1314 HOH A O   1 
HETATM 1292 O O   . HOH D 3 .   ? -24.963 -14.027 4.703   1.00 71.34  ? 1315 HOH A O   1 
HETATM 1293 O O   . HOH D 3 .   ? 11.809  14.738  3.795   1.00 66.89  ? 1316 HOH A O   1 
HETATM 1294 O O   . HOH D 3 .   ? -23.584 -10.338 7.174   1.00 58.37  ? 1317 HOH A O   1 
HETATM 1295 O O   . HOH D 3 .   ? -10.756 -9.659  13.341  1.00 60.66  ? 1318 HOH A O   1 
HETATM 1296 O O   . HOH D 3 .   ? -17.695 -0.786  9.508   1.00 68.80  ? 1319 HOH A O   1 
HETATM 1297 O O   . HOH D 3 .   ? -18.994 -1.869  9.372   1.00 75.30  ? 1320 HOH A O   1 
HETATM 1298 O O   . HOH D 3 .   ? 4.608   2.521   15.864  1.00 62.10  ? 1321 HOH A O   1 
HETATM 1299 O O   . HOH D 3 .   ? -6.901  -14.878 -5.768  1.00 59.13  ? 1322 HOH A O   1 
HETATM 1300 O O   . HOH D 3 .   ? -3.594  -2.867  16.551  0.33 124.77 ? 1323 HOH A O   1 
# 
